data_5VKX
# 
_entry.id   5VKX 
# 
_audit_conform.dict_name       mmcif_pdbx.dic 
_audit_conform.dict_version    5.387 
_audit_conform.dict_location   http://mmcif.pdb.org/dictionaries/ascii/mmcif_pdbx.dic 
# 
loop_
_database_2.database_id 
_database_2.database_code 
_database_2.pdbx_database_accession 
_database_2.pdbx_DOI 
PDB   5VKX         pdb_00005vkx 10.2210/pdb5vkx/pdb 
WWPDB D_1000227590 ?            ?                   
# 
loop_
_pdbx_audit_revision_history.ordinal 
_pdbx_audit_revision_history.data_content_type 
_pdbx_audit_revision_history.major_revision 
_pdbx_audit_revision_history.minor_revision 
_pdbx_audit_revision_history.revision_date 
1 'Structure model' 1 0 2018-04-18 
2 'Structure model' 1 1 2018-04-25 
3 'Structure model' 1 2 2018-05-09 
4 'Structure model' 1 3 2020-01-01 
5 'Structure model' 1 4 2024-03-13 
# 
_pdbx_audit_revision_details.ordinal             1 
_pdbx_audit_revision_details.revision_ordinal    1 
_pdbx_audit_revision_details.data_content_type   'Structure model' 
_pdbx_audit_revision_details.provider            repository 
_pdbx_audit_revision_details.type                'Initial release' 
_pdbx_audit_revision_details.description         ? 
_pdbx_audit_revision_details.details             ? 
# 
loop_
_pdbx_audit_revision_group.ordinal 
_pdbx_audit_revision_group.revision_ordinal 
_pdbx_audit_revision_group.data_content_type 
_pdbx_audit_revision_group.group 
1 2 'Structure model' 'Data collection'            
2 2 'Structure model' 'Database references'        
3 3 'Structure model' 'Data collection'            
4 3 'Structure model' 'Database references'        
5 4 'Structure model' 'Author supporting evidence' 
6 4 'Structure model' 'Derived calculations'       
7 5 'Structure model' 'Data collection'            
8 5 'Structure model' 'Database references'        
# 
loop_
_pdbx_audit_revision_category.ordinal 
_pdbx_audit_revision_category.revision_ordinal 
_pdbx_audit_revision_category.data_content_type 
_pdbx_audit_revision_category.category 
1 2 'Structure model' citation                     
2 3 'Structure model' citation                     
3 4 'Structure model' pdbx_audit_support           
4 4 'Structure model' pdbx_struct_special_symmetry 
5 5 'Structure model' chem_comp_atom               
6 5 'Structure model' chem_comp_bond               
7 5 'Structure model' database_2                   
# 
loop_
_pdbx_audit_revision_item.ordinal 
_pdbx_audit_revision_item.revision_ordinal 
_pdbx_audit_revision_item.data_content_type 
_pdbx_audit_revision_item.item 
1  2 'Structure model' '_citation.journal_abbrev'                 
2  2 'Structure model' '_citation.pdbx_database_id_DOI'           
3  2 'Structure model' '_citation.pdbx_database_id_PubMed'        
4  2 'Structure model' '_citation.title'                          
5  3 'Structure model' '_citation.journal_volume'                 
6  3 'Structure model' '_citation.page_first'                     
7  3 'Structure model' '_citation.page_last'                      
8  4 'Structure model' '_pdbx_audit_support.funding_organization' 
9  5 'Structure model' '_database_2.pdbx_DOI'                     
10 5 'Structure model' '_database_2.pdbx_database_accession'      
# 
_pdbx_database_status.status_code                     REL 
_pdbx_database_status.status_code_sf                  REL 
_pdbx_database_status.status_code_mr                  ? 
_pdbx_database_status.entry_id                        5VKX 
_pdbx_database_status.recvd_initial_deposition_date   2017-04-24 
_pdbx_database_status.SG_entry                        N 
_pdbx_database_status.deposit_site                    RCSB 
_pdbx_database_status.process_site                    RCSB 
_pdbx_database_status.status_code_cs                  ? 
_pdbx_database_status.methods_development_category    ? 
_pdbx_database_status.pdb_format_compatible           Y 
_pdbx_database_status.status_code_nmr_data            ? 
# 
loop_
_pdbx_database_related.db_name 
_pdbx_database_related.details 
_pdbx_database_related.db_id 
_pdbx_database_related.content_type 
PDB . 5VL5 unspecified 
PDB . 5VL8 unspecified 
# 
loop_
_audit_author.name 
_audit_author.pdbx_ordinal 
_audit_author.identifier_ORCID 
'Mann, S.I.'   1 ? 
'Heinisch, T.' 2 ? 
# 
_citation.abstract                  ? 
_citation.abstract_id_CAS           ? 
_citation.book_id_ISBN              ? 
_citation.book_publisher            ? 
_citation.book_publisher_city       ? 
_citation.book_title                ? 
_citation.coordinate_linkage        ? 
_citation.country                   UK 
_citation.database_id_Medline       ? 
_citation.details                   ? 
_citation.id                        primary 
_citation.journal_abbrev            'Chem. Commun. (Camb.)' 
_citation.journal_id_ASTM           ? 
_citation.journal_id_CSD            ? 
_citation.journal_id_ISSN           1364-548X 
_citation.journal_full              ? 
_citation.journal_issue             ? 
_citation.journal_volume            54 
_citation.language                  ? 
_citation.page_first                4413 
_citation.page_last                 4416 
_citation.title                     
'Coordination chemistry within a protein host: regulation of the secondary coordination sphere.' 
_citation.year                      2018 
_citation.database_id_CSD           ? 
_citation.pdbx_database_id_DOI      10.1039/c8cc01931b 
_citation.pdbx_database_id_PubMed   29645031 
_citation.unpublished_flag          ? 
# 
loop_
_citation_author.citation_id 
_citation_author.name 
_citation_author.ordinal 
_citation_author.identifier_ORCID 
primary 'Mann, S.I.'    1 ? 
primary 'Heinisch, T.'  2 ? 
primary 'Ward, T.R.'    3 ? 
primary 'Borovik, A.S.' 4 ? 
# 
loop_
_entity.id 
_entity.type 
_entity.src_method 
_entity.pdbx_description 
_entity.formula_weight 
_entity.pdbx_number_of_molecules 
_entity.pdbx_ec 
_entity.pdbx_mutation 
_entity.pdbx_fragment 
_entity.details 
1 polymer     man Streptavidin 16570.018 1   ? ? ? ? 
2 non-polymer syn 
;[N-(3-{bis[2-(pyridin-2-yl-kappaN)ethyl]amino-kappaN}ethyl)-5-(2-oxohexahydro-1H-thieno[3,4-d]imidazol-4-yl)pentanamide](azido)copper
;
603.242   1   ? ? ? ? 
3 non-polymer syn 'COPPER (II) ION' 63.546    1   ? ? ? ? 
4 non-polymer syn GLYCEROL 92.094    1   ? ? ? ? 
5 water       nat water 18.015    123 ? ? ? ? 
# 
_entity_poly.entity_id                      1 
_entity_poly.type                           'polypeptide(L)' 
_entity_poly.nstd_linkage                   no 
_entity_poly.nstd_monomer                   no 
_entity_poly.pdbx_seq_one_letter_code       
;MASMTGGQQMGRDEAGITGTWYNQLGSTFIVTAGADGALTGTYESAVGNAESRYVLTGRYDSAPATDGSGTALGWTVAWK
NNYRNAHSATTWSGQYVGGAEARINTQWLLTSGTTEANAWKSTLVGHDTFTKVKPSAASIDAAKKAGVNNGNPLDAVQQ
;
_entity_poly.pdbx_seq_one_letter_code_can   
;MASMTGGQQMGRDEAGITGTWYNQLGSTFIVTAGADGALTGTYESAVGNAESRYVLTGRYDSAPATDGSGTALGWTVAWK
NNYRNAHSATTWSGQYVGGAEARINTQWLLTSGTTEANAWKSTLVGHDTFTKVKPSAASIDAAKKAGVNNGNPLDAVQQ
;
_entity_poly.pdbx_strand_id                 A 
_entity_poly.pdbx_target_identifier         ? 
# 
loop_
_pdbx_entity_nonpoly.entity_id 
_pdbx_entity_nonpoly.name 
_pdbx_entity_nonpoly.comp_id 
2 
;[N-(3-{bis[2-(pyridin-2-yl-kappaN)ethyl]amino-kappaN}ethyl)-5-(2-oxohexahydro-1H-thieno[3,4-d]imidazol-4-yl)pentanamide](azido)copper
;
S18 
3 'COPPER (II) ION' CU  
4 GLYCEROL GOL 
5 water HOH 
# 
loop_
_entity_poly_seq.entity_id 
_entity_poly_seq.num 
_entity_poly_seq.mon_id 
_entity_poly_seq.hetero 
1 1   MET n 
1 2   ALA n 
1 3   SER n 
1 4   MET n 
1 5   THR n 
1 6   GLY n 
1 7   GLY n 
1 8   GLN n 
1 9   GLN n 
1 10  MET n 
1 11  GLY n 
1 12  ARG n 
1 13  ASP n 
1 14  GLU n 
1 15  ALA n 
1 16  GLY n 
1 17  ILE n 
1 18  THR n 
1 19  GLY n 
1 20  THR n 
1 21  TRP n 
1 22  TYR n 
1 23  ASN n 
1 24  GLN n 
1 25  LEU n 
1 26  GLY n 
1 27  SER n 
1 28  THR n 
1 29  PHE n 
1 30  ILE n 
1 31  VAL n 
1 32  THR n 
1 33  ALA n 
1 34  GLY n 
1 35  ALA n 
1 36  ASP n 
1 37  GLY n 
1 38  ALA n 
1 39  LEU n 
1 40  THR n 
1 41  GLY n 
1 42  THR n 
1 43  TYR n 
1 44  GLU n 
1 45  SER n 
1 46  ALA n 
1 47  VAL n 
1 48  GLY n 
1 49  ASN n 
1 50  ALA n 
1 51  GLU n 
1 52  SER n 
1 53  ARG n 
1 54  TYR n 
1 55  VAL n 
1 56  LEU n 
1 57  THR n 
1 58  GLY n 
1 59  ARG n 
1 60  TYR n 
1 61  ASP n 
1 62  SER n 
1 63  ALA n 
1 64  PRO n 
1 65  ALA n 
1 66  THR n 
1 67  ASP n 
1 68  GLY n 
1 69  SER n 
1 70  GLY n 
1 71  THR n 
1 72  ALA n 
1 73  LEU n 
1 74  GLY n 
1 75  TRP n 
1 76  THR n 
1 77  VAL n 
1 78  ALA n 
1 79  TRP n 
1 80  LYS n 
1 81  ASN n 
1 82  ASN n 
1 83  TYR n 
1 84  ARG n 
1 85  ASN n 
1 86  ALA n 
1 87  HIS n 
1 88  SER n 
1 89  ALA n 
1 90  THR n 
1 91  THR n 
1 92  TRP n 
1 93  SER n 
1 94  GLY n 
1 95  GLN n 
1 96  TYR n 
1 97  VAL n 
1 98  GLY n 
1 99  GLY n 
1 100 ALA n 
1 101 GLU n 
1 102 ALA n 
1 103 ARG n 
1 104 ILE n 
1 105 ASN n 
1 106 THR n 
1 107 GLN n 
1 108 TRP n 
1 109 LEU n 
1 110 LEU n 
1 111 THR n 
1 112 SER n 
1 113 GLY n 
1 114 THR n 
1 115 THR n 
1 116 GLU n 
1 117 ALA n 
1 118 ASN n 
1 119 ALA n 
1 120 TRP n 
1 121 LYS n 
1 122 SER n 
1 123 THR n 
1 124 LEU n 
1 125 VAL n 
1 126 GLY n 
1 127 HIS n 
1 128 ASP n 
1 129 THR n 
1 130 PHE n 
1 131 THR n 
1 132 LYS n 
1 133 VAL n 
1 134 LYS n 
1 135 PRO n 
1 136 SER n 
1 137 ALA n 
1 138 ALA n 
1 139 SER n 
1 140 ILE n 
1 141 ASP n 
1 142 ALA n 
1 143 ALA n 
1 144 LYS n 
1 145 LYS n 
1 146 ALA n 
1 147 GLY n 
1 148 VAL n 
1 149 ASN n 
1 150 ASN n 
1 151 GLY n 
1 152 ASN n 
1 153 PRO n 
1 154 LEU n 
1 155 ASP n 
1 156 ALA n 
1 157 VAL n 
1 158 GLN n 
1 159 GLN n 
# 
_entity_src_gen.entity_id                          1 
_entity_src_gen.pdbx_src_id                        1 
_entity_src_gen.pdbx_alt_source_flag               sample 
_entity_src_gen.pdbx_seq_type                      'Biological sequence' 
_entity_src_gen.pdbx_beg_seq_num                   1 
_entity_src_gen.pdbx_end_seq_num                   159 
_entity_src_gen.gene_src_common_name               ? 
_entity_src_gen.gene_src_genus                     ? 
_entity_src_gen.pdbx_gene_src_gene                 ? 
_entity_src_gen.gene_src_species                   ? 
_entity_src_gen.gene_src_strain                    ? 
_entity_src_gen.gene_src_tissue                    ? 
_entity_src_gen.gene_src_tissue_fraction           ? 
_entity_src_gen.gene_src_details                   ? 
_entity_src_gen.pdbx_gene_src_fragment             ? 
_entity_src_gen.pdbx_gene_src_scientific_name      'Streptomyces avidinii' 
_entity_src_gen.pdbx_gene_src_ncbi_taxonomy_id     1895 
_entity_src_gen.pdbx_gene_src_variant              ? 
_entity_src_gen.pdbx_gene_src_cell_line            ? 
_entity_src_gen.pdbx_gene_src_atcc                 ? 
_entity_src_gen.pdbx_gene_src_organ                ? 
_entity_src_gen.pdbx_gene_src_organelle            ? 
_entity_src_gen.pdbx_gene_src_cell                 ? 
_entity_src_gen.pdbx_gene_src_cellular_location    ? 
_entity_src_gen.host_org_common_name               ? 
_entity_src_gen.pdbx_host_org_scientific_name      'Escherichia coli' 
_entity_src_gen.pdbx_host_org_ncbi_taxonomy_id     562 
_entity_src_gen.host_org_genus                     ? 
_entity_src_gen.pdbx_host_org_gene                 ? 
_entity_src_gen.pdbx_host_org_organ                ? 
_entity_src_gen.host_org_species                   ? 
_entity_src_gen.pdbx_host_org_tissue               ? 
_entity_src_gen.pdbx_host_org_tissue_fraction      ? 
_entity_src_gen.pdbx_host_org_strain               ? 
_entity_src_gen.pdbx_host_org_variant              ? 
_entity_src_gen.pdbx_host_org_cell_line            ? 
_entity_src_gen.pdbx_host_org_atcc                 ? 
_entity_src_gen.pdbx_host_org_culture_collection   ? 
_entity_src_gen.pdbx_host_org_cell                 ? 
_entity_src_gen.pdbx_host_org_organelle            ? 
_entity_src_gen.pdbx_host_org_cellular_location    ? 
_entity_src_gen.pdbx_host_org_vector_type          ? 
_entity_src_gen.pdbx_host_org_vector               ? 
_entity_src_gen.host_org_details                   ? 
_entity_src_gen.expression_system_id               ? 
_entity_src_gen.plasmid_name                       ? 
_entity_src_gen.plasmid_details                    ? 
_entity_src_gen.pdbx_description                   ? 
# 
loop_
_chem_comp.id 
_chem_comp.type 
_chem_comp.mon_nstd_flag 
_chem_comp.name 
_chem_comp.pdbx_synonyms 
_chem_comp.formula 
_chem_comp.formula_weight 
ALA 'L-peptide linking' y ALANINE ?                               'C3 H7 N O2'         89.093  
ARG 'L-peptide linking' y ARGININE ?                               'C6 H15 N4 O2 1'     175.209 
ASN 'L-peptide linking' y ASPARAGINE ?                               'C4 H8 N2 O3'        132.118 
ASP 'L-peptide linking' y 'ASPARTIC ACID' ?                               'C4 H7 N O4'         133.103 
CU  non-polymer         . 'COPPER (II) ION' ?                               'Cu 2'               63.546  
GLN 'L-peptide linking' y GLUTAMINE ?                               'C5 H10 N2 O3'       146.144 
GLU 'L-peptide linking' y 'GLUTAMIC ACID' ?                               'C5 H9 N O4'         147.129 
GLY 'peptide linking'   y GLYCINE ?                               'C2 H5 N O2'         75.067  
GOL non-polymer         . GLYCEROL 'GLYCERIN; PROPANE-1,2,3-TRIOL' 'C3 H8 O3'           92.094  
HIS 'L-peptide linking' y HISTIDINE ?                               'C6 H10 N3 O2 1'     156.162 
HOH non-polymer         . WATER ?                               'H2 O'               18.015  
ILE 'L-peptide linking' y ISOLEUCINE ?                               'C6 H13 N O2'        131.173 
LEU 'L-peptide linking' y LEUCINE ?                               'C6 H13 N O2'        131.173 
LYS 'L-peptide linking' y LYSINE ?                               'C6 H15 N2 O2 1'     147.195 
MET 'L-peptide linking' y METHIONINE ?                               'C5 H11 N O2 S'      149.211 
PHE 'L-peptide linking' y PHENYLALANINE ?                               'C9 H11 N O2'        165.189 
PRO 'L-peptide linking' y PROLINE ?                               'C5 H9 N O2'         115.130 
S18 non-polymer         . 
;[N-(3-{bis[2-(pyridin-2-yl-kappaN)ethyl]amino-kappaN}ethyl)-5-(2-oxohexahydro-1H-thieno[3,4-d]imidazol-4-yl)pentanamide](azido)copper
;
?                               'C26 H37 Cu N9 O2 S' 603.242 
SER 'L-peptide linking' y SERINE ?                               'C3 H7 N O3'         105.093 
THR 'L-peptide linking' y THREONINE ?                               'C4 H9 N O3'         119.119 
TRP 'L-peptide linking' y TRYPTOPHAN ?                               'C11 H12 N2 O2'      204.225 
TYR 'L-peptide linking' y TYROSINE ?                               'C9 H11 N O3'        181.189 
VAL 'L-peptide linking' y VALINE ?                               'C5 H11 N O2'        117.146 
# 
loop_
_pdbx_poly_seq_scheme.asym_id 
_pdbx_poly_seq_scheme.entity_id 
_pdbx_poly_seq_scheme.seq_id 
_pdbx_poly_seq_scheme.mon_id 
_pdbx_poly_seq_scheme.ndb_seq_num 
_pdbx_poly_seq_scheme.pdb_seq_num 
_pdbx_poly_seq_scheme.auth_seq_num 
_pdbx_poly_seq_scheme.pdb_mon_id 
_pdbx_poly_seq_scheme.auth_mon_id 
_pdbx_poly_seq_scheme.pdb_strand_id 
_pdbx_poly_seq_scheme.pdb_ins_code 
_pdbx_poly_seq_scheme.hetero 
A 1 1   MET 1   1   ?   ?   ?   A . n 
A 1 2   ALA 2   2   ?   ?   ?   A . n 
A 1 3   SER 3   3   ?   ?   ?   A . n 
A 1 4   MET 4   4   ?   ?   ?   A . n 
A 1 5   THR 5   5   ?   ?   ?   A . n 
A 1 6   GLY 6   6   ?   ?   ?   A . n 
A 1 7   GLY 7   7   ?   ?   ?   A . n 
A 1 8   GLN 8   8   ?   ?   ?   A . n 
A 1 9   GLN 9   9   ?   ?   ?   A . n 
A 1 10  MET 10  10  ?   ?   ?   A . n 
A 1 11  GLY 11  11  ?   ?   ?   A . n 
A 1 12  ARG 12  12  12  ARG ARG A . n 
A 1 13  ASP 13  13  13  ASP ASP A . n 
A 1 14  GLU 14  14  14  GLU GLU A . n 
A 1 15  ALA 15  15  15  ALA ALA A . n 
A 1 16  GLY 16  16  16  GLY GLY A . n 
A 1 17  ILE 17  17  17  ILE ILE A . n 
A 1 18  THR 18  18  18  THR THR A . n 
A 1 19  GLY 19  19  19  GLY GLY A . n 
A 1 20  THR 20  20  20  THR THR A . n 
A 1 21  TRP 21  21  21  TRP TRP A . n 
A 1 22  TYR 22  22  22  TYR TYR A . n 
A 1 23  ASN 23  23  23  ASN ASN A . n 
A 1 24  GLN 24  24  24  GLN GLN A . n 
A 1 25  LEU 25  25  25  LEU LEU A . n 
A 1 26  GLY 26  26  26  GLY GLY A . n 
A 1 27  SER 27  27  27  SER SER A . n 
A 1 28  THR 28  28  28  THR THR A . n 
A 1 29  PHE 29  29  29  PHE PHE A . n 
A 1 30  ILE 30  30  30  ILE ILE A . n 
A 1 31  VAL 31  31  31  VAL VAL A . n 
A 1 32  THR 32  32  32  THR THR A . n 
A 1 33  ALA 33  33  33  ALA ALA A . n 
A 1 34  GLY 34  34  34  GLY GLY A . n 
A 1 35  ALA 35  35  35  ALA ALA A . n 
A 1 36  ASP 36  36  36  ASP ASP A . n 
A 1 37  GLY 37  37  37  GLY GLY A . n 
A 1 38  ALA 38  38  38  ALA ALA A . n 
A 1 39  LEU 39  39  39  LEU LEU A . n 
A 1 40  THR 40  40  40  THR THR A . n 
A 1 41  GLY 41  41  41  GLY GLY A . n 
A 1 42  THR 42  42  42  THR THR A . n 
A 1 43  TYR 43  43  43  TYR TYR A . n 
A 1 44  GLU 44  44  44  GLU GLU A . n 
A 1 45  SER 45  45  45  SER SER A . n 
A 1 46  ALA 46  46  46  ALA ALA A . n 
A 1 47  VAL 47  47  47  VAL VAL A . n 
A 1 48  GLY 48  48  48  GLY GLY A . n 
A 1 49  ASN 49  49  49  ASN ASN A . n 
A 1 50  ALA 50  50  50  ALA ALA A . n 
A 1 51  GLU 51  51  51  GLU GLU A . n 
A 1 52  SER 52  52  52  SER SER A . n 
A 1 53  ARG 53  53  53  ARG ARG A . n 
A 1 54  TYR 54  54  54  TYR TYR A . n 
A 1 55  VAL 55  55  55  VAL VAL A . n 
A 1 56  LEU 56  56  56  LEU LEU A . n 
A 1 57  THR 57  57  57  THR THR A . n 
A 1 58  GLY 58  58  58  GLY GLY A . n 
A 1 59  ARG 59  59  59  ARG ARG A . n 
A 1 60  TYR 60  60  60  TYR TYR A . n 
A 1 61  ASP 61  61  61  ASP ASP A . n 
A 1 62  SER 62  62  62  SER SER A . n 
A 1 63  ALA 63  63  63  ALA ALA A . n 
A 1 64  PRO 64  64  64  PRO PRO A . n 
A 1 65  ALA 65  65  65  ALA ALA A . n 
A 1 66  THR 66  66  66  THR THR A . n 
A 1 67  ASP 67  67  67  ASP ASP A . n 
A 1 68  GLY 68  68  68  GLY GLY A . n 
A 1 69  SER 69  69  69  SER SER A . n 
A 1 70  GLY 70  70  70  GLY GLY A . n 
A 1 71  THR 71  71  71  THR THR A . n 
A 1 72  ALA 72  72  72  ALA ALA A . n 
A 1 73  LEU 73  73  73  LEU LEU A . n 
A 1 74  GLY 74  74  74  GLY GLY A . n 
A 1 75  TRP 75  75  75  TRP TRP A . n 
A 1 76  THR 76  76  76  THR THR A . n 
A 1 77  VAL 77  77  77  VAL VAL A . n 
A 1 78  ALA 78  78  78  ALA ALA A . n 
A 1 79  TRP 79  79  79  TRP TRP A . n 
A 1 80  LYS 80  80  80  LYS LYS A . n 
A 1 81  ASN 81  81  81  ASN ASN A . n 
A 1 82  ASN 82  82  82  ASN ASN A . n 
A 1 83  TYR 83  83  83  TYR TYR A . n 
A 1 84  ARG 84  84  84  ARG ARG A . n 
A 1 85  ASN 85  85  85  ASN ASN A . n 
A 1 86  ALA 86  86  86  ALA ALA A . n 
A 1 87  HIS 87  87  87  HIS HIS A . n 
A 1 88  SER 88  88  88  SER SER A . n 
A 1 89  ALA 89  89  89  ALA ALA A . n 
A 1 90  THR 90  90  90  THR THR A . n 
A 1 91  THR 91  91  91  THR THR A . n 
A 1 92  TRP 92  92  92  TRP TRP A . n 
A 1 93  SER 93  93  93  SER SER A . n 
A 1 94  GLY 94  94  94  GLY GLY A . n 
A 1 95  GLN 95  95  95  GLN GLN A . n 
A 1 96  TYR 96  96  96  TYR TYR A . n 
A 1 97  VAL 97  97  97  VAL VAL A . n 
A 1 98  GLY 98  98  98  GLY GLY A . n 
A 1 99  GLY 99  99  99  GLY GLY A . n 
A 1 100 ALA 100 100 100 ALA ALA A . n 
A 1 101 GLU 101 101 101 GLU GLU A . n 
A 1 102 ALA 102 102 102 ALA ALA A . n 
A 1 103 ARG 103 103 103 ARG ARG A . n 
A 1 104 ILE 104 104 104 ILE ILE A . n 
A 1 105 ASN 105 105 105 ASN ASN A . n 
A 1 106 THR 106 106 106 THR THR A . n 
A 1 107 GLN 107 107 107 GLN GLN A . n 
A 1 108 TRP 108 108 108 TRP TRP A . n 
A 1 109 LEU 109 109 109 LEU LEU A . n 
A 1 110 LEU 110 110 110 LEU LEU A . n 
A 1 111 THR 111 111 111 THR THR A . n 
A 1 112 SER 112 112 112 SER SER A . n 
A 1 113 GLY 113 113 113 GLY GLY A . n 
A 1 114 THR 114 114 114 THR THR A . n 
A 1 115 THR 115 115 115 THR THR A . n 
A 1 116 GLU 116 116 116 GLU GLU A . n 
A 1 117 ALA 117 117 117 ALA ALA A . n 
A 1 118 ASN 118 118 118 ASN ASN A . n 
A 1 119 ALA 119 119 119 ALA ALA A . n 
A 1 120 TRP 120 120 120 TRP TRP A . n 
A 1 121 LYS 121 121 121 LYS LYS A . n 
A 1 122 SER 122 122 122 SER SER A . n 
A 1 123 THR 123 123 123 THR THR A . n 
A 1 124 LEU 124 124 124 LEU LEU A . n 
A 1 125 VAL 125 125 125 VAL VAL A . n 
A 1 126 GLY 126 126 126 GLY GLY A . n 
A 1 127 HIS 127 127 127 HIS HIS A . n 
A 1 128 ASP 128 128 128 ASP ASP A . n 
A 1 129 THR 129 129 129 THR THR A . n 
A 1 130 PHE 130 130 130 PHE PHE A . n 
A 1 131 THR 131 131 131 THR THR A . n 
A 1 132 LYS 132 132 132 LYS LYS A . n 
A 1 133 VAL 133 133 133 VAL VAL A . n 
A 1 134 LYS 134 134 134 LYS LYS A . n 
A 1 135 PRO 135 135 ?   ?   ?   A . n 
A 1 136 SER 136 136 ?   ?   ?   A . n 
A 1 137 ALA 137 137 ?   ?   ?   A . n 
A 1 138 ALA 138 138 ?   ?   ?   A . n 
A 1 139 SER 139 139 ?   ?   ?   A . n 
A 1 140 ILE 140 140 ?   ?   ?   A . n 
A 1 141 ASP 141 141 ?   ?   ?   A . n 
A 1 142 ALA 142 142 ?   ?   ?   A . n 
A 1 143 ALA 143 143 ?   ?   ?   A . n 
A 1 144 LYS 144 144 ?   ?   ?   A . n 
A 1 145 LYS 145 145 ?   ?   ?   A . n 
A 1 146 ALA 146 146 ?   ?   ?   A . n 
A 1 147 GLY 147 147 ?   ?   ?   A . n 
A 1 148 VAL 148 148 ?   ?   ?   A . n 
A 1 149 ASN 149 149 ?   ?   ?   A . n 
A 1 150 ASN 150 150 ?   ?   ?   A . n 
A 1 151 GLY 151 151 ?   ?   ?   A . n 
A 1 152 ASN 152 152 ?   ?   ?   A . n 
A 1 153 PRO 153 153 ?   ?   ?   A . n 
A 1 154 LEU 154 154 ?   ?   ?   A . n 
A 1 155 ASP 155 155 ?   ?   ?   A . n 
A 1 156 ALA 156 156 ?   ?   ?   A . n 
A 1 157 VAL 157 157 ?   ?   ?   A . n 
A 1 158 GLN 158 158 ?   ?   ?   A . n 
A 1 159 GLN 159 159 ?   ?   ?   A . n 
# 
loop_
_pdbx_nonpoly_scheme.asym_id 
_pdbx_nonpoly_scheme.entity_id 
_pdbx_nonpoly_scheme.mon_id 
_pdbx_nonpoly_scheme.ndb_seq_num 
_pdbx_nonpoly_scheme.pdb_seq_num 
_pdbx_nonpoly_scheme.auth_seq_num 
_pdbx_nonpoly_scheme.pdb_mon_id 
_pdbx_nonpoly_scheme.auth_mon_id 
_pdbx_nonpoly_scheme.pdb_strand_id 
_pdbx_nonpoly_scheme.pdb_ins_code 
B 2 S18 1   201 1   S18 S18 A . 
C 3 CU  1   202 2   CU  CU  A . 
D 4 GOL 1   203 1   GOL GOL A . 
E 5 HOH 1   301 171 HOH HOH A . 
E 5 HOH 2   302 92  HOH HOH A . 
E 5 HOH 3   303 177 HOH HOH A . 
E 5 HOH 4   304 178 HOH HOH A . 
E 5 HOH 5   305 170 HOH HOH A . 
E 5 HOH 6   306 97  HOH HOH A . 
E 5 HOH 7   307 169 HOH HOH A . 
E 5 HOH 8   308 40  HOH HOH A . 
E 5 HOH 9   309 128 HOH HOH A . 
E 5 HOH 10  310 26  HOH HOH A . 
E 5 HOH 11  311 19  HOH HOH A . 
E 5 HOH 12  312 108 HOH HOH A . 
E 5 HOH 13  313 1   HOH HOH A . 
E 5 HOH 14  314 52  HOH HOH A . 
E 5 HOH 15  315 2   HOH HOH A . 
E 5 HOH 16  316 64  HOH HOH A . 
E 5 HOH 17  317 8   HOH HOH A . 
E 5 HOH 18  318 15  HOH HOH A . 
E 5 HOH 19  319 67  HOH HOH A . 
E 5 HOH 20  320 13  HOH HOH A . 
E 5 HOH 21  321 4   HOH HOH A . 
E 5 HOH 22  322 16  HOH HOH A . 
E 5 HOH 23  323 166 HOH HOH A . 
E 5 HOH 24  324 51  HOH HOH A . 
E 5 HOH 25  325 30  HOH HOH A . 
E 5 HOH 26  326 168 HOH HOH A . 
E 5 HOH 27  327 49  HOH HOH A . 
E 5 HOH 28  328 10  HOH HOH A . 
E 5 HOH 29  329 12  HOH HOH A . 
E 5 HOH 30  330 60  HOH HOH A . 
E 5 HOH 31  331 174 HOH HOH A . 
E 5 HOH 32  332 113 HOH HOH A . 
E 5 HOH 33  333 20  HOH HOH A . 
E 5 HOH 34  334 22  HOH HOH A . 
E 5 HOH 35  335 66  HOH HOH A . 
E 5 HOH 36  336 134 HOH HOH A . 
E 5 HOH 37  337 45  HOH HOH A . 
E 5 HOH 38  338 17  HOH HOH A . 
E 5 HOH 39  339 88  HOH HOH A . 
E 5 HOH 40  340 28  HOH HOH A . 
E 5 HOH 41  341 58  HOH HOH A . 
E 5 HOH 42  342 112 HOH HOH A . 
E 5 HOH 43  343 41  HOH HOH A . 
E 5 HOH 44  344 5   HOH HOH A . 
E 5 HOH 45  345 77  HOH HOH A . 
E 5 HOH 46  346 35  HOH HOH A . 
E 5 HOH 47  347 34  HOH HOH A . 
E 5 HOH 48  348 11  HOH HOH A . 
E 5 HOH 49  349 36  HOH HOH A . 
E 5 HOH 50  350 165 HOH HOH A . 
E 5 HOH 51  351 69  HOH HOH A . 
E 5 HOH 52  352 24  HOH HOH A . 
E 5 HOH 53  353 105 HOH HOH A . 
E 5 HOH 54  354 75  HOH HOH A . 
E 5 HOH 55  355 54  HOH HOH A . 
E 5 HOH 56  356 44  HOH HOH A . 
E 5 HOH 57  357 25  HOH HOH A . 
E 5 HOH 58  358 147 HOH HOH A . 
E 5 HOH 59  359 9   HOH HOH A . 
E 5 HOH 60  360 3   HOH HOH A . 
E 5 HOH 61  361 87  HOH HOH A . 
E 5 HOH 62  362 39  HOH HOH A . 
E 5 HOH 63  363 53  HOH HOH A . 
E 5 HOH 64  364 14  HOH HOH A . 
E 5 HOH 65  365 50  HOH HOH A . 
E 5 HOH 66  366 29  HOH HOH A . 
E 5 HOH 67  367 6   HOH HOH A . 
E 5 HOH 68  368 18  HOH HOH A . 
E 5 HOH 69  369 172 HOH HOH A . 
E 5 HOH 70  370 117 HOH HOH A . 
E 5 HOH 71  371 76  HOH HOH A . 
E 5 HOH 72  372 27  HOH HOH A . 
E 5 HOH 73  373 106 HOH HOH A . 
E 5 HOH 74  374 31  HOH HOH A . 
E 5 HOH 75  375 38  HOH HOH A . 
E 5 HOH 76  376 80  HOH HOH A . 
E 5 HOH 77  377 57  HOH HOH A . 
E 5 HOH 78  378 98  HOH HOH A . 
E 5 HOH 79  379 46  HOH HOH A . 
E 5 HOH 80  380 99  HOH HOH A . 
E 5 HOH 81  381 43  HOH HOH A . 
E 5 HOH 82  382 7   HOH HOH A . 
E 5 HOH 83  383 48  HOH HOH A . 
E 5 HOH 84  384 32  HOH HOH A . 
E 5 HOH 85  385 47  HOH HOH A . 
E 5 HOH 86  386 91  HOH HOH A . 
E 5 HOH 87  387 167 HOH HOH A . 
E 5 HOH 88  388 23  HOH HOH A . 
E 5 HOH 89  389 68  HOH HOH A . 
E 5 HOH 90  390 63  HOH HOH A . 
E 5 HOH 91  391 103 HOH HOH A . 
E 5 HOH 92  392 89  HOH HOH A . 
E 5 HOH 93  393 33  HOH HOH A . 
E 5 HOH 94  394 21  HOH HOH A . 
E 5 HOH 95  395 62  HOH HOH A . 
E 5 HOH 96  396 176 HOH HOH A . 
E 5 HOH 97  397 124 HOH HOH A . 
E 5 HOH 98  398 119 HOH HOH A . 
E 5 HOH 99  399 59  HOH HOH A . 
E 5 HOH 100 400 107 HOH HOH A . 
E 5 HOH 101 401 82  HOH HOH A . 
E 5 HOH 102 402 153 HOH HOH A . 
E 5 HOH 103 403 150 HOH HOH A . 
E 5 HOH 104 404 56  HOH HOH A . 
E 5 HOH 105 405 161 HOH HOH A . 
E 5 HOH 106 406 145 HOH HOH A . 
E 5 HOH 107 407 96  HOH HOH A . 
E 5 HOH 108 408 83  HOH HOH A . 
E 5 HOH 109 409 100 HOH HOH A . 
E 5 HOH 110 410 146 HOH HOH A . 
E 5 HOH 111 411 137 HOH HOH A . 
E 5 HOH 112 412 152 HOH HOH A . 
E 5 HOH 113 413 129 HOH HOH A . 
E 5 HOH 114 414 136 HOH HOH A . 
E 5 HOH 115 415 85  HOH HOH A . 
E 5 HOH 116 416 104 HOH HOH A . 
E 5 HOH 117 417 86  HOH HOH A . 
E 5 HOH 118 418 55  HOH HOH A . 
E 5 HOH 119 419 151 HOH HOH A . 
E 5 HOH 120 420 175 HOH HOH A . 
E 5 HOH 121 421 173 HOH HOH A . 
E 5 HOH 122 422 71  HOH HOH A . 
E 5 HOH 123 423 109 HOH HOH A . 
# 
loop_
_software.citation_id 
_software.classification 
_software.compiler_name 
_software.compiler_version 
_software.contact_author 
_software.contact_author_email 
_software.date 
_software.description 
_software.dependencies 
_software.hardware 
_software.language 
_software.location 
_software.mods 
_software.name 
_software.os 
_software.os_version 
_software.type 
_software.version 
_software.pdbx_ordinal 
? refinement       ? ? ? ? ? ? ? ? ? ? ? REFMAC  ? ? ? 5.8.0135 1 
? 'data reduction' ? ? ? ? ? ? ? ? ? ? ? XDS     ? ? ? .        2 
? 'data scaling'   ? ? ? ? ? ? ? ? ? ? ? Aimless ? ? ? .        3 
? phasing          ? ? ? ? ? ? ? ? ? ? ? PHASER  ? ? ? .        4 
# 
_cell.angle_alpha                  90.00 
_cell.angle_alpha_esd              ? 
_cell.angle_beta                   90.00 
_cell.angle_beta_esd               ? 
_cell.angle_gamma                  90.00 
_cell.angle_gamma_esd              ? 
_cell.entry_id                     5VKX 
_cell.details                      ? 
_cell.formula_units_Z              ? 
_cell.length_a                     57.875 
_cell.length_a_esd                 ? 
_cell.length_b                     57.875 
_cell.length_b_esd                 ? 
_cell.length_c                     184.424 
_cell.length_c_esd                 ? 
_cell.volume                       ? 
_cell.volume_esd                   ? 
_cell.Z_PDB                        16 
_cell.reciprocal_angle_alpha       ? 
_cell.reciprocal_angle_beta        ? 
_cell.reciprocal_angle_gamma       ? 
_cell.reciprocal_angle_alpha_esd   ? 
_cell.reciprocal_angle_beta_esd    ? 
_cell.reciprocal_angle_gamma_esd   ? 
_cell.reciprocal_length_a          ? 
_cell.reciprocal_length_b          ? 
_cell.reciprocal_length_c          ? 
_cell.reciprocal_length_a_esd      ? 
_cell.reciprocal_length_b_esd      ? 
_cell.reciprocal_length_c_esd      ? 
_cell.pdbx_unique_axis             ? 
# 
_symmetry.entry_id                         5VKX 
_symmetry.cell_setting                     ? 
_symmetry.Int_Tables_number                98 
_symmetry.space_group_name_Hall            ? 
_symmetry.space_group_name_H-M             'I 41 2 2' 
_symmetry.pdbx_full_space_group_name_H-M   ? 
# 
_exptl.absorpt_coefficient_mu     ? 
_exptl.absorpt_correction_T_max   ? 
_exptl.absorpt_correction_T_min   ? 
_exptl.absorpt_correction_type    ? 
_exptl.absorpt_process_details    ? 
_exptl.entry_id                   5VKX 
_exptl.crystals_number            1 
_exptl.details                    ? 
_exptl.method                     'X-RAY DIFFRACTION' 
_exptl.method_details             ? 
# 
_exptl_crystal.colour                      ? 
_exptl_crystal.density_diffrn              ? 
_exptl_crystal.density_Matthews            2.33 
_exptl_crystal.density_method              ? 
_exptl_crystal.density_percent_sol         47.21 
_exptl_crystal.description                 ? 
_exptl_crystal.F_000                       ? 
_exptl_crystal.id                          1 
_exptl_crystal.preparation                 ? 
_exptl_crystal.size_max                    ? 
_exptl_crystal.size_mid                    ? 
_exptl_crystal.size_min                    ? 
_exptl_crystal.size_rad                    ? 
_exptl_crystal.colour_lustre               ? 
_exptl_crystal.colour_modifier             ? 
_exptl_crystal.colour_primary              ? 
_exptl_crystal.density_meas                ? 
_exptl_crystal.density_meas_esd            ? 
_exptl_crystal.density_meas_gt             ? 
_exptl_crystal.density_meas_lt             ? 
_exptl_crystal.density_meas_temp           ? 
_exptl_crystal.density_meas_temp_esd       ? 
_exptl_crystal.density_meas_temp_gt        ? 
_exptl_crystal.density_meas_temp_lt        ? 
_exptl_crystal.pdbx_crystal_image_url      ? 
_exptl_crystal.pdbx_crystal_image_format   ? 
_exptl_crystal.pdbx_mosaicity              ? 
_exptl_crystal.pdbx_mosaicity_esd          ? 
# 
_exptl_crystal_grow.apparatus       ? 
_exptl_crystal_grow.atmosphere      ? 
_exptl_crystal_grow.crystal_id      1 
_exptl_crystal_grow.details         ? 
_exptl_crystal_grow.method          'VAPOR DIFFUSION, SITTING DROP' 
_exptl_crystal_grow.method_ref      ? 
_exptl_crystal_grow.pH              4.0 
_exptl_crystal_grow.pressure        ? 
_exptl_crystal_grow.pressure_esd    ? 
_exptl_crystal_grow.seeding         ? 
_exptl_crystal_grow.seeding_ref     ? 
_exptl_crystal_grow.temp            295 
_exptl_crystal_grow.temp_details    ? 
_exptl_crystal_grow.temp_esd        ? 
_exptl_crystal_grow.time            ? 
_exptl_crystal_grow.pdbx_details    '26 mg/mL protein, 2.0 M ammonium sulfate, 0.1 M sodium acetate, pH 4.0' 
_exptl_crystal_grow.pdbx_pH_range   ? 
# 
_diffrn.ambient_environment    ? 
_diffrn.ambient_temp           100 
_diffrn.ambient_temp_details   ? 
_diffrn.ambient_temp_esd       ? 
_diffrn.crystal_id             1 
_diffrn.crystal_support        ? 
_diffrn.crystal_treatment      ? 
_diffrn.details                ? 
_diffrn.id                     1 
_diffrn.ambient_pressure       ? 
_diffrn.ambient_pressure_esd   ? 
_diffrn.ambient_pressure_gt    ? 
_diffrn.ambient_pressure_lt    ? 
_diffrn.ambient_temp_gt        ? 
_diffrn.ambient_temp_lt        ? 
# 
_diffrn_detector.details                      ? 
_diffrn_detector.detector                     PIXEL 
_diffrn_detector.diffrn_id                    1 
_diffrn_detector.type                         'DECTRIS PILATUS 6M' 
_diffrn_detector.area_resol_mean              ? 
_diffrn_detector.dtime                        ? 
_diffrn_detector.pdbx_frames_total            ? 
_diffrn_detector.pdbx_collection_time_total   ? 
_diffrn_detector.pdbx_collection_date         2016-03-08 
# 
_diffrn_radiation.collimation                      ? 
_diffrn_radiation.diffrn_id                        1 
_diffrn_radiation.filter_edge                      ? 
_diffrn_radiation.inhomogeneity                    ? 
_diffrn_radiation.monochromator                    'double crystal Si(111)' 
_diffrn_radiation.polarisn_norm                    ? 
_diffrn_radiation.polarisn_ratio                   ? 
_diffrn_radiation.probe                            ? 
_diffrn_radiation.type                             ? 
_diffrn_radiation.xray_symbol                      ? 
_diffrn_radiation.wavelength_id                    1 
_diffrn_radiation.pdbx_monochromatic_or_laue_m_l   M 
_diffrn_radiation.pdbx_wavelength_list             ? 
_diffrn_radiation.pdbx_wavelength                  ? 
_diffrn_radiation.pdbx_diffrn_protocol             'SINGLE WAVELENGTH' 
_diffrn_radiation.pdbx_analyzer                    ? 
_diffrn_radiation.pdbx_scattering_type             x-ray 
# 
_diffrn_radiation_wavelength.id           1 
_diffrn_radiation_wavelength.wavelength   0.979 
_diffrn_radiation_wavelength.wt           1.0 
# 
_diffrn_source.current                     ? 
_diffrn_source.details                     ? 
_diffrn_source.diffrn_id                   1 
_diffrn_source.power                       ? 
_diffrn_source.size                        ? 
_diffrn_source.source                      SYNCHROTRON 
_diffrn_source.target                      ? 
_diffrn_source.type                        'SSRL BEAMLINE BL9-2' 
_diffrn_source.voltage                     ? 
_diffrn_source.take-off_angle              ? 
_diffrn_source.pdbx_wavelength_list        0.979 
_diffrn_source.pdbx_wavelength             ? 
_diffrn_source.pdbx_synchrotron_beamline   BL9-2 
_diffrn_source.pdbx_synchrotron_site       SSRL 
# 
_reflns.B_iso_Wilson_estimate            ? 
_reflns.entry_id                         5VKX 
_reflns.data_reduction_details           ? 
_reflns.data_reduction_method            ? 
_reflns.d_resolution_high                1.37 
_reflns.d_resolution_low                 37.4 
_reflns.details                          ? 
_reflns.limit_h_max                      ? 
_reflns.limit_h_min                      ? 
_reflns.limit_k_max                      ? 
_reflns.limit_k_min                      ? 
_reflns.limit_l_max                      ? 
_reflns.limit_l_min                      ? 
_reflns.number_all                       ? 
_reflns.number_obs                       33187 
_reflns.observed_criterion               ? 
_reflns.observed_criterion_F_max         ? 
_reflns.observed_criterion_F_min         ? 
_reflns.observed_criterion_I_max         ? 
_reflns.observed_criterion_I_min         ? 
_reflns.observed_criterion_sigma_F       ? 
_reflns.observed_criterion_sigma_I       ? 
_reflns.percent_possible_obs             99.5 
_reflns.R_free_details                   ? 
_reflns.Rmerge_F_all                     ? 
_reflns.Rmerge_F_obs                     ? 
_reflns.Friedel_coverage                 ? 
_reflns.number_gt                        ? 
_reflns.threshold_expression             ? 
_reflns.pdbx_redundancy                  11.1 
_reflns.pdbx_Rmerge_I_obs                ? 
_reflns.pdbx_Rmerge_I_all                ? 
_reflns.pdbx_Rsym_value                  ? 
_reflns.pdbx_netI_over_av_sigmaI         ? 
_reflns.pdbx_netI_over_sigmaI            22.2 
_reflns.pdbx_res_netI_over_av_sigmaI_2   ? 
_reflns.pdbx_res_netI_over_sigmaI_2      ? 
_reflns.pdbx_chi_squared                 ? 
_reflns.pdbx_scaling_rejects             ? 
_reflns.pdbx_d_res_high_opt              ? 
_reflns.pdbx_d_res_low_opt               ? 
_reflns.pdbx_d_res_opt_method            ? 
_reflns.phase_calculation_details        ? 
_reflns.pdbx_Rrim_I_all                  ? 
_reflns.pdbx_Rpim_I_all                  ? 
_reflns.pdbx_d_opt                       ? 
_reflns.pdbx_number_measured_all         ? 
_reflns.pdbx_diffrn_id                   1 
_reflns.pdbx_ordinal                     1 
_reflns.pdbx_CC_half                     ? 
_reflns.pdbx_R_split                     ? 
# 
_reflns_shell.d_res_high                  1.37 
_reflns_shell.d_res_low                   1.40 
_reflns_shell.meanI_over_sigI_all         ? 
_reflns_shell.meanI_over_sigI_obs         ? 
_reflns_shell.number_measured_all         ? 
_reflns_shell.number_measured_obs         ? 
_reflns_shell.number_possible             ? 
_reflns_shell.number_unique_all           ? 
_reflns_shell.number_unique_obs           1457 
_reflns_shell.percent_possible_all        90.8 
_reflns_shell.percent_possible_obs        ? 
_reflns_shell.Rmerge_F_all                ? 
_reflns_shell.Rmerge_F_obs                ? 
_reflns_shell.Rmerge_I_all                ? 
_reflns_shell.Rmerge_I_obs                ? 
_reflns_shell.meanI_over_sigI_gt          ? 
_reflns_shell.meanI_over_uI_all           ? 
_reflns_shell.meanI_over_uI_gt            ? 
_reflns_shell.number_measured_gt          ? 
_reflns_shell.number_unique_gt            ? 
_reflns_shell.percent_possible_gt         ? 
_reflns_shell.Rmerge_F_gt                 ? 
_reflns_shell.Rmerge_I_gt                 ? 
_reflns_shell.pdbx_redundancy             7.7 
_reflns_shell.pdbx_Rsym_value             ? 
_reflns_shell.pdbx_chi_squared            ? 
_reflns_shell.pdbx_netI_over_sigmaI_all   ? 
_reflns_shell.pdbx_netI_over_sigmaI_obs   ? 
_reflns_shell.pdbx_Rrim_I_all             ? 
_reflns_shell.pdbx_Rpim_I_all             ? 
_reflns_shell.pdbx_rejects                ? 
_reflns_shell.pdbx_ordinal                1 
_reflns_shell.pdbx_diffrn_id              1 
_reflns_shell.pdbx_CC_half                ? 
_reflns_shell.pdbx_R_split                ? 
# 
_refine.aniso_B[1][1]                            -0.10 
_refine.aniso_B[1][2]                            0.00 
_refine.aniso_B[1][3]                            0.00 
_refine.aniso_B[2][2]                            -0.10 
_refine.aniso_B[2][3]                            0.00 
_refine.aniso_B[3][3]                            0.21 
_refine.B_iso_max                                ? 
_refine.B_iso_mean                               20.589 
_refine.B_iso_min                                ? 
_refine.correlation_coeff_Fo_to_Fc               0.973 
_refine.correlation_coeff_Fo_to_Fc_free          0.970 
_refine.details                                  'HYDROGENS HAVE BEEN ADDED IN THE RIDING POSITIONS' 
_refine.diff_density_max                         ? 
_refine.diff_density_max_esd                     ? 
_refine.diff_density_min                         ? 
_refine.diff_density_min_esd                     ? 
_refine.diff_density_rms                         ? 
_refine.diff_density_rms_esd                     ? 
_refine.entry_id                                 5VKX 
_refine.pdbx_refine_id                           'X-RAY DIFFRACTION' 
_refine.ls_abs_structure_details                 ? 
_refine.ls_abs_structure_Flack                   ? 
_refine.ls_abs_structure_Flack_esd               ? 
_refine.ls_abs_structure_Rogers                  ? 
_refine.ls_abs_structure_Rogers_esd              ? 
_refine.ls_d_res_high                            1.37 
_refine.ls_d_res_low                             37.4 
_refine.ls_extinction_coef                       ? 
_refine.ls_extinction_coef_esd                   ? 
_refine.ls_extinction_expression                 ? 
_refine.ls_extinction_method                     ? 
_refine.ls_goodness_of_fit_all                   ? 
_refine.ls_goodness_of_fit_all_esd               ? 
_refine.ls_goodness_of_fit_obs                   ? 
_refine.ls_goodness_of_fit_obs_esd               ? 
_refine.ls_hydrogen_treatment                    ? 
_refine.ls_matrix_type                           ? 
_refine.ls_number_constraints                    ? 
_refine.ls_number_parameters                     ? 
_refine.ls_number_reflns_all                     ? 
_refine.ls_number_reflns_obs                     31548 
_refine.ls_number_reflns_R_free                  1558 
_refine.ls_number_reflns_R_work                  ? 
_refine.ls_number_restraints                     ? 
_refine.ls_percent_reflns_obs                    99.38 
_refine.ls_percent_reflns_R_free                 4.7 
_refine.ls_R_factor_all                          ? 
_refine.ls_R_factor_obs                          0.16481 
_refine.ls_R_factor_R_free                       0.18737 
_refine.ls_R_factor_R_free_error                 ? 
_refine.ls_R_factor_R_free_error_details         ? 
_refine.ls_R_factor_R_work                       0.16372 
_refine.ls_R_Fsqd_factor_obs                     ? 
_refine.ls_R_I_factor_obs                        ? 
_refine.ls_redundancy_reflns_all                 ? 
_refine.ls_redundancy_reflns_obs                 ? 
_refine.ls_restrained_S_all                      ? 
_refine.ls_restrained_S_obs                      ? 
_refine.ls_shift_over_esd_max                    ? 
_refine.ls_shift_over_esd_mean                   ? 
_refine.ls_structure_factor_coef                 ? 
_refine.ls_weighting_details                     ? 
_refine.ls_weighting_scheme                      ? 
_refine.ls_wR_factor_all                         ? 
_refine.ls_wR_factor_obs                         ? 
_refine.ls_wR_factor_R_free                      ? 
_refine.ls_wR_factor_R_work                      ? 
_refine.occupancy_max                            ? 
_refine.occupancy_min                            ? 
_refine.solvent_model_details                    ? 
_refine.solvent_model_param_bsol                 ? 
_refine.solvent_model_param_ksol                 ? 
_refine.ls_R_factor_gt                           ? 
_refine.ls_goodness_of_fit_gt                    ? 
_refine.ls_goodness_of_fit_ref                   ? 
_refine.ls_shift_over_su_max                     ? 
_refine.ls_shift_over_su_max_lt                  ? 
_refine.ls_shift_over_su_mean                    ? 
_refine.ls_shift_over_su_mean_lt                 ? 
_refine.pdbx_ls_sigma_I                          ? 
_refine.pdbx_ls_sigma_F                          ? 
_refine.pdbx_ls_sigma_Fsqd                       ? 
_refine.pdbx_data_cutoff_high_absF               ? 
_refine.pdbx_data_cutoff_high_rms_absF           ? 
_refine.pdbx_data_cutoff_low_absF                ? 
_refine.pdbx_isotropic_thermal_model             ? 
_refine.pdbx_ls_cross_valid_method               THROUGHOUT 
_refine.pdbx_method_to_determine_struct          'MOLECULAR REPLACEMENT' 
_refine.pdbx_starting_model                      ? 
_refine.pdbx_stereochemistry_target_values       ? 
_refine.pdbx_R_Free_selection_details            RANDOM 
_refine.pdbx_stereochem_target_val_spec_case     ? 
_refine.pdbx_overall_ESU_R                       0.046 
_refine.pdbx_overall_ESU_R_Free                  0.049 
_refine.pdbx_solvent_vdw_probe_radii             1.20 
_refine.pdbx_solvent_ion_probe_radii             0.80 
_refine.pdbx_solvent_shrinkage_radii             0.80 
_refine.pdbx_real_space_R                        ? 
_refine.pdbx_density_correlation                 ? 
_refine.pdbx_pd_number_of_powder_patterns        ? 
_refine.pdbx_pd_number_of_points                 ? 
_refine.pdbx_pd_meas_number_of_points            ? 
_refine.pdbx_pd_proc_ls_prof_R_factor            ? 
_refine.pdbx_pd_proc_ls_prof_wR_factor           ? 
_refine.pdbx_pd_Marquardt_correlation_coeff      ? 
_refine.pdbx_pd_Fsqrd_R_factor                   ? 
_refine.pdbx_pd_ls_matrix_band_width             ? 
_refine.pdbx_overall_phase_error                 ? 
_refine.pdbx_overall_SU_R_free_Cruickshank_DPI   ? 
_refine.pdbx_overall_SU_R_free_Blow_DPI          ? 
_refine.pdbx_overall_SU_R_Blow_DPI               ? 
_refine.pdbx_TLS_residual_ADP_flag               ? 
_refine.pdbx_diffrn_id                           1 
_refine.overall_SU_B                             0.823 
_refine.overall_SU_ML                            0.033 
_refine.overall_SU_R_Cruickshank_DPI             ? 
_refine.overall_SU_R_free                        ? 
_refine.overall_FOM_free_R_set                   ? 
_refine.overall_FOM_work_R_set                   ? 
_refine.pdbx_average_fsc_overall                 ? 
_refine.pdbx_average_fsc_work                    ? 
_refine.pdbx_average_fsc_free                    ? 
# 
_refine_hist.pdbx_refine_id                   'X-RAY DIFFRACTION' 
_refine_hist.cycle_id                         LAST 
_refine_hist.pdbx_number_atoms_protein        924 
_refine_hist.pdbx_number_atoms_nucleic_acid   0 
_refine_hist.pdbx_number_atoms_ligand         46 
_refine_hist.number_atoms_solvent             123 
_refine_hist.number_atoms_total               1093 
_refine_hist.d_res_high                       1.37 
_refine_hist.d_res_low                        37.4 
# 
loop_
_refine_ls_restr.pdbx_refine_id 
_refine_ls_restr.criterion 
_refine_ls_restr.dev_ideal 
_refine_ls_restr.dev_ideal_target 
_refine_ls_restr.number 
_refine_ls_restr.rejects 
_refine_ls_restr.type 
_refine_ls_restr.weight 
_refine_ls_restr.pdbx_restraint_function 
'X-RAY DIFFRACTION' ? 0.031  0.020  1001 ? r_bond_refined_d             ? ? 
'X-RAY DIFFRACTION' ? 0.002  0.020  848  ? r_bond_other_d               ? ? 
'X-RAY DIFFRACTION' ? 2.866  1.933  1370 ? r_angle_refined_deg          ? ? 
'X-RAY DIFFRACTION' ? 2.060  3.000  1938 ? r_angle_other_deg            ? ? 
'X-RAY DIFFRACTION' ? 8.083  5.000  122  ? r_dihedral_angle_1_deg       ? ? 
'X-RAY DIFFRACTION' ? 29.040 23.810 42   ? r_dihedral_angle_2_deg       ? ? 
'X-RAY DIFFRACTION' ? 13.769 15.000 133  ? r_dihedral_angle_3_deg       ? ? 
'X-RAY DIFFRACTION' ? 14.626 15.000 5    ? r_dihedral_angle_4_deg       ? ? 
'X-RAY DIFFRACTION' ? 0.201  0.200  146  ? r_chiral_restr               ? ? 
'X-RAY DIFFRACTION' ? 0.016  0.020  1136 ? r_gen_planes_refined         ? ? 
'X-RAY DIFFRACTION' ? 0.001  0.020  241  ? r_gen_planes_other           ? ? 
'X-RAY DIFFRACTION' ? ?      ?      ?    ? r_nbd_refined                ? ? 
'X-RAY DIFFRACTION' ? ?      ?      ?    ? r_nbd_other                  ? ? 
'X-RAY DIFFRACTION' ? ?      ?      ?    ? r_nbtor_refined              ? ? 
'X-RAY DIFFRACTION' ? ?      ?      ?    ? r_nbtor_other                ? ? 
'X-RAY DIFFRACTION' ? ?      ?      ?    ? r_xyhbond_nbd_refined        ? ? 
'X-RAY DIFFRACTION' ? ?      ?      ?    ? r_xyhbond_nbd_other          ? ? 
'X-RAY DIFFRACTION' ? ?      ?      ?    ? r_metal_ion_refined          ? ? 
'X-RAY DIFFRACTION' ? ?      ?      ?    ? r_metal_ion_other            ? ? 
'X-RAY DIFFRACTION' ? ?      ?      ?    ? r_symmetry_vdw_refined       ? ? 
'X-RAY DIFFRACTION' ? ?      ?      ?    ? r_symmetry_vdw_other         ? ? 
'X-RAY DIFFRACTION' ? ?      ?      ?    ? r_symmetry_hbond_refined     ? ? 
'X-RAY DIFFRACTION' ? ?      ?      ?    ? r_symmetry_hbond_other       ? ? 
'X-RAY DIFFRACTION' ? ?      ?      ?    ? r_symmetry_metal_ion_refined ? ? 
'X-RAY DIFFRACTION' ? ?      ?      ?    ? r_symmetry_metal_ion_other   ? ? 
'X-RAY DIFFRACTION' ? 2.387  1.759  491  ? r_mcbond_it                  ? ? 
'X-RAY DIFFRACTION' ? 2.377  1.748  490  ? r_mcbond_other               ? ? 
'X-RAY DIFFRACTION' ? 3.605  2.624  612  ? r_mcangle_it                 ? ? 
'X-RAY DIFFRACTION' ? 3.618  2.635  613  ? r_mcangle_other              ? ? 
'X-RAY DIFFRACTION' ? 3.522  2.040  510  ? r_scbond_it                  ? ? 
'X-RAY DIFFRACTION' ? 3.513  2.040  510  ? r_scbond_other               ? ? 
'X-RAY DIFFRACTION' ? ?      ?      ?    ? r_scangle_it                 ? ? 
'X-RAY DIFFRACTION' ? 4.922  2.949  758  ? r_scangle_other              ? ? 
'X-RAY DIFFRACTION' ? 10.656 16.956 1191 ? r_long_range_B_refined       ? ? 
'X-RAY DIFFRACTION' ? 10.652 16.968 1192 ? r_long_range_B_other         ? ? 
'X-RAY DIFFRACTION' ? ?      ?      ?    ? r_rigid_bond_restr           ? ? 
'X-RAY DIFFRACTION' ? ?      ?      ?    ? r_sphericity_free            ? ? 
'X-RAY DIFFRACTION' ? ?      ?      ?    ? r_sphericity_bonded          ? ? 
# 
_refine_ls_shell.pdbx_refine_id                   'X-RAY DIFFRACTION' 
_refine_ls_shell.d_res_high                       1.373 
_refine_ls_shell.d_res_low                        1.409 
_refine_ls_shell.number_reflns_all                ? 
_refine_ls_shell.number_reflns_obs                ? 
_refine_ls_shell.number_reflns_R_free             117 
_refine_ls_shell.number_reflns_R_work             2163 
_refine_ls_shell.percent_reflns_obs               94.25 
_refine_ls_shell.percent_reflns_R_free            ? 
_refine_ls_shell.R_factor_all                     ? 
_refine_ls_shell.R_factor_obs                     ? 
_refine_ls_shell.R_factor_R_free                  0.267 
_refine_ls_shell.R_factor_R_free_error            ? 
_refine_ls_shell.R_factor_R_work                  0.274 
_refine_ls_shell.redundancy_reflns_all            ? 
_refine_ls_shell.redundancy_reflns_obs            ? 
_refine_ls_shell.wR_factor_all                    ? 
_refine_ls_shell.wR_factor_obs                    ? 
_refine_ls_shell.wR_factor_R_free                 ? 
_refine_ls_shell.wR_factor_R_work                 ? 
_refine_ls_shell.pdbx_total_number_of_bins_used   20 
_refine_ls_shell.pdbx_phase_error                 ? 
_refine_ls_shell.pdbx_fsc_work                    ? 
_refine_ls_shell.pdbx_fsc_free                    ? 
# 
_struct.entry_id                     5VKX 
_struct.title                        
'Coordination Chemistry within a Protein Host: Regulation of the Secondary Coordination Sphere' 
_struct.pdbx_model_details           ? 
_struct.pdbx_formula_weight          ? 
_struct.pdbx_formula_weight_method   ? 
_struct.pdbx_model_type_details      ? 
_struct.pdbx_CASP_flag               N 
# 
_struct_keywords.entry_id        5VKX 
_struct_keywords.text            
'streptavidin, biotin, copper, azide, secondary coordination sphere, hydrogen bond, BIOTIN BINDING PROTEIN' 
_struct_keywords.pdbx_keywords   'BIOTIN BINDING PROTEIN' 
# 
loop_
_struct_asym.id 
_struct_asym.pdbx_blank_PDB_chainid_flag 
_struct_asym.pdbx_modified 
_struct_asym.entity_id 
_struct_asym.details 
A N N 1 ? 
B N N 2 ? 
C N N 3 ? 
D N N 4 ? 
E N N 5 ? 
# 
_struct_ref.id                         1 
_struct_ref.db_name                    UNP 
_struct_ref.db_code                    SAV_STRAV 
_struct_ref.pdbx_db_accession          P22629 
_struct_ref.pdbx_db_isoform            ? 
_struct_ref.entity_id                  1 
_struct_ref.pdbx_seq_one_letter_code   
;EAGITGTWYNQLGSTFIVTAGADGALTGTYESAVGNAESRYVLTGRYDSAPATDGSGTALGWTVAWKNNYRNAHSATTWS
GQYVGGAEARINTQWLLTSGTTEANAWKSTLVGHDTFTKVKPSAASIDAAKKAGVNNGNPLDAVQQ
;
_struct_ref.pdbx_align_begin           38 
# 
_struct_ref_seq.align_id                      1 
_struct_ref_seq.ref_id                        1 
_struct_ref_seq.pdbx_PDB_id_code              5VKX 
_struct_ref_seq.pdbx_strand_id                A 
_struct_ref_seq.seq_align_beg                 14 
_struct_ref_seq.pdbx_seq_align_beg_ins_code   ? 
_struct_ref_seq.seq_align_end                 159 
_struct_ref_seq.pdbx_seq_align_end_ins_code   ? 
_struct_ref_seq.pdbx_db_accession             P22629 
_struct_ref_seq.db_align_beg                  38 
_struct_ref_seq.pdbx_db_align_beg_ins_code    ? 
_struct_ref_seq.db_align_end                  183 
_struct_ref_seq.pdbx_db_align_end_ins_code    ? 
_struct_ref_seq.pdbx_auth_seq_align_beg       14 
_struct_ref_seq.pdbx_auth_seq_align_end       159 
# 
loop_
_struct_ref_seq_dif.align_id 
_struct_ref_seq_dif.pdbx_pdb_id_code 
_struct_ref_seq_dif.mon_id 
_struct_ref_seq_dif.pdbx_pdb_strand_id 
_struct_ref_seq_dif.seq_num 
_struct_ref_seq_dif.pdbx_pdb_ins_code 
_struct_ref_seq_dif.pdbx_seq_db_name 
_struct_ref_seq_dif.pdbx_seq_db_accession_code 
_struct_ref_seq_dif.db_mon_id 
_struct_ref_seq_dif.pdbx_seq_db_seq_num 
_struct_ref_seq_dif.details 
_struct_ref_seq_dif.pdbx_auth_seq_num 
_struct_ref_seq_dif.pdbx_ordinal 
1 5VKX MET A 1  ? UNP P22629 ? ? 'expression tag' 1  1  
1 5VKX ALA A 2  ? UNP P22629 ? ? 'expression tag' 2  2  
1 5VKX SER A 3  ? UNP P22629 ? ? 'expression tag' 3  3  
1 5VKX MET A 4  ? UNP P22629 ? ? 'expression tag' 4  4  
1 5VKX THR A 5  ? UNP P22629 ? ? 'expression tag' 5  5  
1 5VKX GLY A 6  ? UNP P22629 ? ? 'expression tag' 6  6  
1 5VKX GLY A 7  ? UNP P22629 ? ? 'expression tag' 7  7  
1 5VKX GLN A 8  ? UNP P22629 ? ? 'expression tag' 8  8  
1 5VKX GLN A 9  ? UNP P22629 ? ? 'expression tag' 9  9  
1 5VKX MET A 10 ? UNP P22629 ? ? 'expression tag' 10 10 
1 5VKX GLY A 11 ? UNP P22629 ? ? 'expression tag' 11 11 
1 5VKX ARG A 12 ? UNP P22629 ? ? 'expression tag' 12 12 
1 5VKX ASP A 13 ? UNP P22629 ? ? 'expression tag' 13 13 
# 
_pdbx_struct_assembly.id                   1 
_pdbx_struct_assembly.details              author_and_software_defined_assembly 
_pdbx_struct_assembly.method_details       PISA 
_pdbx_struct_assembly.oligomeric_details   tetrameric 
_pdbx_struct_assembly.oligomeric_count     4 
# 
loop_
_pdbx_struct_assembly_prop.biol_id 
_pdbx_struct_assembly_prop.type 
_pdbx_struct_assembly_prop.value 
_pdbx_struct_assembly_prop.details 
1 'ABSA (A^2)' 11250 ? 
1 MORE         -90   ? 
1 'SSA (A^2)'  18480 ? 
# 
_pdbx_struct_assembly_gen.assembly_id       1 
_pdbx_struct_assembly_gen.oper_expression   1,2,3,4 
_pdbx_struct_assembly_gen.asym_id_list      A,B,C,D,E 
# 
_pdbx_struct_assembly_auth_evidence.id                     1 
_pdbx_struct_assembly_auth_evidence.assembly_id            1 
_pdbx_struct_assembly_auth_evidence.experimental_support   none 
_pdbx_struct_assembly_auth_evidence.details                ? 
# 
loop_
_pdbx_struct_oper_list.id 
_pdbx_struct_oper_list.type 
_pdbx_struct_oper_list.name 
_pdbx_struct_oper_list.symmetry_operation 
_pdbx_struct_oper_list.matrix[1][1] 
_pdbx_struct_oper_list.matrix[1][2] 
_pdbx_struct_oper_list.matrix[1][3] 
_pdbx_struct_oper_list.vector[1] 
_pdbx_struct_oper_list.matrix[2][1] 
_pdbx_struct_oper_list.matrix[2][2] 
_pdbx_struct_oper_list.matrix[2][3] 
_pdbx_struct_oper_list.vector[2] 
_pdbx_struct_oper_list.matrix[3][1] 
_pdbx_struct_oper_list.matrix[3][2] 
_pdbx_struct_oper_list.matrix[3][3] 
_pdbx_struct_oper_list.vector[3] 
1 'identity operation'         1_555  x,y,z        1.0000000000  0.0000000000  0.0000000000  0.0000000000   0.0000000000  1.0000000000  0.0000000000  0.0000000000  0.0000000000  0.0000000000  1.0000000000  0.0000000000  
2 'crystal symmetry operation' 8_665  -y+1,-x+1,-z 0.4419793756  -0.7968140082 -0.4119971698 14.3370750947  -0.7968140082 -0.5596937277 0.2276628375  18.1923818990 -0.4119971698 0.2276628375  -0.8822856479 14.9948162411 
3 'crystal symmetry operation' 10_665 -x+1,-y+1,z  -0.9456979149 0.2213470854  -0.2380355467 0.8822684551   0.2213470854  -0.0977412352 -0.9702845555 22.7665380038 -0.2380355467 -0.9702845555 0.0434391501  21.3716645198 
4 'crystal symmetry operation' 15_555 y,x,-z       -0.4962814607 0.5754669228  0.6500327166  -12.2187421402 0.5754669228  -0.3425650371 0.7426217181  9.6126232997  0.6500327166  0.7426217181  -0.1611535022 0.9585058992 
# 
loop_
_struct_conf.conf_type_id 
_struct_conf.id 
_struct_conf.pdbx_PDB_helix_id 
_struct_conf.beg_label_comp_id 
_struct_conf.beg_label_asym_id 
_struct_conf.beg_label_seq_id 
_struct_conf.pdbx_beg_PDB_ins_code 
_struct_conf.end_label_comp_id 
_struct_conf.end_label_asym_id 
_struct_conf.end_label_seq_id 
_struct_conf.pdbx_end_PDB_ins_code 
_struct_conf.beg_auth_comp_id 
_struct_conf.beg_auth_asym_id 
_struct_conf.beg_auth_seq_id 
_struct_conf.end_auth_comp_id 
_struct_conf.end_auth_asym_id 
_struct_conf.end_auth_seq_id 
_struct_conf.pdbx_PDB_helix_class 
_struct_conf.details 
_struct_conf.pdbx_PDB_helix_length 
HELX_P HELX_P1 AA1 ASP A 13  ? THR A 18  ? ASP A 13  THR A 18  1 ? 6 
HELX_P HELX_P2 AA2 THR A 115 ? LYS A 121 ? THR A 115 LYS A 121 5 ? 7 
# 
_struct_conf_type.id          HELX_P 
_struct_conf_type.criteria    ? 
_struct_conf_type.reference   ? 
# 
_struct_conn.id                            metalc1 
_struct_conn.conn_type_id                  metalc 
_struct_conn.pdbx_leaving_atom_flag        ? 
_struct_conn.pdbx_PDB_id                   ? 
_struct_conn.ptnr1_label_asym_id           A 
_struct_conn.ptnr1_label_comp_id           HIS 
_struct_conn.ptnr1_label_seq_id            87 
_struct_conn.ptnr1_label_atom_id           NE2 
_struct_conn.pdbx_ptnr1_label_alt_id       ? 
_struct_conn.pdbx_ptnr1_PDB_ins_code       ? 
_struct_conn.pdbx_ptnr1_standard_comp_id   ? 
_struct_conn.ptnr1_symmetry                1_555 
_struct_conn.ptnr2_label_asym_id           C 
_struct_conn.ptnr2_label_comp_id           CU 
_struct_conn.ptnr2_label_seq_id            . 
_struct_conn.ptnr2_label_atom_id           CU 
_struct_conn.pdbx_ptnr2_label_alt_id       ? 
_struct_conn.pdbx_ptnr2_PDB_ins_code       ? 
_struct_conn.ptnr1_auth_asym_id            A 
_struct_conn.ptnr1_auth_comp_id            HIS 
_struct_conn.ptnr1_auth_seq_id             87 
_struct_conn.ptnr2_auth_asym_id            A 
_struct_conn.ptnr2_auth_comp_id            CU 
_struct_conn.ptnr2_auth_seq_id             202 
_struct_conn.ptnr2_symmetry                5_554 
_struct_conn.pdbx_ptnr3_label_atom_id      ? 
_struct_conn.pdbx_ptnr3_label_seq_id       ? 
_struct_conn.pdbx_ptnr3_label_comp_id      ? 
_struct_conn.pdbx_ptnr3_label_asym_id      ? 
_struct_conn.pdbx_ptnr3_label_alt_id       ? 
_struct_conn.pdbx_ptnr3_PDB_ins_code       ? 
_struct_conn.details                       ? 
_struct_conn.pdbx_dist_value               2.193 
_struct_conn.pdbx_value_order              ? 
_struct_conn.pdbx_role                     ? 
# 
_struct_conn_type.id          metalc 
_struct_conn_type.criteria    ? 
_struct_conn_type.reference   ? 
# 
_struct_sheet.id               AA1 
_struct_sheet.type             ? 
_struct_sheet.number_strands   9 
_struct_sheet.details          ? 
# 
loop_
_struct_sheet_order.sheet_id 
_struct_sheet_order.range_id_1 
_struct_sheet_order.range_id_2 
_struct_sheet_order.offset 
_struct_sheet_order.sense 
AA1 1 2 ? anti-parallel 
AA1 2 3 ? anti-parallel 
AA1 3 4 ? anti-parallel 
AA1 4 5 ? anti-parallel 
AA1 5 6 ? anti-parallel 
AA1 6 7 ? anti-parallel 
AA1 7 8 ? anti-parallel 
AA1 8 9 ? anti-parallel 
# 
loop_
_struct_sheet_range.sheet_id 
_struct_sheet_range.id 
_struct_sheet_range.beg_label_comp_id 
_struct_sheet_range.beg_label_asym_id 
_struct_sheet_range.beg_label_seq_id 
_struct_sheet_range.pdbx_beg_PDB_ins_code 
_struct_sheet_range.end_label_comp_id 
_struct_sheet_range.end_label_asym_id 
_struct_sheet_range.end_label_seq_id 
_struct_sheet_range.pdbx_end_PDB_ins_code 
_struct_sheet_range.beg_auth_comp_id 
_struct_sheet_range.beg_auth_asym_id 
_struct_sheet_range.beg_auth_seq_id 
_struct_sheet_range.end_auth_comp_id 
_struct_sheet_range.end_auth_asym_id 
_struct_sheet_range.end_auth_seq_id 
AA1 1 GLY A 19  ? ASN A 23  ? GLY A 19  ASN A 23  
AA1 2 THR A 28  ? ALA A 33  ? THR A 28  ALA A 33  
AA1 3 ALA A 38  ? GLU A 44  ? ALA A 38  GLU A 44  
AA1 4 TYR A 54  ? TYR A 60  ? TYR A 54  TYR A 60  
AA1 5 THR A 71  ? LYS A 80  ? THR A 71  LYS A 80  
AA1 6 ASN A 85  ? VAL A 97  ? ASN A 85  VAL A 97  
AA1 7 ARG A 103 ? SER A 112 ? ARG A 103 SER A 112 
AA1 8 THR A 123 ? THR A 131 ? THR A 123 THR A 131 
AA1 9 GLY A 19  ? ASN A 23  ? GLY A 19  ASN A 23  
# 
loop_
_pdbx_struct_sheet_hbond.sheet_id 
_pdbx_struct_sheet_hbond.range_id_1 
_pdbx_struct_sheet_hbond.range_id_2 
_pdbx_struct_sheet_hbond.range_1_label_atom_id 
_pdbx_struct_sheet_hbond.range_1_label_comp_id 
_pdbx_struct_sheet_hbond.range_1_label_asym_id 
_pdbx_struct_sheet_hbond.range_1_label_seq_id 
_pdbx_struct_sheet_hbond.range_1_PDB_ins_code 
_pdbx_struct_sheet_hbond.range_1_auth_atom_id 
_pdbx_struct_sheet_hbond.range_1_auth_comp_id 
_pdbx_struct_sheet_hbond.range_1_auth_asym_id 
_pdbx_struct_sheet_hbond.range_1_auth_seq_id 
_pdbx_struct_sheet_hbond.range_2_label_atom_id 
_pdbx_struct_sheet_hbond.range_2_label_comp_id 
_pdbx_struct_sheet_hbond.range_2_label_asym_id 
_pdbx_struct_sheet_hbond.range_2_label_seq_id 
_pdbx_struct_sheet_hbond.range_2_PDB_ins_code 
_pdbx_struct_sheet_hbond.range_2_auth_atom_id 
_pdbx_struct_sheet_hbond.range_2_auth_comp_id 
_pdbx_struct_sheet_hbond.range_2_auth_asym_id 
_pdbx_struct_sheet_hbond.range_2_auth_seq_id 
AA1 1 2 N GLY A 19  ? N GLY A 19  O VAL A 31  ? O VAL A 31  
AA1 2 3 N THR A 32  ? N THR A 32  O THR A 40  ? O THR A 40  
AA1 3 4 N GLY A 41  ? N GLY A 41  O LEU A 56  ? O LEU A 56  
AA1 4 5 N THR A 57  ? N THR A 57  O THR A 76  ? O THR A 76  
AA1 5 6 N TRP A 79  ? N TRP A 79  O SER A 88  ? O SER A 88  
AA1 6 7 N VAL A 97  ? N VAL A 97  O ARG A 103 ? O ARG A 103 
AA1 7 8 N LEU A 110 ? N LEU A 110 O LEU A 124 ? O LEU A 124 
AA1 8 9 O THR A 131 ? O THR A 131 N TYR A 22  ? N TYR A 22  
# 
loop_
_struct_site.id 
_struct_site.pdbx_evidence_code 
_struct_site.pdbx_auth_asym_id 
_struct_site.pdbx_auth_comp_id 
_struct_site.pdbx_auth_seq_id 
_struct_site.pdbx_auth_ins_code 
_struct_site.pdbx_num_residues 
_struct_site.details 
AC1 Software A S18 201 ? 16 'binding site for residue S18 A 201' 
AC2 Software A CU  202 ? 1  'binding site for residue CU A 202'  
AC3 Software A GOL 203 ? 9  'binding site for residue GOL A 203' 
# 
loop_
_struct_site_gen.id 
_struct_site_gen.site_id 
_struct_site_gen.pdbx_num_res 
_struct_site_gen.label_comp_id 
_struct_site_gen.label_asym_id 
_struct_site_gen.label_seq_id 
_struct_site_gen.pdbx_auth_ins_code 
_struct_site_gen.auth_comp_id 
_struct_site_gen.auth_asym_id 
_struct_site_gen.auth_seq_id 
_struct_site_gen.label_atom_id 
_struct_site_gen.label_alt_id 
_struct_site_gen.symmetry 
_struct_site_gen.details 
1  AC1 16 ASN A 23  ? ASN A 23  . ? 1_555  ? 
2  AC1 16 LEU A 25  ? LEU A 25  . ? 1_555  ? 
3  AC1 16 SER A 27  ? SER A 27  . ? 1_555  ? 
4  AC1 16 TYR A 43  ? TYR A 43  . ? 1_555  ? 
5  AC1 16 SER A 45  ? SER A 45  . ? 1_555  ? 
6  AC1 16 VAL A 47  ? VAL A 47  . ? 1_555  ? 
7  AC1 16 GLY A 48  ? GLY A 48  . ? 1_555  ? 
8  AC1 16 ASN A 49  ? ASN A 49  . ? 1_555  ? 
9  AC1 16 TRP A 79  ? TRP A 79  . ? 1_555  ? 
10 AC1 16 ALA A 86  ? ALA A 86  . ? 1_555  ? 
11 AC1 16 SER A 88  ? SER A 88  . ? 1_555  ? 
12 AC1 16 THR A 90  ? THR A 90  . ? 1_555  ? 
13 AC1 16 TRP A 108 ? TRP A 108 . ? 1_555  ? 
14 AC1 16 SER A 112 ? SER A 112 . ? 1_555  ? 
15 AC1 16 ASP A 128 ? ASP A 128 . ? 1_555  ? 
16 AC1 16 GOL D .   ? GOL A 203 . ? 1_555  ? 
17 AC2 1  HIS A 87  ? HIS A 87  . ? 5_554  ? 
18 AC3 9  VAL A 47  ? VAL A 47  . ? 1_555  ? 
19 AC3 9  GLY A 48  ? GLY A 48  . ? 1_555  ? 
20 AC3 9  ALA A 117 ? ALA A 117 . ? 10_665 ? 
21 AC3 9  ASN A 118 ? ASN A 118 . ? 10_665 ? 
22 AC3 9  TRP A 120 ? TRP A 120 . ? 10_665 ? 
23 AC3 9  LYS A 121 ? LYS A 121 . ? 10_665 ? 
24 AC3 9  S18 B .   ? S18 A 201 . ? 1_555  ? 
25 AC3 9  HOH E .   ? HOH A 303 . ? 1_555  ? 
26 AC3 9  HOH E .   ? HOH A 304 . ? 1_555  ? 
# 
loop_
_pdbx_validate_close_contact.id 
_pdbx_validate_close_contact.PDB_model_num 
_pdbx_validate_close_contact.auth_atom_id_1 
_pdbx_validate_close_contact.auth_asym_id_1 
_pdbx_validate_close_contact.auth_comp_id_1 
_pdbx_validate_close_contact.auth_seq_id_1 
_pdbx_validate_close_contact.PDB_ins_code_1 
_pdbx_validate_close_contact.label_alt_id_1 
_pdbx_validate_close_contact.auth_atom_id_2 
_pdbx_validate_close_contact.auth_asym_id_2 
_pdbx_validate_close_contact.auth_comp_id_2 
_pdbx_validate_close_contact.auth_seq_id_2 
_pdbx_validate_close_contact.PDB_ins_code_2 
_pdbx_validate_close_contact.label_alt_id_2 
_pdbx_validate_close_contact.dist 
1 1 OE1 A GLU 44 ? ? O A HOH 301 ? ? 2.04 
2 1 OE2 A GLU 44 ? ? O A HOH 301 ? ? 2.11 
# 
_pdbx_validate_symm_contact.id                1 
_pdbx_validate_symm_contact.PDB_model_num     1 
_pdbx_validate_symm_contact.auth_atom_id_1    O 
_pdbx_validate_symm_contact.auth_asym_id_1    A 
_pdbx_validate_symm_contact.auth_comp_id_1    HOH 
_pdbx_validate_symm_contact.auth_seq_id_1     406 
_pdbx_validate_symm_contact.PDB_ins_code_1    ? 
_pdbx_validate_symm_contact.label_alt_id_1    ? 
_pdbx_validate_symm_contact.site_symmetry_1   1_555 
_pdbx_validate_symm_contact.auth_atom_id_2    O 
_pdbx_validate_symm_contact.auth_asym_id_2    A 
_pdbx_validate_symm_contact.auth_comp_id_2    HOH 
_pdbx_validate_symm_contact.auth_seq_id_2     406 
_pdbx_validate_symm_contact.PDB_ins_code_2    ? 
_pdbx_validate_symm_contact.label_alt_id_2    ? 
_pdbx_validate_symm_contact.site_symmetry_2   5_554 
_pdbx_validate_symm_contact.dist              1.32 
# 
loop_
_pdbx_validate_rmsd_bond.id 
_pdbx_validate_rmsd_bond.PDB_model_num 
_pdbx_validate_rmsd_bond.auth_atom_id_1 
_pdbx_validate_rmsd_bond.auth_asym_id_1 
_pdbx_validate_rmsd_bond.auth_comp_id_1 
_pdbx_validate_rmsd_bond.auth_seq_id_1 
_pdbx_validate_rmsd_bond.PDB_ins_code_1 
_pdbx_validate_rmsd_bond.label_alt_id_1 
_pdbx_validate_rmsd_bond.auth_atom_id_2 
_pdbx_validate_rmsd_bond.auth_asym_id_2 
_pdbx_validate_rmsd_bond.auth_comp_id_2 
_pdbx_validate_rmsd_bond.auth_seq_id_2 
_pdbx_validate_rmsd_bond.PDB_ins_code_2 
_pdbx_validate_rmsd_bond.label_alt_id_2 
_pdbx_validate_rmsd_bond.bond_value 
_pdbx_validate_rmsd_bond.bond_target_value 
_pdbx_validate_rmsd_bond.bond_deviation 
_pdbx_validate_rmsd_bond.bond_standard_deviation 
_pdbx_validate_rmsd_bond.linker_flag 
1 1 CB A ASP 36  ? ? CG  A ASP 36  ? ? 1.679 1.513 0.166  0.021 N 
2 1 CB A GLU 51  ? ? CG  A GLU 51  ? ? 1.398 1.517 -0.119 0.019 N 
3 1 CD A GLN 107 ? B OE1 A GLN 107 ? B 1.408 1.235 0.173  0.022 N 
# 
loop_
_pdbx_validate_rmsd_angle.id 
_pdbx_validate_rmsd_angle.PDB_model_num 
_pdbx_validate_rmsd_angle.auth_atom_id_1 
_pdbx_validate_rmsd_angle.auth_asym_id_1 
_pdbx_validate_rmsd_angle.auth_comp_id_1 
_pdbx_validate_rmsd_angle.auth_seq_id_1 
_pdbx_validate_rmsd_angle.PDB_ins_code_1 
_pdbx_validate_rmsd_angle.label_alt_id_1 
_pdbx_validate_rmsd_angle.auth_atom_id_2 
_pdbx_validate_rmsd_angle.auth_asym_id_2 
_pdbx_validate_rmsd_angle.auth_comp_id_2 
_pdbx_validate_rmsd_angle.auth_seq_id_2 
_pdbx_validate_rmsd_angle.PDB_ins_code_2 
_pdbx_validate_rmsd_angle.label_alt_id_2 
_pdbx_validate_rmsd_angle.auth_atom_id_3 
_pdbx_validate_rmsd_angle.auth_asym_id_3 
_pdbx_validate_rmsd_angle.auth_comp_id_3 
_pdbx_validate_rmsd_angle.auth_seq_id_3 
_pdbx_validate_rmsd_angle.PDB_ins_code_3 
_pdbx_validate_rmsd_angle.label_alt_id_3 
_pdbx_validate_rmsd_angle.angle_value 
_pdbx_validate_rmsd_angle.angle_target_value 
_pdbx_validate_rmsd_angle.angle_deviation 
_pdbx_validate_rmsd_angle.angle_standard_deviation 
_pdbx_validate_rmsd_angle.linker_flag 
1 1 NE A ARG 59  ? ? CZ A ARG 59  ? ? NH2 A ARG 59  ? ? 116.69 120.30 -3.61 0.50 N 
2 1 CB A ASP 61  ? ? CG A ASP 61  ? ? OD1 A ASP 61  ? ? 112.26 118.30 -6.04 0.90 N 
3 1 NE A ARG 103 ? ? CZ A ARG 103 ? ? NH1 A ARG 103 ? ? 117.23 120.30 -3.07 0.50 N 
4 1 NE A ARG 103 ? ? CZ A ARG 103 ? ? NH2 A ARG 103 ? ? 123.85 120.30 3.55  0.50 N 
5 1 CB A ASP 128 ? ? CG A ASP 128 ? ? OD2 A ASP 128 ? ? 112.67 118.30 -5.63 0.90 N 
# 
loop_
_pdbx_validate_torsion.id 
_pdbx_validate_torsion.PDB_model_num 
_pdbx_validate_torsion.auth_comp_id 
_pdbx_validate_torsion.auth_asym_id 
_pdbx_validate_torsion.auth_seq_id 
_pdbx_validate_torsion.PDB_ins_code 
_pdbx_validate_torsion.label_alt_id 
_pdbx_validate_torsion.phi 
_pdbx_validate_torsion.psi 
1 1 SER A 52  ? ? 64.14   -152.79 
2 1 GLU A 101 ? ? -116.07 65.37   
# 
_pdbx_validate_peptide_omega.id               1 
_pdbx_validate_peptide_omega.PDB_model_num    1 
_pdbx_validate_peptide_omega.auth_comp_id_1   VAL 
_pdbx_validate_peptide_omega.auth_asym_id_1   A 
_pdbx_validate_peptide_omega.auth_seq_id_1    133 
_pdbx_validate_peptide_omega.PDB_ins_code_1   ? 
_pdbx_validate_peptide_omega.label_alt_id_1   ? 
_pdbx_validate_peptide_omega.auth_comp_id_2   LYS 
_pdbx_validate_peptide_omega.auth_asym_id_2   A 
_pdbx_validate_peptide_omega.auth_seq_id_2    134 
_pdbx_validate_peptide_omega.PDB_ins_code_2   ? 
_pdbx_validate_peptide_omega.label_alt_id_2   ? 
_pdbx_validate_peptide_omega.omega            145.50 
# 
_pdbx_struct_special_symmetry.id              1 
_pdbx_struct_special_symmetry.PDB_model_num   1 
_pdbx_struct_special_symmetry.auth_asym_id    A 
_pdbx_struct_special_symmetry.auth_comp_id    HOH 
_pdbx_struct_special_symmetry.auth_seq_id     318 
_pdbx_struct_special_symmetry.PDB_ins_code    ? 
_pdbx_struct_special_symmetry.label_asym_id   E 
_pdbx_struct_special_symmetry.label_comp_id   HOH 
_pdbx_struct_special_symmetry.label_seq_id    . 
# 
loop_
_pdbx_unobs_or_zero_occ_residues.id 
_pdbx_unobs_or_zero_occ_residues.PDB_model_num 
_pdbx_unobs_or_zero_occ_residues.polymer_flag 
_pdbx_unobs_or_zero_occ_residues.occupancy_flag 
_pdbx_unobs_or_zero_occ_residues.auth_asym_id 
_pdbx_unobs_or_zero_occ_residues.auth_comp_id 
_pdbx_unobs_or_zero_occ_residues.auth_seq_id 
_pdbx_unobs_or_zero_occ_residues.PDB_ins_code 
_pdbx_unobs_or_zero_occ_residues.label_asym_id 
_pdbx_unobs_or_zero_occ_residues.label_comp_id 
_pdbx_unobs_or_zero_occ_residues.label_seq_id 
1  1 Y 1 A MET 1   ? A MET 1   
2  1 Y 1 A ALA 2   ? A ALA 2   
3  1 Y 1 A SER 3   ? A SER 3   
4  1 Y 1 A MET 4   ? A MET 4   
5  1 Y 1 A THR 5   ? A THR 5   
6  1 Y 1 A GLY 6   ? A GLY 6   
7  1 Y 1 A GLY 7   ? A GLY 7   
8  1 Y 1 A GLN 8   ? A GLN 8   
9  1 Y 1 A GLN 9   ? A GLN 9   
10 1 Y 1 A MET 10  ? A MET 10  
11 1 Y 1 A GLY 11  ? A GLY 11  
12 1 Y 1 A PRO 135 ? A PRO 135 
13 1 Y 1 A SER 136 ? A SER 136 
14 1 Y 1 A ALA 137 ? A ALA 137 
15 1 Y 1 A ALA 138 ? A ALA 138 
16 1 Y 1 A SER 139 ? A SER 139 
17 1 Y 1 A ILE 140 ? A ILE 140 
18 1 Y 1 A ASP 141 ? A ASP 141 
19 1 Y 1 A ALA 142 ? A ALA 142 
20 1 Y 1 A ALA 143 ? A ALA 143 
21 1 Y 1 A LYS 144 ? A LYS 144 
22 1 Y 1 A LYS 145 ? A LYS 145 
23 1 Y 1 A ALA 146 ? A ALA 146 
24 1 Y 1 A GLY 147 ? A GLY 147 
25 1 Y 1 A VAL 148 ? A VAL 148 
26 1 Y 1 A ASN 149 ? A ASN 149 
27 1 Y 1 A ASN 150 ? A ASN 150 
28 1 Y 1 A GLY 151 ? A GLY 151 
29 1 Y 1 A ASN 152 ? A ASN 152 
30 1 Y 1 A PRO 153 ? A PRO 153 
31 1 Y 1 A LEU 154 ? A LEU 154 
32 1 Y 1 A ASP 155 ? A ASP 155 
33 1 Y 1 A ALA 156 ? A ALA 156 
34 1 Y 1 A VAL 157 ? A VAL 157 
35 1 Y 1 A GLN 158 ? A GLN 158 
36 1 Y 1 A GLN 159 ? A GLN 159 
# 
loop_
_chem_comp_atom.comp_id 
_chem_comp_atom.atom_id 
_chem_comp_atom.type_symbol 
_chem_comp_atom.pdbx_aromatic_flag 
_chem_comp_atom.pdbx_stereo_config 
_chem_comp_atom.pdbx_ordinal 
ALA N    N  N N 1   
ALA CA   C  N S 2   
ALA C    C  N N 3   
ALA O    O  N N 4   
ALA CB   C  N N 5   
ALA OXT  O  N N 6   
ALA H    H  N N 7   
ALA H2   H  N N 8   
ALA HA   H  N N 9   
ALA HB1  H  N N 10  
ALA HB2  H  N N 11  
ALA HB3  H  N N 12  
ALA HXT  H  N N 13  
ARG N    N  N N 14  
ARG CA   C  N S 15  
ARG C    C  N N 16  
ARG O    O  N N 17  
ARG CB   C  N N 18  
ARG CG   C  N N 19  
ARG CD   C  N N 20  
ARG NE   N  N N 21  
ARG CZ   C  N N 22  
ARG NH1  N  N N 23  
ARG NH2  N  N N 24  
ARG OXT  O  N N 25  
ARG H    H  N N 26  
ARG H2   H  N N 27  
ARG HA   H  N N 28  
ARG HB2  H  N N 29  
ARG HB3  H  N N 30  
ARG HG2  H  N N 31  
ARG HG3  H  N N 32  
ARG HD2  H  N N 33  
ARG HD3  H  N N 34  
ARG HE   H  N N 35  
ARG HH11 H  N N 36  
ARG HH12 H  N N 37  
ARG HH21 H  N N 38  
ARG HH22 H  N N 39  
ARG HXT  H  N N 40  
ASN N    N  N N 41  
ASN CA   C  N S 42  
ASN C    C  N N 43  
ASN O    O  N N 44  
ASN CB   C  N N 45  
ASN CG   C  N N 46  
ASN OD1  O  N N 47  
ASN ND2  N  N N 48  
ASN OXT  O  N N 49  
ASN H    H  N N 50  
ASN H2   H  N N 51  
ASN HA   H  N N 52  
ASN HB2  H  N N 53  
ASN HB3  H  N N 54  
ASN HD21 H  N N 55  
ASN HD22 H  N N 56  
ASN HXT  H  N N 57  
ASP N    N  N N 58  
ASP CA   C  N S 59  
ASP C    C  N N 60  
ASP O    O  N N 61  
ASP CB   C  N N 62  
ASP CG   C  N N 63  
ASP OD1  O  N N 64  
ASP OD2  O  N N 65  
ASP OXT  O  N N 66  
ASP H    H  N N 67  
ASP H2   H  N N 68  
ASP HA   H  N N 69  
ASP HB2  H  N N 70  
ASP HB3  H  N N 71  
ASP HD2  H  N N 72  
ASP HXT  H  N N 73  
CU  CU   CU N N 74  
GLN N    N  N N 75  
GLN CA   C  N S 76  
GLN C    C  N N 77  
GLN O    O  N N 78  
GLN CB   C  N N 79  
GLN CG   C  N N 80  
GLN CD   C  N N 81  
GLN OE1  O  N N 82  
GLN NE2  N  N N 83  
GLN OXT  O  N N 84  
GLN H    H  N N 85  
GLN H2   H  N N 86  
GLN HA   H  N N 87  
GLN HB2  H  N N 88  
GLN HB3  H  N N 89  
GLN HG2  H  N N 90  
GLN HG3  H  N N 91  
GLN HE21 H  N N 92  
GLN HE22 H  N N 93  
GLN HXT  H  N N 94  
GLU N    N  N N 95  
GLU CA   C  N S 96  
GLU C    C  N N 97  
GLU O    O  N N 98  
GLU CB   C  N N 99  
GLU CG   C  N N 100 
GLU CD   C  N N 101 
GLU OE1  O  N N 102 
GLU OE2  O  N N 103 
GLU OXT  O  N N 104 
GLU H    H  N N 105 
GLU H2   H  N N 106 
GLU HA   H  N N 107 
GLU HB2  H  N N 108 
GLU HB3  H  N N 109 
GLU HG2  H  N N 110 
GLU HG3  H  N N 111 
GLU HE2  H  N N 112 
GLU HXT  H  N N 113 
GLY N    N  N N 114 
GLY CA   C  N N 115 
GLY C    C  N N 116 
GLY O    O  N N 117 
GLY OXT  O  N N 118 
GLY H    H  N N 119 
GLY H2   H  N N 120 
GLY HA2  H  N N 121 
GLY HA3  H  N N 122 
GLY HXT  H  N N 123 
GOL C1   C  N N 124 
GOL O1   O  N N 125 
GOL C2   C  N N 126 
GOL O2   O  N N 127 
GOL C3   C  N N 128 
GOL O3   O  N N 129 
GOL H11  H  N N 130 
GOL H12  H  N N 131 
GOL HO1  H  N N 132 
GOL H2   H  N N 133 
GOL HO2  H  N N 134 
GOL H31  H  N N 135 
GOL H32  H  N N 136 
GOL HO3  H  N N 137 
HIS N    N  N N 138 
HIS CA   C  N S 139 
HIS C    C  N N 140 
HIS O    O  N N 141 
HIS CB   C  N N 142 
HIS CG   C  Y N 143 
HIS ND1  N  Y N 144 
HIS CD2  C  Y N 145 
HIS CE1  C  Y N 146 
HIS NE2  N  Y N 147 
HIS OXT  O  N N 148 
HIS H    H  N N 149 
HIS H2   H  N N 150 
HIS HA   H  N N 151 
HIS HB2  H  N N 152 
HIS HB3  H  N N 153 
HIS HD1  H  N N 154 
HIS HD2  H  N N 155 
HIS HE1  H  N N 156 
HIS HE2  H  N N 157 
HIS HXT  H  N N 158 
HOH O    O  N N 159 
HOH H1   H  N N 160 
HOH H2   H  N N 161 
ILE N    N  N N 162 
ILE CA   C  N S 163 
ILE C    C  N N 164 
ILE O    O  N N 165 
ILE CB   C  N S 166 
ILE CG1  C  N N 167 
ILE CG2  C  N N 168 
ILE CD1  C  N N 169 
ILE OXT  O  N N 170 
ILE H    H  N N 171 
ILE H2   H  N N 172 
ILE HA   H  N N 173 
ILE HB   H  N N 174 
ILE HG12 H  N N 175 
ILE HG13 H  N N 176 
ILE HG21 H  N N 177 
ILE HG22 H  N N 178 
ILE HG23 H  N N 179 
ILE HD11 H  N N 180 
ILE HD12 H  N N 181 
ILE HD13 H  N N 182 
ILE HXT  H  N N 183 
LEU N    N  N N 184 
LEU CA   C  N S 185 
LEU C    C  N N 186 
LEU O    O  N N 187 
LEU CB   C  N N 188 
LEU CG   C  N N 189 
LEU CD1  C  N N 190 
LEU CD2  C  N N 191 
LEU OXT  O  N N 192 
LEU H    H  N N 193 
LEU H2   H  N N 194 
LEU HA   H  N N 195 
LEU HB2  H  N N 196 
LEU HB3  H  N N 197 
LEU HG   H  N N 198 
LEU HD11 H  N N 199 
LEU HD12 H  N N 200 
LEU HD13 H  N N 201 
LEU HD21 H  N N 202 
LEU HD22 H  N N 203 
LEU HD23 H  N N 204 
LEU HXT  H  N N 205 
LYS N    N  N N 206 
LYS CA   C  N S 207 
LYS C    C  N N 208 
LYS O    O  N N 209 
LYS CB   C  N N 210 
LYS CG   C  N N 211 
LYS CD   C  N N 212 
LYS CE   C  N N 213 
LYS NZ   N  N N 214 
LYS OXT  O  N N 215 
LYS H    H  N N 216 
LYS H2   H  N N 217 
LYS HA   H  N N 218 
LYS HB2  H  N N 219 
LYS HB3  H  N N 220 
LYS HG2  H  N N 221 
LYS HG3  H  N N 222 
LYS HD2  H  N N 223 
LYS HD3  H  N N 224 
LYS HE2  H  N N 225 
LYS HE3  H  N N 226 
LYS HZ1  H  N N 227 
LYS HZ2  H  N N 228 
LYS HZ3  H  N N 229 
LYS HXT  H  N N 230 
MET N    N  N N 231 
MET CA   C  N S 232 
MET C    C  N N 233 
MET O    O  N N 234 
MET CB   C  N N 235 
MET CG   C  N N 236 
MET SD   S  N N 237 
MET CE   C  N N 238 
MET OXT  O  N N 239 
MET H    H  N N 240 
MET H2   H  N N 241 
MET HA   H  N N 242 
MET HB2  H  N N 243 
MET HB3  H  N N 244 
MET HG2  H  N N 245 
MET HG3  H  N N 246 
MET HE1  H  N N 247 
MET HE2  H  N N 248 
MET HE3  H  N N 249 
MET HXT  H  N N 250 
PHE N    N  N N 251 
PHE CA   C  N S 252 
PHE C    C  N N 253 
PHE O    O  N N 254 
PHE CB   C  N N 255 
PHE CG   C  Y N 256 
PHE CD1  C  Y N 257 
PHE CD2  C  Y N 258 
PHE CE1  C  Y N 259 
PHE CE2  C  Y N 260 
PHE CZ   C  Y N 261 
PHE OXT  O  N N 262 
PHE H    H  N N 263 
PHE H2   H  N N 264 
PHE HA   H  N N 265 
PHE HB2  H  N N 266 
PHE HB3  H  N N 267 
PHE HD1  H  N N 268 
PHE HD2  H  N N 269 
PHE HE1  H  N N 270 
PHE HE2  H  N N 271 
PHE HZ   H  N N 272 
PHE HXT  H  N N 273 
PRO N    N  N N 274 
PRO CA   C  N S 275 
PRO C    C  N N 276 
PRO O    O  N N 277 
PRO CB   C  N N 278 
PRO CG   C  N N 279 
PRO CD   C  N N 280 
PRO OXT  O  N N 281 
PRO H    H  N N 282 
PRO HA   H  N N 283 
PRO HB2  H  N N 284 
PRO HB3  H  N N 285 
PRO HG2  H  N N 286 
PRO HG3  H  N N 287 
PRO HD2  H  N N 288 
PRO HD3  H  N N 289 
PRO HXT  H  N N 290 
S18 O1   O  N N 291 
S18 C1   C  N N 292 
S18 N2   N  N N 293 
S18 N1   N  N N 294 
S18 C2   C  N R 295 
S18 C4   C  N S 296 
S18 C3   C  N N 297 
S18 S1   S  N N 298 
S18 C5   C  N S 299 
S18 C6   C  N N 300 
S18 C7   C  N N 301 
S18 C8   C  N N 302 
S18 C9   C  N N 303 
S18 C10  C  N N 304 
S18 O2   O  N N 305 
S18 N3   N  N N 306 
S18 C11  C  N N 307 
S18 C12  C  N N 308 
S18 C13  C  N N 309 
S18 C14  C  N N 310 
S18 C15  C  Y N 311 
S18 C19  C  Y N 312 
S18 C18  C  Y N 313 
S18 C17  C  Y N 314 
S18 C16  C  Y N 315 
S18 N5   N  Y N 316 
S18 CU1  CU N N 317 
S18 N7   N  N N 318 
S18 N8   N  N N 319 
S18 N9   N  N N 320 
S18 N4   N  N N 321 
S18 C20  C  N N 322 
S18 C21  C  N N 323 
S18 C22  C  Y N 324 
S18 N6   N  Y N 325 
S18 C26  C  Y N 326 
S18 C25  C  Y N 327 
S18 C24  C  Y N 328 
S18 C23  C  Y N 329 
S18 H1   H  N N 330 
S18 H2   H  N N 331 
S18 H3   H  N N 332 
S18 H4   H  N N 333 
S18 H5   H  N N 334 
S18 H6   H  N N 335 
S18 H7   H  N N 336 
S18 H8   H  N N 337 
S18 H9   H  N N 338 
S18 H10  H  N N 339 
S18 H11  H  N N 340 
S18 H12  H  N N 341 
S18 H13  H  N N 342 
S18 H14  H  N N 343 
S18 H15  H  N N 344 
S18 H16  H  N N 345 
S18 H17  H  N N 346 
S18 H18  H  N N 347 
S18 H19  H  N N 348 
S18 H20  H  N N 349 
S18 H21  H  N N 350 
S18 H22  H  N N 351 
S18 H23  H  N N 352 
S18 H24  H  N N 353 
S18 H25  H  N N 354 
S18 H26  H  N N 355 
S18 H27  H  N N 356 
S18 H28  H  N N 357 
S18 H29  H  N N 358 
S18 H30  H  N N 359 
S18 H31  H  N N 360 
S18 H32  H  N N 361 
S18 H33  H  N N 362 
S18 H34  H  N N 363 
S18 H35  H  N N 364 
S18 H36  H  N N 365 
S18 H37  H  N N 366 
SER N    N  N N 367 
SER CA   C  N S 368 
SER C    C  N N 369 
SER O    O  N N 370 
SER CB   C  N N 371 
SER OG   O  N N 372 
SER OXT  O  N N 373 
SER H    H  N N 374 
SER H2   H  N N 375 
SER HA   H  N N 376 
SER HB2  H  N N 377 
SER HB3  H  N N 378 
SER HG   H  N N 379 
SER HXT  H  N N 380 
THR N    N  N N 381 
THR CA   C  N S 382 
THR C    C  N N 383 
THR O    O  N N 384 
THR CB   C  N R 385 
THR OG1  O  N N 386 
THR CG2  C  N N 387 
THR OXT  O  N N 388 
THR H    H  N N 389 
THR H2   H  N N 390 
THR HA   H  N N 391 
THR HB   H  N N 392 
THR HG1  H  N N 393 
THR HG21 H  N N 394 
THR HG22 H  N N 395 
THR HG23 H  N N 396 
THR HXT  H  N N 397 
TRP N    N  N N 398 
TRP CA   C  N S 399 
TRP C    C  N N 400 
TRP O    O  N N 401 
TRP CB   C  N N 402 
TRP CG   C  Y N 403 
TRP CD1  C  Y N 404 
TRP CD2  C  Y N 405 
TRP NE1  N  Y N 406 
TRP CE2  C  Y N 407 
TRP CE3  C  Y N 408 
TRP CZ2  C  Y N 409 
TRP CZ3  C  Y N 410 
TRP CH2  C  Y N 411 
TRP OXT  O  N N 412 
TRP H    H  N N 413 
TRP H2   H  N N 414 
TRP HA   H  N N 415 
TRP HB2  H  N N 416 
TRP HB3  H  N N 417 
TRP HD1  H  N N 418 
TRP HE1  H  N N 419 
TRP HE3  H  N N 420 
TRP HZ2  H  N N 421 
TRP HZ3  H  N N 422 
TRP HH2  H  N N 423 
TRP HXT  H  N N 424 
TYR N    N  N N 425 
TYR CA   C  N S 426 
TYR C    C  N N 427 
TYR O    O  N N 428 
TYR CB   C  N N 429 
TYR CG   C  Y N 430 
TYR CD1  C  Y N 431 
TYR CD2  C  Y N 432 
TYR CE1  C  Y N 433 
TYR CE2  C  Y N 434 
TYR CZ   C  Y N 435 
TYR OH   O  N N 436 
TYR OXT  O  N N 437 
TYR H    H  N N 438 
TYR H2   H  N N 439 
TYR HA   H  N N 440 
TYR HB2  H  N N 441 
TYR HB3  H  N N 442 
TYR HD1  H  N N 443 
TYR HD2  H  N N 444 
TYR HE1  H  N N 445 
TYR HE2  H  N N 446 
TYR HH   H  N N 447 
TYR HXT  H  N N 448 
VAL N    N  N N 449 
VAL CA   C  N S 450 
VAL C    C  N N 451 
VAL O    O  N N 452 
VAL CB   C  N N 453 
VAL CG1  C  N N 454 
VAL CG2  C  N N 455 
VAL OXT  O  N N 456 
VAL H    H  N N 457 
VAL H2   H  N N 458 
VAL HA   H  N N 459 
VAL HB   H  N N 460 
VAL HG11 H  N N 461 
VAL HG12 H  N N 462 
VAL HG13 H  N N 463 
VAL HG21 H  N N 464 
VAL HG22 H  N N 465 
VAL HG23 H  N N 466 
VAL HXT  H  N N 467 
# 
loop_
_chem_comp_bond.comp_id 
_chem_comp_bond.atom_id_1 
_chem_comp_bond.atom_id_2 
_chem_comp_bond.value_order 
_chem_comp_bond.pdbx_aromatic_flag 
_chem_comp_bond.pdbx_stereo_config 
_chem_comp_bond.pdbx_ordinal 
ALA N   CA   sing N N 1   
ALA N   H    sing N N 2   
ALA N   H2   sing N N 3   
ALA CA  C    sing N N 4   
ALA CA  CB   sing N N 5   
ALA CA  HA   sing N N 6   
ALA C   O    doub N N 7   
ALA C   OXT  sing N N 8   
ALA CB  HB1  sing N N 9   
ALA CB  HB2  sing N N 10  
ALA CB  HB3  sing N N 11  
ALA OXT HXT  sing N N 12  
ARG N   CA   sing N N 13  
ARG N   H    sing N N 14  
ARG N   H2   sing N N 15  
ARG CA  C    sing N N 16  
ARG CA  CB   sing N N 17  
ARG CA  HA   sing N N 18  
ARG C   O    doub N N 19  
ARG C   OXT  sing N N 20  
ARG CB  CG   sing N N 21  
ARG CB  HB2  sing N N 22  
ARG CB  HB3  sing N N 23  
ARG CG  CD   sing N N 24  
ARG CG  HG2  sing N N 25  
ARG CG  HG3  sing N N 26  
ARG CD  NE   sing N N 27  
ARG CD  HD2  sing N N 28  
ARG CD  HD3  sing N N 29  
ARG NE  CZ   sing N N 30  
ARG NE  HE   sing N N 31  
ARG CZ  NH1  sing N N 32  
ARG CZ  NH2  doub N N 33  
ARG NH1 HH11 sing N N 34  
ARG NH1 HH12 sing N N 35  
ARG NH2 HH21 sing N N 36  
ARG NH2 HH22 sing N N 37  
ARG OXT HXT  sing N N 38  
ASN N   CA   sing N N 39  
ASN N   H    sing N N 40  
ASN N   H2   sing N N 41  
ASN CA  C    sing N N 42  
ASN CA  CB   sing N N 43  
ASN CA  HA   sing N N 44  
ASN C   O    doub N N 45  
ASN C   OXT  sing N N 46  
ASN CB  CG   sing N N 47  
ASN CB  HB2  sing N N 48  
ASN CB  HB3  sing N N 49  
ASN CG  OD1  doub N N 50  
ASN CG  ND2  sing N N 51  
ASN ND2 HD21 sing N N 52  
ASN ND2 HD22 sing N N 53  
ASN OXT HXT  sing N N 54  
ASP N   CA   sing N N 55  
ASP N   H    sing N N 56  
ASP N   H2   sing N N 57  
ASP CA  C    sing N N 58  
ASP CA  CB   sing N N 59  
ASP CA  HA   sing N N 60  
ASP C   O    doub N N 61  
ASP C   OXT  sing N N 62  
ASP CB  CG   sing N N 63  
ASP CB  HB2  sing N N 64  
ASP CB  HB3  sing N N 65  
ASP CG  OD1  doub N N 66  
ASP CG  OD2  sing N N 67  
ASP OD2 HD2  sing N N 68  
ASP OXT HXT  sing N N 69  
GLN N   CA   sing N N 70  
GLN N   H    sing N N 71  
GLN N   H2   sing N N 72  
GLN CA  C    sing N N 73  
GLN CA  CB   sing N N 74  
GLN CA  HA   sing N N 75  
GLN C   O    doub N N 76  
GLN C   OXT  sing N N 77  
GLN CB  CG   sing N N 78  
GLN CB  HB2  sing N N 79  
GLN CB  HB3  sing N N 80  
GLN CG  CD   sing N N 81  
GLN CG  HG2  sing N N 82  
GLN CG  HG3  sing N N 83  
GLN CD  OE1  doub N N 84  
GLN CD  NE2  sing N N 85  
GLN NE2 HE21 sing N N 86  
GLN NE2 HE22 sing N N 87  
GLN OXT HXT  sing N N 88  
GLU N   CA   sing N N 89  
GLU N   H    sing N N 90  
GLU N   H2   sing N N 91  
GLU CA  C    sing N N 92  
GLU CA  CB   sing N N 93  
GLU CA  HA   sing N N 94  
GLU C   O    doub N N 95  
GLU C   OXT  sing N N 96  
GLU CB  CG   sing N N 97  
GLU CB  HB2  sing N N 98  
GLU CB  HB3  sing N N 99  
GLU CG  CD   sing N N 100 
GLU CG  HG2  sing N N 101 
GLU CG  HG3  sing N N 102 
GLU CD  OE1  doub N N 103 
GLU CD  OE2  sing N N 104 
GLU OE2 HE2  sing N N 105 
GLU OXT HXT  sing N N 106 
GLY N   CA   sing N N 107 
GLY N   H    sing N N 108 
GLY N   H2   sing N N 109 
GLY CA  C    sing N N 110 
GLY CA  HA2  sing N N 111 
GLY CA  HA3  sing N N 112 
GLY C   O    doub N N 113 
GLY C   OXT  sing N N 114 
GLY OXT HXT  sing N N 115 
GOL C1  O1   sing N N 116 
GOL C1  C2   sing N N 117 
GOL C1  H11  sing N N 118 
GOL C1  H12  sing N N 119 
GOL O1  HO1  sing N N 120 
GOL C2  O2   sing N N 121 
GOL C2  C3   sing N N 122 
GOL C2  H2   sing N N 123 
GOL O2  HO2  sing N N 124 
GOL C3  O3   sing N N 125 
GOL C3  H31  sing N N 126 
GOL C3  H32  sing N N 127 
GOL O3  HO3  sing N N 128 
HIS N   CA   sing N N 129 
HIS N   H    sing N N 130 
HIS N   H2   sing N N 131 
HIS CA  C    sing N N 132 
HIS CA  CB   sing N N 133 
HIS CA  HA   sing N N 134 
HIS C   O    doub N N 135 
HIS C   OXT  sing N N 136 
HIS CB  CG   sing N N 137 
HIS CB  HB2  sing N N 138 
HIS CB  HB3  sing N N 139 
HIS CG  ND1  sing Y N 140 
HIS CG  CD2  doub Y N 141 
HIS ND1 CE1  doub Y N 142 
HIS ND1 HD1  sing N N 143 
HIS CD2 NE2  sing Y N 144 
HIS CD2 HD2  sing N N 145 
HIS CE1 NE2  sing Y N 146 
HIS CE1 HE1  sing N N 147 
HIS NE2 HE2  sing N N 148 
HIS OXT HXT  sing N N 149 
HOH O   H1   sing N N 150 
HOH O   H2   sing N N 151 
ILE N   CA   sing N N 152 
ILE N   H    sing N N 153 
ILE N   H2   sing N N 154 
ILE CA  C    sing N N 155 
ILE CA  CB   sing N N 156 
ILE CA  HA   sing N N 157 
ILE C   O    doub N N 158 
ILE C   OXT  sing N N 159 
ILE CB  CG1  sing N N 160 
ILE CB  CG2  sing N N 161 
ILE CB  HB   sing N N 162 
ILE CG1 CD1  sing N N 163 
ILE CG1 HG12 sing N N 164 
ILE CG1 HG13 sing N N 165 
ILE CG2 HG21 sing N N 166 
ILE CG2 HG22 sing N N 167 
ILE CG2 HG23 sing N N 168 
ILE CD1 HD11 sing N N 169 
ILE CD1 HD12 sing N N 170 
ILE CD1 HD13 sing N N 171 
ILE OXT HXT  sing N N 172 
LEU N   CA   sing N N 173 
LEU N   H    sing N N 174 
LEU N   H2   sing N N 175 
LEU CA  C    sing N N 176 
LEU CA  CB   sing N N 177 
LEU CA  HA   sing N N 178 
LEU C   O    doub N N 179 
LEU C   OXT  sing N N 180 
LEU CB  CG   sing N N 181 
LEU CB  HB2  sing N N 182 
LEU CB  HB3  sing N N 183 
LEU CG  CD1  sing N N 184 
LEU CG  CD2  sing N N 185 
LEU CG  HG   sing N N 186 
LEU CD1 HD11 sing N N 187 
LEU CD1 HD12 sing N N 188 
LEU CD1 HD13 sing N N 189 
LEU CD2 HD21 sing N N 190 
LEU CD2 HD22 sing N N 191 
LEU CD2 HD23 sing N N 192 
LEU OXT HXT  sing N N 193 
LYS N   CA   sing N N 194 
LYS N   H    sing N N 195 
LYS N   H2   sing N N 196 
LYS CA  C    sing N N 197 
LYS CA  CB   sing N N 198 
LYS CA  HA   sing N N 199 
LYS C   O    doub N N 200 
LYS C   OXT  sing N N 201 
LYS CB  CG   sing N N 202 
LYS CB  HB2  sing N N 203 
LYS CB  HB3  sing N N 204 
LYS CG  CD   sing N N 205 
LYS CG  HG2  sing N N 206 
LYS CG  HG3  sing N N 207 
LYS CD  CE   sing N N 208 
LYS CD  HD2  sing N N 209 
LYS CD  HD3  sing N N 210 
LYS CE  NZ   sing N N 211 
LYS CE  HE2  sing N N 212 
LYS CE  HE3  sing N N 213 
LYS NZ  HZ1  sing N N 214 
LYS NZ  HZ2  sing N N 215 
LYS NZ  HZ3  sing N N 216 
LYS OXT HXT  sing N N 217 
MET N   CA   sing N N 218 
MET N   H    sing N N 219 
MET N   H2   sing N N 220 
MET CA  C    sing N N 221 
MET CA  CB   sing N N 222 
MET CA  HA   sing N N 223 
MET C   O    doub N N 224 
MET C   OXT  sing N N 225 
MET CB  CG   sing N N 226 
MET CB  HB2  sing N N 227 
MET CB  HB3  sing N N 228 
MET CG  SD   sing N N 229 
MET CG  HG2  sing N N 230 
MET CG  HG3  sing N N 231 
MET SD  CE   sing N N 232 
MET CE  HE1  sing N N 233 
MET CE  HE2  sing N N 234 
MET CE  HE3  sing N N 235 
MET OXT HXT  sing N N 236 
PHE N   CA   sing N N 237 
PHE N   H    sing N N 238 
PHE N   H2   sing N N 239 
PHE CA  C    sing N N 240 
PHE CA  CB   sing N N 241 
PHE CA  HA   sing N N 242 
PHE C   O    doub N N 243 
PHE C   OXT  sing N N 244 
PHE CB  CG   sing N N 245 
PHE CB  HB2  sing N N 246 
PHE CB  HB3  sing N N 247 
PHE CG  CD1  doub Y N 248 
PHE CG  CD2  sing Y N 249 
PHE CD1 CE1  sing Y N 250 
PHE CD1 HD1  sing N N 251 
PHE CD2 CE2  doub Y N 252 
PHE CD2 HD2  sing N N 253 
PHE CE1 CZ   doub Y N 254 
PHE CE1 HE1  sing N N 255 
PHE CE2 CZ   sing Y N 256 
PHE CE2 HE2  sing N N 257 
PHE CZ  HZ   sing N N 258 
PHE OXT HXT  sing N N 259 
PRO N   CA   sing N N 260 
PRO N   CD   sing N N 261 
PRO N   H    sing N N 262 
PRO CA  C    sing N N 263 
PRO CA  CB   sing N N 264 
PRO CA  HA   sing N N 265 
PRO C   O    doub N N 266 
PRO C   OXT  sing N N 267 
PRO CB  CG   sing N N 268 
PRO CB  HB2  sing N N 269 
PRO CB  HB3  sing N N 270 
PRO CG  CD   sing N N 271 
PRO CG  HG2  sing N N 272 
PRO CG  HG3  sing N N 273 
PRO CD  HD2  sing N N 274 
PRO CD  HD3  sing N N 275 
PRO OXT HXT  sing N N 276 
S18 C24 C25  doub Y N 277 
S18 C24 C23  sing Y N 278 
S18 C25 C26  sing Y N 279 
S18 C23 N6   doub Y N 280 
S18 C26 C22  doub Y N 281 
S18 N6  C22  sing Y N 282 
S18 N6  CU1  sing N N 283 
S18 N9  N8   doub N N 284 
S18 N8  N7   doub N N 285 
S18 N7  CU1  sing N N 286 
S18 C22 C21  sing N N 287 
S18 CU1 N5   sing N N 288 
S18 CU1 N4   sing N N 289 
S18 C16 C17  doub Y N 290 
S18 C16 N5   sing Y N 291 
S18 C17 C18  sing Y N 292 
S18 N5  C15  doub Y N 293 
S18 C21 C20  sing N N 294 
S18 C18 C19  doub Y N 295 
S18 C15 C19  sing Y N 296 
S18 C15 C14  sing N N 297 
S18 N4  C20  sing N N 298 
S18 N4  C12  sing N N 299 
S18 N4  C13  sing N N 300 
S18 C12 C11  sing N N 301 
S18 C14 C13  sing N N 302 
S18 O2  C10  doub N N 303 
S18 C10 N3   sing N N 304 
S18 C10 C9   sing N N 305 
S18 C11 N3   sing N N 306 
S18 C9  C8   sing N N 307 
S18 C8  C7   sing N N 308 
S18 C7  C6   sing N N 309 
S18 C6  C5   sing N N 310 
S18 C5  C4   sing N N 311 
S18 C5  S1   sing N N 312 
S18 N2  C4   sing N N 313 
S18 N2  C1   sing N N 314 
S18 C4  C2   sing N N 315 
S18 S1  C3   sing N N 316 
S18 C1  O1   doub N N 317 
S18 C1  N1   sing N N 318 
S18 C2  C3   sing N N 319 
S18 C2  N1   sing N N 320 
S18 N2  H1   sing N N 321 
S18 N1  H2   sing N N 322 
S18 C2  H3   sing N N 323 
S18 C4  H4   sing N N 324 
S18 C3  H5   sing N N 325 
S18 C3  H6   sing N N 326 
S18 C5  H7   sing N N 327 
S18 C6  H8   sing N N 328 
S18 C6  H9   sing N N 329 
S18 C7  H10  sing N N 330 
S18 C7  H11  sing N N 331 
S18 C8  H12  sing N N 332 
S18 C8  H13  sing N N 333 
S18 C9  H14  sing N N 334 
S18 C9  H15  sing N N 335 
S18 N3  H16  sing N N 336 
S18 C11 H17  sing N N 337 
S18 C11 H18  sing N N 338 
S18 C12 H19  sing N N 339 
S18 C12 H20  sing N N 340 
S18 C13 H21  sing N N 341 
S18 C13 H22  sing N N 342 
S18 C14 H23  sing N N 343 
S18 C14 H24  sing N N 344 
S18 C19 H25  sing N N 345 
S18 C18 H26  sing N N 346 
S18 C17 H27  sing N N 347 
S18 C16 H28  sing N N 348 
S18 N9  H29  sing N N 349 
S18 C20 H30  sing N N 350 
S18 C20 H31  sing N N 351 
S18 C21 H32  sing N N 352 
S18 C21 H33  sing N N 353 
S18 C26 H34  sing N N 354 
S18 C25 H35  sing N N 355 
S18 C24 H36  sing N N 356 
S18 C23 H37  sing N N 357 
SER N   CA   sing N N 358 
SER N   H    sing N N 359 
SER N   H2   sing N N 360 
SER CA  C    sing N N 361 
SER CA  CB   sing N N 362 
SER CA  HA   sing N N 363 
SER C   O    doub N N 364 
SER C   OXT  sing N N 365 
SER CB  OG   sing N N 366 
SER CB  HB2  sing N N 367 
SER CB  HB3  sing N N 368 
SER OG  HG   sing N N 369 
SER OXT HXT  sing N N 370 
THR N   CA   sing N N 371 
THR N   H    sing N N 372 
THR N   H2   sing N N 373 
THR CA  C    sing N N 374 
THR CA  CB   sing N N 375 
THR CA  HA   sing N N 376 
THR C   O    doub N N 377 
THR C   OXT  sing N N 378 
THR CB  OG1  sing N N 379 
THR CB  CG2  sing N N 380 
THR CB  HB   sing N N 381 
THR OG1 HG1  sing N N 382 
THR CG2 HG21 sing N N 383 
THR CG2 HG22 sing N N 384 
THR CG2 HG23 sing N N 385 
THR OXT HXT  sing N N 386 
TRP N   CA   sing N N 387 
TRP N   H    sing N N 388 
TRP N   H2   sing N N 389 
TRP CA  C    sing N N 390 
TRP CA  CB   sing N N 391 
TRP CA  HA   sing N N 392 
TRP C   O    doub N N 393 
TRP C   OXT  sing N N 394 
TRP CB  CG   sing N N 395 
TRP CB  HB2  sing N N 396 
TRP CB  HB3  sing N N 397 
TRP CG  CD1  doub Y N 398 
TRP CG  CD2  sing Y N 399 
TRP CD1 NE1  sing Y N 400 
TRP CD1 HD1  sing N N 401 
TRP CD2 CE2  doub Y N 402 
TRP CD2 CE3  sing Y N 403 
TRP NE1 CE2  sing Y N 404 
TRP NE1 HE1  sing N N 405 
TRP CE2 CZ2  sing Y N 406 
TRP CE3 CZ3  doub Y N 407 
TRP CE3 HE3  sing N N 408 
TRP CZ2 CH2  doub Y N 409 
TRP CZ2 HZ2  sing N N 410 
TRP CZ3 CH2  sing Y N 411 
TRP CZ3 HZ3  sing N N 412 
TRP CH2 HH2  sing N N 413 
TRP OXT HXT  sing N N 414 
TYR N   CA   sing N N 415 
TYR N   H    sing N N 416 
TYR N   H2   sing N N 417 
TYR CA  C    sing N N 418 
TYR CA  CB   sing N N 419 
TYR CA  HA   sing N N 420 
TYR C   O    doub N N 421 
TYR C   OXT  sing N N 422 
TYR CB  CG   sing N N 423 
TYR CB  HB2  sing N N 424 
TYR CB  HB3  sing N N 425 
TYR CG  CD1  doub Y N 426 
TYR CG  CD2  sing Y N 427 
TYR CD1 CE1  sing Y N 428 
TYR CD1 HD1  sing N N 429 
TYR CD2 CE2  doub Y N 430 
TYR CD2 HD2  sing N N 431 
TYR CE1 CZ   doub Y N 432 
TYR CE1 HE1  sing N N 433 
TYR CE2 CZ   sing Y N 434 
TYR CE2 HE2  sing N N 435 
TYR CZ  OH   sing N N 436 
TYR OH  HH   sing N N 437 
TYR OXT HXT  sing N N 438 
VAL N   CA   sing N N 439 
VAL N   H    sing N N 440 
VAL N   H2   sing N N 441 
VAL CA  C    sing N N 442 
VAL CA  CB   sing N N 443 
VAL CA  HA   sing N N 444 
VAL C   O    doub N N 445 
VAL C   OXT  sing N N 446 
VAL CB  CG1  sing N N 447 
VAL CB  CG2  sing N N 448 
VAL CB  HB   sing N N 449 
VAL CG1 HG11 sing N N 450 
VAL CG1 HG12 sing N N 451 
VAL CG1 HG13 sing N N 452 
VAL CG2 HG21 sing N N 453 
VAL CG2 HG22 sing N N 454 
VAL CG2 HG23 sing N N 455 
VAL OXT HXT  sing N N 456 
# 
_pdbx_audit_support.funding_organization   
'National Institutes of Health/National Institute of General Medical Sciences (NIH/NIGMS)' 
_pdbx_audit_support.country                'United States' 
_pdbx_audit_support.grant_number           GM50781-21S1 
_pdbx_audit_support.ordinal                1 
# 
_atom_sites.entry_id                    5VKX 
_atom_sites.fract_transf_matrix[1][1]   -0.00424280 
_atom_sites.fract_transf_matrix[1][2]   0.01273790 
_atom_sites.fract_transf_matrix[1][3]   0.01087697 
_atom_sites.fract_transf_matrix[2][1]   0.01650625 
_atom_sites.fract_transf_matrix[2][2]   0.00127232 
_atom_sites.fract_transf_matrix[2][3]   0.00494862 
_atom_sites.fract_transf_matrix[3][1]   0.00089341 
_atom_sites.fract_transf_matrix[3][2]   0.00364175 
_atom_sites.fract_transf_matrix[3][3]   -0.00391632 
_atom_sites.fract_transf_vector[1]      0.240654 
_atom_sites.fract_transf_vector[2]      0.425366 
_atom_sites.fract_transf_vector[3]      -0.010168 
# 
loop_
_atom_type.symbol 
C  
CU 
N  
O  
S  
# 
loop_
_atom_site.group_PDB 
_atom_site.id 
_atom_site.type_symbol 
_atom_site.label_atom_id 
_atom_site.label_alt_id 
_atom_site.label_comp_id 
_atom_site.label_asym_id 
_atom_site.label_entity_id 
_atom_site.label_seq_id 
_atom_site.pdbx_PDB_ins_code 
_atom_site.Cartn_x 
_atom_site.Cartn_y 
_atom_site.Cartn_z 
_atom_site.occupancy 
_atom_site.B_iso_or_equiv 
_atom_site.pdbx_formal_charge 
_atom_site.auth_seq_id 
_atom_site.auth_comp_id 
_atom_site.auth_asym_id 
_atom_site.auth_atom_id 
_atom_site.pdbx_PDB_model_num 
ATOM   1    N  N   . ARG A 1 12  ? 3.303   5.802   -18.791 1.00 39.79  ? 12  ARG A N   1 
ATOM   2    C  CA  . ARG A 1 12  ? 2.753   4.695   -18.076 1.00 35.86  ? 12  ARG A CA  1 
ATOM   3    C  C   . ARG A 1 12  ? 3.654   3.570   -17.603 1.00 35.75  ? 12  ARG A C   1 
ATOM   4    O  O   . ARG A 1 12  ? 4.495   2.946   -18.256 1.00 33.97  ? 12  ARG A O   1 
ATOM   5    C  CB  . ARG A 1 12  ? 1.308   4.299   -18.353 1.00 26.93  ? 12  ARG A CB  1 
ATOM   6    C  CG  . ARG A 1 12  ? 0.996   2.805   -18.621 1.00 29.51  ? 12  ARG A CG  1 
ATOM   7    C  CD  . ARG A 1 12  ? -0.557  2.804   -18.350 1.00 39.91  ? 12  ARG A CD  1 
ATOM   8    N  NE  . ARG A 1 12  ? -1.281  2.018   -19.353 1.00 39.00  ? 12  ARG A NE  1 
ATOM   9    C  CZ  . ARG A 1 12  ? -1.356  2.348   -20.653 1.00 46.99  ? 12  ARG A CZ  1 
ATOM   10   N  NH1 . ARG A 1 12  ? -2.023  1.554   -21.511 1.00 58.29  ? 12  ARG A NH1 1 
ATOM   11   N  NH2 . ARG A 1 12  ? -0.747  3.440   -21.112 1.00 41.46  ? 12  ARG A NH2 1 
ATOM   12   N  N   . ASP A 1 13  ? 3.353   3.345   -16.339 1.00 31.60  ? 13  ASP A N   1 
ATOM   13   C  CA  . ASP A 1 13  ? 4.045   2.482   -15.448 1.00 27.45  ? 13  ASP A CA  1 
ATOM   14   C  C   . ASP A 1 13  ? 3.187   1.354   -15.119 1.00 28.13  ? 13  ASP A C   1 
ATOM   15   O  O   . ASP A 1 13  ? 3.428   0.705   -14.095 1.00 25.44  ? 13  ASP A O   1 
ATOM   16   C  CB  . ASP A 1 13  ? 4.354   3.326   -14.217 1.00 28.45  ? 13  ASP A CB  1 
ATOM   17   C  CG  . ASP A 1 13  ? 5.135   4.535   -14.556 1.00 29.59  ? 13  ASP A CG  1 
ATOM   18   O  OD1 . ASP A 1 13  ? 6.269   4.454   -15.194 1.00 31.42  ? 13  ASP A OD1 1 
ATOM   19   O  OD2 . ASP A 1 13  ? 4.655   5.609   -14.235 1.00 25.92  ? 13  ASP A OD2 1 
ATOM   20   N  N   . GLU A 1 14  ? 2.138   1.015   -15.893 1.00 26.90  ? 14  GLU A N   1 
ATOM   21   C  CA  . GLU A 1 14  ? 1.367   -0.197  -15.659 1.00 27.88  ? 14  GLU A CA  1 
ATOM   22   C  C   . GLU A 1 14  ? 2.295   -1.435  -15.489 1.00 29.10  ? 14  GLU A C   1 
ATOM   23   O  O   . GLU A 1 14  ? 2.220   -2.198  -14.512 1.00 23.93  ? 14  GLU A O   1 
ATOM   24   C  CB  . GLU A 1 14  ? 0.345   -0.389  -16.812 1.00 26.91  ? 14  GLU A CB  1 
ATOM   25   C  CG  . GLU A 1 14  ? -0.568  -1.530  -16.646 1.00 31.95  ? 14  GLU A CG  1 
ATOM   26   C  CD  . GLU A 1 14  ? -1.634  -1.629  -17.760 1.00 30.15  ? 14  GLU A CD  1 
ATOM   27   O  OE1 . GLU A 1 14  ? -2.329  -2.686  -17.752 1.00 43.39  ? 14  GLU A OE1 1 
ATOM   28   O  OE2 . GLU A 1 14  ? -1.659  -0.746  -18.653 1.00 34.46  ? 14  GLU A OE2 1 
ATOM   29   N  N   . ALA A 1 15  ? 3.238   -1.649  -16.434 1.00 30.13  ? 15  ALA A N   1 
ATOM   30   C  CA  . ALA A 1 15  ? 4.125   -2.781  -16.286 1.00 30.90  ? 15  ALA A CA  1 
ATOM   31   C  C   . ALA A 1 15  ? 5.193   -2.667  -15.119 1.00 25.69  ? 15  ALA A C   1 
ATOM   32   O  O   . ALA A 1 15  ? 5.426   -3.714  -14.409 1.00 29.93  ? 15  ALA A O   1 
ATOM   33   C  CB  . ALA A 1 15  ? 4.816   -3.064  -17.635 1.00 34.80  ? 15  ALA A CB  1 
ATOM   34   N  N   . GLY A 1 16  ? 5.647   -1.431  -14.839 1.00 22.87  ? 16  GLY A N   1 
ATOM   35   C  CA  . GLY A 1 16  ? 6.613   -1.170  -13.794 1.00 20.64  ? 16  GLY A CA  1 
ATOM   36   C  C   . GLY A 1 16  ? 6.000   -1.437  -12.386 1.00 20.24  ? 16  GLY A C   1 
ATOM   37   O  O   . GLY A 1 16  ? 6.647   -1.979  -11.532 1.00 21.34  ? 16  GLY A O   1 
ATOM   38   N  N   . ILE A 1 17  ? 4.726   -1.099  -12.224 1.00 17.69  ? 17  ILE A N   1 
ATOM   39   C  CA  . ILE A 1 17  ? 4.069   -1.256  -10.900 1.00 16.81  ? 17  ILE A CA  1 
ATOM   40   C  C   . ILE A 1 17  ? 3.600   -2.622  -10.666 1.00 16.02  ? 17  ILE A C   1 
ATOM   41   O  O   . ILE A 1 17  ? 3.622   -3.221  -9.558  1.00 15.70  ? 17  ILE A O   1 
ATOM   42   C  CB  . ILE A 1 17  ? 2.897   -0.218  -10.754 1.00 18.43  ? 17  ILE A CB  1 
ATOM   43   C  CG1 . ILE A 1 17  ? 3.441   1.206   -10.723 1.00 19.18  ? 17  ILE A CG1 1 
ATOM   44   C  CG2 . ILE A 1 17  ? 2.019   -0.580  -9.512  1.00 17.39  ? 17  ILE A CG2 1 
ATOM   45   C  CD1 . ILE A 1 17  ? 2.334   2.236   -10.969 1.00 20.25  ? 17  ILE A CD1 1 
ATOM   46   N  N   . THR A 1 18  ? 3.015   -3.295  -11.680 1.00 16.88  ? 18  THR A N   1 
ATOM   47   C  CA  . THR A 1 18  ? 2.437   -4.627  -11.530 1.00 16.99  ? 18  THR A CA  1 
ATOM   48   C  C   . THR A 1 18  ? 3.449   -5.628  -11.074 1.00 16.46  ? 18  THR A C   1 
ATOM   49   O  O   . THR A 1 18  ? 4.628   -5.690  -11.609 1.00 20.48  ? 18  THR A O   1 
ATOM   50   C  CB  . THR A 1 18  ? 1.844   -5.101  -12.883 1.00 18.40  ? 18  THR A CB  1 
ATOM   51   O  OG1 . THR A 1 18  ? 0.681   -4.308  -13.183 1.00 18.67  ? 18  THR A OG1 1 
ATOM   52   C  CG2 . THR A 1 18  ? 1.416   -6.575  -12.794 1.00 19.29  ? 18  THR A CG2 1 
ATOM   53   N  N   . GLY A 1 19  ? 3.094   -6.414  -10.066 1.00 15.73  ? 19  GLY A N   1 
ATOM   54   C  CA  . GLY A 1 19  ? 4.015   -7.493  -9.536  1.00 17.58  ? 19  GLY A CA  1 
ATOM   55   C  C   . GLY A 1 19  ? 4.077   -7.533  -8.020  1.00 15.60  ? 19  GLY A C   1 
ATOM   56   O  O   . GLY A 1 19  ? 3.159   -6.959  -7.336  1.00 15.93  ? 19  GLY A O   1 
ATOM   57   N  N   . THR A 1 20  ? 5.139   -8.052  -7.480  1.00 17.27  ? 20  THR A N   1 
ATOM   58   C  CA  . THR A 1 20  ? 5.250   -8.389  -6.072  1.00 15.77  ? 20  THR A CA  1 
ATOM   59   C  C   . THR A 1 20  ? 6.310   -7.448  -5.518  1.00 16.70  ? 20  THR A C   1 
ATOM   60   O  O   . THR A 1 20  ? 7.361   -7.093  -6.164  1.00 18.33  ? 20  THR A O   1 
ATOM   61   C  CB  . THR A 1 20  ? 5.813   -9.809  -5.867  1.00 17.37  ? 20  THR A CB  1 
ATOM   62   O  OG1 . THR A 1 20  ? 4.852   -10.691 -6.401  1.00 19.46  ? 20  THR A OG1 1 
ATOM   63   C  CG2 . THR A 1 20  ? 5.948   -10.085 -4.365  1.00 19.27  ? 20  THR A CG2 1 
ATOM   64   N  N   . TRP A 1 21  ? 6.014   -6.745  -4.370  1.00 14.02  ? 21  TRP A N   1 
ATOM   65   C  CA  . TRP A 1 21  ? 6.846   -5.820  -3.682  1.00 15.05  ? 21  TRP A CA  1 
ATOM   66   C  C   . TRP A 1 21  ? 6.963   -6.156  -2.226  1.00 13.41  ? 21  TRP A C   1 
ATOM   67   O  O   . TRP A 1 21  ? 6.132   -6.820  -1.671  1.00 14.96  ? 21  TRP A O   1 
ATOM   68   C  CB  . TRP A 1 21  ? 6.207   -4.406  -3.835  1.00 15.51  ? 21  TRP A CB  1 
ATOM   69   C  CG  . TRP A 1 21  ? 6.122   -3.834  -5.194  1.00 14.39  ? 21  TRP A CG  1 
ATOM   70   C  CD1 . TRP A 1 21  ? 5.103   -4.050  -6.066  1.00 16.01  ? 21  TRP A CD1 1 
ATOM   71   C  CD2 . TRP A 1 21  ? 7.008   -2.969  -5.840  1.00 14.16  ? 21  TRP A CD2 1 
ATOM   72   N  NE1 . TRP A 1 21  ? 5.322   -3.349  -7.266  1.00 16.00  ? 21  TRP A NE1 1 
ATOM   73   C  CE2 . TRP A 1 21  ? 6.506   -2.695  -7.117  1.00 15.39  ? 21  TRP A CE2 1 
ATOM   74   C  CE3 . TRP A 1 21  ? 8.239   -2.382  -5.463  1.00 15.12  ? 21  TRP A CE3 1 
ATOM   75   C  CZ2 . TRP A 1 21  ? 7.166   -1.815  -8.007  1.00 16.14  ? 21  TRP A CZ2 1 
ATOM   76   C  CZ3 . TRP A 1 21  ? 8.840   -1.502  -6.329  1.00 15.76  ? 21  TRP A CZ3 1 
ATOM   77   C  CH2 . TRP A 1 21  ? 8.337   -1.275  -7.582  1.00 16.67  ? 21  TRP A CH2 1 
ATOM   78   N  N   . TYR A 1 22  ? 8.150   -5.800  -1.664  1.00 13.48  ? 22  TYR A N   1 
ATOM   79   C  CA  . TYR A 1 22  ? 8.430   -6.113  -0.319  1.00 14.84  ? 22  TYR A CA  1 
ATOM   80   C  C   . TYR A 1 22  ? 8.914   -4.846  0.458   1.00 14.80  ? 22  TYR A C   1 
ATOM   81   O  O   . TYR A 1 22  ? 9.601   -4.021  -0.115  1.00 14.90  ? 22  TYR A O   1 
ATOM   82   C  CB  . TYR A 1 22  ? 9.669   -7.109  -0.235  1.00 17.19  ? 22  TYR A CB  1 
ATOM   83   C  CG  . TYR A 1 22  ? 9.448   -8.360  -1.089  1.00 16.07  ? 22  TYR A CG  1 
ATOM   84   C  CD1 . TYR A 1 22  ? 8.736   -9.396  -0.640  1.00 17.40  ? 22  TYR A CD1 1 
ATOM   85   C  CD2 . TYR A 1 22  ? 9.923   -8.360  -2.410  1.00 18.09  ? 22  TYR A CD2 1 
ATOM   86   C  CE1 . TYR A 1 22  ? 8.584   -10.590 -1.457  1.00 17.82  ? 22  TYR A CE1 1 
ATOM   87   C  CE2 . TYR A 1 22  ? 9.732   -9.430  -3.263  1.00 16.64  ? 22  TYR A CE2 1 
ATOM   88   C  CZ  . TYR A 1 22  ? 9.164   -10.528 -2.720  1.00 16.33  ? 22  TYR A CZ  1 
ATOM   89   O  OH  . TYR A 1 22  ? 8.899   -11.710 -3.514  1.00 19.06  ? 22  TYR A OH  1 
ATOM   90   N  N   . ASN A 1 23  ? 8.467   -4.652  1.730   1.00 14.40  ? 23  ASN A N   1 
ATOM   91   C  CA  . ASN A 1 23  ? 8.911   -3.476  2.483   1.00 13.42  ? 23  ASN A CA  1 
ATOM   92   C  C   . ASN A 1 23  ? 9.938   -3.808  3.532   1.00 15.87  ? 23  ASN A C   1 
ATOM   93   O  O   . ASN A 1 23  ? 10.339  -4.996  3.701   1.00 16.11  ? 23  ASN A O   1 
ATOM   94   C  CB  . ASN A 1 23  ? 7.709   -2.654  3.004   1.00 12.60  ? 23  ASN A CB  1 
ATOM   95   C  CG  . ASN A 1 23  ? 7.060   -3.320  4.158   1.00 12.53  ? 23  ASN A CG  1 
ATOM   96   O  OD1 . ASN A 1 23  ? 7.472   -4.252  4.822   1.00 13.80  ? 23  ASN A OD1 1 
ATOM   97   N  ND2 . ASN A 1 23  ? 5.882   -2.711  4.561   1.00 13.04  ? 23  ASN A ND2 1 
ATOM   98   N  N   . GLN A 1 24  ? 10.357  -2.780  4.274   1.00 14.53  ? 24  GLN A N   1 
ATOM   99   C  CA  . GLN A 1 24  ? 11.476  -2.895  5.264   1.00 16.39  ? 24  GLN A CA  1 
ATOM   100  C  C   . GLN A 1 24  ? 11.058  -3.734  6.462   1.00 17.24  ? 24  GLN A C   1 
ATOM   101  O  O   . GLN A 1 24  ? 11.934  -4.118  7.299   1.00 20.29  ? 24  GLN A O   1 
ATOM   102  C  CB  . GLN A 1 24  ? 11.873  -1.475  5.667   1.00 15.98  ? 24  GLN A CB  1 
ATOM   103  C  CG  . GLN A 1 24  ? 10.982  -0.641  6.613   1.00 16.44  ? 24  GLN A CG  1 
ATOM   104  C  CD  . GLN A 1 24  ? 9.612   -0.278  6.051   1.00 16.35  ? 24  GLN A CD  1 
ATOM   105  O  OE1 . GLN A 1 24  ? 9.401   -0.269  4.846   1.00 16.52  ? 24  GLN A OE1 1 
ATOM   106  N  NE2 . GLN A 1 24  ? 8.713   0.114   6.955   1.00 16.86  ? 24  GLN A NE2 1 
ATOM   107  N  N   . LEU A 1 25  ? 9.790   -4.000  6.651   1.00 14.43  ? 25  LEU A N   1 
ATOM   108  C  CA  . LEU A 1 25  ? 9.280   -4.869  7.762   1.00 16.10  ? 25  LEU A CA  1 
ATOM   109  C  C   . LEU A 1 25  ? 9.191   -6.307  7.300   1.00 18.69  ? 25  LEU A C   1 
ATOM   110  O  O   . LEU A 1 25  ? 8.886   -7.120  8.223   1.00 21.81  ? 25  LEU A O   1 
ATOM   111  C  CB  . LEU A 1 25  ? 7.883   -4.400  8.182   1.00 17.01  ? 25  LEU A CB  1 
ATOM   112  C  CG  . LEU A 1 25  ? 7.776   -2.988  8.735   1.00 19.21  ? 25  LEU A CG  1 
ATOM   113  C  CD1 . LEU A 1 25  ? 6.365   -2.490  8.925   1.00 20.06  ? 25  LEU A CD1 1 
ATOM   114  C  CD2 . LEU A 1 25  ? 8.534   -2.876  10.067  1.00 22.98  ? 25  LEU A CD2 1 
ATOM   115  N  N   . GLY A 1 26  ? 9.409   -6.586  6.045   1.00 16.89  ? 26  GLY A N   1 
ATOM   116  C  CA  . GLY A 1 26  ? 9.194   -7.956  5.503   1.00 18.85  ? 26  GLY A CA  1 
ATOM   117  C  C   . GLY A 1 26  ? 7.772   -8.248  5.055   1.00 19.54  ? 26  GLY A C   1 
ATOM   118  O  O   . GLY A 1 26  ? 7.464   -9.427  4.708   1.00 18.97  ? 26  GLY A O   1 
ATOM   119  N  N   . SER A 1 27  ? 6.873   -7.220  4.967   1.00 14.49  ? 27  SER A N   1 
ATOM   120  C  CA  . SER A 1 27  ? 5.592   -7.414  4.383   1.00 14.10  ? 27  SER A CA  1 
ATOM   121  C  C   . SER A 1 27  ? 5.656   -7.557  2.833   1.00 13.93  ? 27  SER A C   1 
ATOM   122  O  O   . SER A 1 27  ? 6.561   -7.072  2.216   1.00 15.78  ? 27  SER A O   1 
ATOM   123  C  CB  . SER A 1 27  ? 4.710   -6.208  4.796   1.00 15.22  ? 27  SER A CB  1 
ATOM   124  O  OG  . SER A 1 27  ? 4.576   -6.139  6.155   1.00 14.85  ? 27  SER A OG  1 
ATOM   125  N  N   . THR A 1 28  ? 4.610   -8.162  2.272   1.00 15.28  ? 28  THR A N   1 
ATOM   126  C  CA  . THR A 1 28  ? 4.518   -8.472  0.837   1.00 16.90  ? 28  THR A CA  1 
ATOM   127  C  C   . THR A 1 28  ? 3.253   -7.907  0.264   1.00 14.79  ? 28  THR A C   1 
ATOM   128  O  O   . THR A 1 28  ? 2.141   -8.126  0.758   1.00 17.89  ? 28  THR A O   1 
ATOM   129  C  CB  . THR A 1 28  ? 4.386   -10.057 0.639   1.00 18.73  ? 28  THR A CB  1 
ATOM   130  O  OG1 . THR A 1 28  ? 5.480   -10.709 1.221   1.00 23.10  ? 28  THR A OG1 1 
ATOM   131  C  CG2 . THR A 1 28  ? 4.505   -10.401 -0.879  1.00 22.26  ? 28  THR A CG2 1 
ATOM   132  N  N   . PHE A 1 29  ? 3.418   -7.131  -0.809  1.00 13.81  ? 29  PHE A N   1 
ATOM   133  C  CA  . PHE A 1 29  ? 2.363   -6.395  -1.493  1.00 18.87  ? 29  PHE A CA  1 
ATOM   134  C  C   . PHE A 1 29  ? 2.303   -7.009  -2.965  1.00 19.15  ? 29  PHE A C   1 
ATOM   135  O  O   . PHE A 1 29  ? 3.353   -6.850  -3.656  1.00 20.00  ? 29  PHE A O   1 
ATOM   136  C  CB  . PHE A 1 29  ? 2.813   -4.798  -1.392  1.00 19.70  ? 29  PHE A CB  1 
ATOM   137  C  CG  . PHE A 1 29  ? 2.149   -3.901  -2.274  1.00 18.32  ? 29  PHE A CG  1 
ATOM   138  C  CD1 . PHE A 1 29  ? 0.764   -3.803  -2.382  1.00 18.84  ? 29  PHE A CD1 1 
ATOM   139  C  CD2 . PHE A 1 29  ? 2.870   -2.828  -2.934  1.00 17.78  ? 29  PHE A CD2 1 
ATOM   140  C  CE1 . PHE A 1 29  ? 0.170   -2.829  -3.116  1.00 17.49  ? 29  PHE A CE1 1 
ATOM   141  C  CE2 . PHE A 1 29  ? 2.304   -1.952  -3.684  1.00 18.68  ? 29  PHE A CE2 1 
ATOM   142  C  CZ  . PHE A 1 29  ? 0.847   -1.885  -3.830  1.00 16.99  ? 29  PHE A CZ  1 
ATOM   143  N  N   . ILE A 1 30  ? 1.211   -7.588  -3.406  1.00 16.22  ? 30  ILE A N   1 
ATOM   144  C  CA  . ILE A 1 30  ? 1.063   -8.119  -4.715  1.00 18.26  ? 30  ILE A CA  1 
ATOM   145  C  C   . ILE A 1 30  ? 0.006   -7.327  -5.439  1.00 16.45  ? 30  ILE A C   1 
ATOM   146  O  O   . ILE A 1 30  ? -1.101  -7.183  -4.913  1.00 18.78  ? 30  ILE A O   1 
ATOM   147  C  CB  . ILE A 1 30  ? 0.746   -9.636  -4.722  1.00 26.11  ? 30  ILE A CB  1 
ATOM   148  C  CG1 . ILE A 1 30  ? 1.848   -10.353 -3.906  1.00 25.04  ? 30  ILE A CG1 1 
ATOM   149  C  CG2 . ILE A 1 30  ? 0.797   -10.158 -6.149  1.00 29.10  ? 30  ILE A CG2 1 
ATOM   150  C  CD1 . ILE A 1 30  ? 1.554   -11.791 -3.596  1.00 27.83  ? 30  ILE A CD1 1 
ATOM   151  N  N   . VAL A 1 31  ? 0.343   -6.611  -6.514  1.00 15.11  ? 31  VAL A N   1 
ATOM   152  C  CA  . VAL A 1 31  ? -0.580  -5.659  -7.151  1.00 16.98  ? 31  VAL A CA  1 
ATOM   153  C  C   . VAL A 1 31  ? -0.658  -5.860  -8.664  1.00 17.46  ? 31  VAL A C   1 
ATOM   154  O  O   . VAL A 1 31  ? 0.380   -6.166  -9.304  1.00 17.56  ? 31  VAL A O   1 
ATOM   155  C  CB  . VAL A 1 31  ? -0.221  -4.215  -6.776  1.00 16.55  ? 31  VAL A CB  1 
ATOM   156  C  CG1 . VAL A 1 31  ? 1.151   -3.818  -7.351  1.00 18.82  ? 31  VAL A CG1 1 
ATOM   157  C  CG2 . VAL A 1 31  ? -1.367  -3.176  -7.060  1.00 18.03  ? 31  VAL A CG2 1 
ATOM   158  N  N   . THR A 1 32  ? -1.842  -5.615  -9.211  1.00 17.06  ? 32  THR A N   1 
ATOM   159  C  CA  . THR A 1 32  ? -2.010  -5.430  -10.624 1.00 18.51  ? 32  THR A CA  1 
ATOM   160  C  C   . THR A 1 32  ? -2.445  -4.003  -10.909 1.00 17.74  ? 32  THR A C   1 
ATOM   161  O  O   . THR A 1 32  ? -3.461  -3.551  -10.363 1.00 18.31  ? 32  THR A O   1 
ATOM   162  C  CB  . THR A 1 32  ? -3.044  -6.413  -11.200 1.00 22.31  ? 32  THR A CB  1 
ATOM   163  O  OG1 . THR A 1 32  ? -2.525  -7.756  -11.048 1.00 24.15  ? 32  THR A OG1 1 
ATOM   164  C  CG2 . THR A 1 32  ? -3.266  -6.194  -12.726 1.00 25.66  ? 32  THR A CG2 1 
ATOM   165  N  N   . ALA A 1 33  ? -1.751  -3.327  -11.841 1.00 17.23  ? 33  ALA A N   1 
ATOM   166  C  CA  . ALA A 1 33  ? -2.056  -1.963  -12.304 1.00 18.01  ? 33  ALA A CA  1 
ATOM   167  C  C   . ALA A 1 33  ? -2.883  -2.042  -13.572 1.00 20.25  ? 33  ALA A C   1 
ATOM   168  O  O   . ALA A 1 33  ? -2.422  -2.777  -14.496 1.00 22.01  ? 33  ALA A O   1 
ATOM   169  C  CB  . ALA A 1 33  ? -0.835  -1.131  -12.444 1.00 18.69  ? 33  ALA A CB  1 
ATOM   170  N  N   . GLY A 1 34  ? -4.068  -1.517  -13.617 1.00 19.10  ? 34  GLY A N   1 
ATOM   171  C  CA  . GLY A 1 34  ? -4.917  -1.472  -14.832 1.00 19.09  ? 34  GLY A CA  1 
ATOM   172  C  C   . GLY A 1 34  ? -4.592  -0.275  -15.717 1.00 22.61  ? 34  GLY A C   1 
ATOM   173  O  O   . GLY A 1 34  ? -4.064  0.723   -15.293 1.00 20.64  ? 34  GLY A O   1 
ATOM   174  N  N   . ALA A 1 35  ? -4.945  -0.332  -17.028 1.00 21.16  ? 35  ALA A N   1 
ATOM   175  C  CA  . ALA A 1 35  ? -4.639  0.744   -17.957 1.00 22.02  ? 35  ALA A CA  1 
ATOM   176  C  C   . ALA A 1 35  ? -5.238  2.098   -17.654 1.00 26.39  ? 35  ALA A C   1 
ATOM   177  O  O   . ALA A 1 35  ? -4.613  3.125   -18.039 1.00 33.87  ? 35  ALA A O   1 
ATOM   178  C  CB  . ALA A 1 35  ? -5.141  0.329   -19.402 1.00 26.78  ? 35  ALA A CB  1 
ATOM   179  N  N   . ASP A 1 36  ? -6.334  2.034   -16.930 1.00 28.17  ? 36  ASP A N   1 
ATOM   180  C  CA  . ASP A 1 36  ? -7.280  3.065   -16.536 1.00 40.22  ? 36  ASP A CA  1 
ATOM   181  C  C   . ASP A 1 36  ? -6.974  3.661   -15.107 1.00 32.22  ? 36  ASP A C   1 
ATOM   182  O  O   . ASP A 1 36  ? -7.768  4.506   -14.648 1.00 37.88  ? 36  ASP A O   1 
ATOM   183  C  CB  . ASP A 1 36  ? -8.704  2.378   -16.431 1.00 40.68  ? 36  ASP A CB  1 
ATOM   184  C  CG  . ASP A 1 36  ? -8.772  1.090   -15.356 1.00 47.78  ? 36  ASP A CG  1 
ATOM   185  O  OD1 . ASP A 1 36  ? -7.745  0.638   -14.814 1.00 26.80  ? 36  ASP A OD1 1 
ATOM   186  O  OD2 . ASP A 1 36  ? -9.853  0.518   -15.027 1.00 49.20  ? 36  ASP A OD2 1 
ATOM   187  N  N   . GLY A 1 37  ? -5.889  3.253   -14.432 1.00 20.96  ? 37  GLY A N   1 
ATOM   188  C  CA  . GLY A 1 37  ? -5.587  3.821   -13.135 1.00 17.94  ? 37  GLY A CA  1 
ATOM   189  C  C   . GLY A 1 37  ? -5.900  2.873   -12.004 1.00 16.28  ? 37  GLY A C   1 
ATOM   190  O  O   . GLY A 1 37  ? -5.608  3.322   -10.849 1.00 15.45  ? 37  GLY A O   1 
ATOM   191  N  N   . ALA A 1 38  ? -6.488  1.732   -12.160 1.00 16.26  ? 38  ALA A N   1 
ATOM   192  C  CA  . ALA A 1 38  ? -6.818  0.888   -11.000 1.00 14.53  ? 38  ALA A CA  1 
ATOM   193  C  C   . ALA A 1 38  ? -5.661  0.154   -10.443 1.00 17.69  ? 38  ALA A C   1 
ATOM   194  O  O   . ALA A 1 38  ? -4.757  -0.269  -11.185 1.00 16.54  ? 38  ALA A O   1 
ATOM   195  C  CB  . ALA A 1 38  ? -7.885  -0.112  -11.445 1.00 20.93  ? 38  ALA A CB  1 
ATOM   196  N  N   . LEU A 1 39  ? -5.685  -0.094  -9.132  1.00 14.51  ? 39  LEU A N   1 
ATOM   197  C  CA  . LEU A 1 39  ? -4.773  -0.998  -8.447  1.00 14.37  ? 39  LEU A CA  1 
ATOM   198  C  C   . LEU A 1 39  ? -5.589  -1.990  -7.676  1.00 14.23  ? 39  LEU A C   1 
ATOM   199  O  O   . LEU A 1 39  ? -6.545  -1.670  -7.032  1.00 15.09  ? 39  LEU A O   1 
ATOM   200  C  CB  . LEU A 1 39  ? -3.852  -0.323  -7.408  1.00 15.27  ? 39  LEU A CB  1 
ATOM   201  C  CG  . LEU A 1 39  ? -2.933  0.793   -7.963  1.00 15.27  ? 39  LEU A CG  1 
ATOM   202  C  CD1 . LEU A 1 39  ? -2.196  1.440   -6.781  1.00 15.19  ? 39  LEU A CD1 1 
ATOM   203  C  CD2 . LEU A 1 39  ? -1.916  0.286   -8.940  1.00 16.00  ? 39  LEU A CD2 1 
ATOM   204  N  N   . THR A 1 40  ? -5.323  -3.269  -7.895  1.00 14.39  ? 40  THR A N   1 
ATOM   205  C  CA  . THR A 1 40  ? -5.973  -4.348  -7.202  1.00 14.92  ? 40  THR A CA  1 
ATOM   206  C  C   . THR A 1 40  ? -4.968  -5.391  -6.784  1.00 15.72  ? 40  THR A C   1 
ATOM   207  O  O   . THR A 1 40  ? -3.984  -5.677  -7.510  1.00 19.51  ? 40  THR A O   1 
ATOM   208  C  CB  . THR A 1 40  ? -7.021  -5.043  -8.134  1.00 17.05  ? 40  THR A CB  1 
ATOM   209  O  OG1 A THR A 1 40  ? -6.416  -5.556  -9.273  0.50 17.72  ? 40  THR A OG1 1 
ATOM   210  O  OG1 B THR A 1 40  ? -7.707  -4.038  -8.949  0.50 17.30  ? 40  THR A OG1 1 
ATOM   211  C  CG2 A THR A 1 40  ? -8.236  -4.268  -8.438  0.50 15.58  ? 40  THR A CG2 1 
ATOM   212  C  CG2 B THR A 1 40  ? -7.971  -5.729  -7.305  0.50 17.35  ? 40  THR A CG2 1 
ATOM   213  N  N   . GLY A 1 41  ? -5.184  -6.066  -5.644  1.00 13.86  ? 41  GLY A N   1 
ATOM   214  C  CA  . GLY A 1 41  ? -4.243  -7.135  -5.241  1.00 15.71  ? 41  GLY A CA  1 
ATOM   215  C  C   . GLY A 1 41  ? -4.436  -7.615  -3.808  1.00 13.54  ? 41  GLY A C   1 
ATOM   216  O  O   . GLY A 1 41  ? -5.569  -7.516  -3.277  1.00 14.44  ? 41  GLY A O   1 
ATOM   217  N  N   . THR A 1 42  ? -3.322  -7.997  -3.193  1.00 14.10  ? 42  THR A N   1 
ATOM   218  C  CA  . THR A 1 42  ? -3.353  -8.572  -1.842  1.00 13.68  ? 42  THR A CA  1 
ATOM   219  C  C   . THR A 1 42  ? -2.167  -8.024  -1.057  1.00 14.11  ? 42  THR A C   1 
ATOM   220  O  O   . THR A 1 42  ? -1.099  -7.751  -1.647  1.00 15.45  ? 42  THR A O   1 
ATOM   221  C  CB  . THR A 1 42  ? -3.366  -10.119 -1.766  1.00 15.84  ? 42  THR A CB  1 
ATOM   222  O  OG1 . THR A 1 42  ? -2.182  -10.602 -2.351  1.00 18.17  ? 42  THR A OG1 1 
ATOM   223  C  CG2 . THR A 1 42  ? -4.607  -10.601 -2.446  1.00 18.65  ? 42  THR A CG2 1 
ATOM   224  N  N   . TYR A 1 43  ? -2.347  -7.916  0.292   1.00 13.42  ? 43  TYR A N   1 
ATOM   225  C  CA  . TYR A 1 43  ? -1.271  -7.466  1.157   1.00 12.66  ? 43  TYR A CA  1 
ATOM   226  C  C   . TYR A 1 43  ? -1.161  -8.474  2.263   1.00 12.00  ? 43  TYR A C   1 
ATOM   227  O  O   . TYR A 1 43  ? -2.146  -8.934  2.835   1.00 15.34  ? 43  TYR A O   1 
ATOM   228  C  CB  . TYR A 1 43  ? -1.636  -6.055  1.738   1.00 13.35  ? 43  TYR A CB  1 
ATOM   229  C  CG  . TYR A 1 43  ? -0.427  -5.287  2.246   1.00 12.63  ? 43  TYR A CG  1 
ATOM   230  C  CD1 . TYR A 1 43  ? 0.027   -5.527  3.508   1.00 12.60  ? 43  TYR A CD1 1 
ATOM   231  C  CD2 . TYR A 1 43  ? 0.196   -4.315  1.504   1.00 11.36  ? 43  TYR A CD2 1 
ATOM   232  C  CE1 . TYR A 1 43  ? 1.136   -4.873  4.057   1.00 11.64  ? 43  TYR A CE1 1 
ATOM   233  C  CE2 . TYR A 1 43  ? 1.304   -3.644  2.013   1.00 11.49  ? 43  TYR A CE2 1 
ATOM   234  C  CZ  . TYR A 1 43  ? 1.722   -3.899  3.260   1.00 11.29  ? 43  TYR A CZ  1 
ATOM   235  O  OH  . TYR A 1 43  ? 2.846   -3.214  3.702   1.00 12.49  ? 43  TYR A OH  1 
ATOM   236  N  N   . GLU A 1 44  ? 0.082   -8.745  2.658   1.00 12.39  ? 44  GLU A N   1 
ATOM   237  C  CA  . GLU A 1 44  ? 0.324   -9.630  3.802   1.00 12.68  ? 44  GLU A CA  1 
ATOM   238  C  C   . GLU A 1 44  ? 1.363   -8.900  4.687   1.00 13.91  ? 44  GLU A C   1 
ATOM   239  O  O   . GLU A 1 44  ? 2.498   -8.618  4.286   1.00 15.26  ? 44  GLU A O   1 
ATOM   240  C  CB  . GLU A 1 44  ? 1.029   -10.940 3.298   1.00 15.74  ? 44  GLU A CB  1 
ATOM   241  C  CG  . GLU A 1 44  ? 1.233   -11.934 4.404   1.00 19.59  ? 44  GLU A CG  1 
ATOM   242  C  CD  . GLU A 1 44  ? 1.634   -13.331 3.868   1.00 26.61  ? 44  GLU A CD  1 
ATOM   243  O  OE1 . GLU A 1 44  ? 1.788   -14.180 4.823   1.00 32.09  ? 44  GLU A OE1 1 
ATOM   244  O  OE2 . GLU A 1 44  ? 1.717   -13.546 2.661   1.00 28.68  ? 44  GLU A OE2 1 
ATOM   245  N  N   . SER A 1 45  ? 0.958   -8.526  5.908   1.00 14.45  ? 45  SER A N   1 
ATOM   246  C  CA  . SER A 1 45  ? 1.800   -7.830  6.852   1.00 13.68  ? 45  SER A CA  1 
ATOM   247  C  C   . SER A 1 45  ? 2.648   -8.799  7.624   1.00 15.03  ? 45  SER A C   1 
ATOM   248  O  O   . SER A 1 45  ? 2.070   -9.733  8.257   1.00 16.90  ? 45  SER A O   1 
ATOM   249  C  CB  . SER A 1 45  ? 0.938   -6.978  7.802   1.00 12.87  ? 45  SER A CB  1 
ATOM   250  O  OG  . SER A 1 45  ? 1.813   -6.274  8.655   1.00 14.19  ? 45  SER A OG  1 
ATOM   251  N  N   . ALA A 1 46  ? 3.898   -8.456  7.820   1.00 14.41  ? 46  ALA A N   1 
ATOM   252  C  CA  . ALA A 1 46  ? 4.817   -9.202  8.712   1.00 18.10  ? 46  ALA A CA  1 
ATOM   253  C  C   . ALA A 1 46  ? 4.645   -8.827  10.139  1.00 17.24  ? 46  ALA A C   1 
ATOM   254  O  O   . ALA A 1 46  ? 5.148   -9.545  11.049  1.00 17.95  ? 46  ALA A O   1 
ATOM   255  C  CB  . ALA A 1 46  ? 6.237   -8.983  8.345   1.00 20.58  ? 46  ALA A CB  1 
ATOM   256  N  N   . VAL A 1 47  ? 3.859   -7.814  10.477  1.00 16.24  ? 47  VAL A N   1 
ATOM   257  C  CA  . VAL A 1 47  ? 3.676   -7.276  11.861  1.00 15.22  ? 47  VAL A CA  1 
ATOM   258  C  C   . VAL A 1 47  ? 2.224   -6.940  12.154  1.00 15.50  ? 47  VAL A C   1 
ATOM   259  O  O   . VAL A 1 47  ? 1.391   -6.777  11.232  1.00 15.12  ? 47  VAL A O   1 
ATOM   260  C  CB  . VAL A 1 47  ? 4.526   -6.032  12.162  1.00 14.69  ? 47  VAL A CB  1 
ATOM   261  C  CG1 . VAL A 1 47  ? 6.014   -6.292  11.992  1.00 15.73  ? 47  VAL A CG1 1 
ATOM   262  C  CG2 . VAL A 1 47  ? 4.151   -4.838  11.273  1.00 15.46  ? 47  VAL A CG2 1 
ATOM   263  N  N   . GLY A 1 48  ? 1.944   -6.841  13.454  1.00 14.53  ? 48  GLY A N   1 
ATOM   264  C  CA  . GLY A 1 48  ? 0.654   -6.440  13.840  1.00 15.39  ? 48  GLY A CA  1 
ATOM   265  C  C   . GLY A 1 48  ? -0.389  -7.504  13.956  1.00 16.11  ? 48  GLY A C   1 
ATOM   266  O  O   . GLY A 1 48  ? -0.056  -8.686  13.878  1.00 16.34  ? 48  GLY A O   1 
ATOM   267  N  N   . ASN A 1 49  ? -1.659  -7.094  14.111  1.00 14.53  ? 49  ASN A N   1 
ATOM   268  C  CA  . ASN A 1 49  ? -2.797  -8.000  14.327  1.00 16.02  ? 49  ASN A CA  1 
ATOM   269  C  C   . ASN A 1 49  ? -3.305  -8.427  12.933  1.00 15.07  ? 49  ASN A C   1 
ATOM   270  O  O   . ASN A 1 49  ? -4.354  -7.976  12.441  1.00 15.48  ? 49  ASN A O   1 
ATOM   271  C  CB  . ASN A 1 49  ? -3.862  -7.363  15.135  1.00 18.59  ? 49  ASN A CB  1 
ATOM   272  C  CG  . ASN A 1 49  ? -4.969  -8.361  15.542  1.00 19.45  ? 49  ASN A CG  1 
ATOM   273  O  OD1 . ASN A 1 49  ? -4.804  -9.539  15.265  1.00 22.74  ? 49  ASN A OD1 1 
ATOM   274  N  ND2 . ASN A 1 49  ? -6.110  -7.871  15.973  1.00 22.63  ? 49  ASN A ND2 1 
ATOM   275  N  N   . ALA A 1 50  ? -2.583  -9.351  12.290  1.00 14.89  ? 50  ALA A N   1 
ATOM   276  C  CA  . ALA A 1 50  ? -2.689  -9.739  10.894  1.00 15.54  ? 50  ALA A CA  1 
ATOM   277  C  C   . ALA A 1 50  ? -2.172  -11.117 10.667  1.00 16.92  ? 50  ALA A C   1 
ATOM   278  O  O   . ALA A 1 50  ? -1.113  -11.492 11.193  1.00 17.75  ? 50  ALA A O   1 
ATOM   279  C  CB  . ALA A 1 50  ? -2.061  -8.695  9.983   1.00 16.87  ? 50  ALA A CB  1 
ATOM   280  N  N   . GLU A 1 51  ? -2.912  -11.824 9.854   1.00 15.27  ? 51  GLU A N   1 
ATOM   281  C  CA  . GLU A 1 51  ? -2.394  -13.081 9.315   1.00 16.70  ? 51  GLU A CA  1 
ATOM   282  C  C   . GLU A 1 51  ? -2.901  -13.322 7.898   1.00 16.13  ? 51  GLU A C   1 
ATOM   283  O  O   . GLU A 1 51  ? -4.074  -13.080 7.584   1.00 16.74  ? 51  GLU A O   1 
ATOM   284  C  CB  . GLU A 1 51  ? -2.746  -14.206 10.329  1.00 23.44  ? 51  GLU A CB  1 
ATOM   285  C  CG  . GLU A 1 51  ? -3.920  -14.936 10.120  1.00 26.80  ? 51  GLU A CG  1 
ATOM   286  C  CD  . GLU A 1 51  ? -4.168  -16.135 11.105  1.00 28.74  ? 51  GLU A CD  1 
ATOM   287  O  OE1 . GLU A 1 51  ? -4.029  -17.245 10.630  1.00 32.88  ? 51  GLU A OE1 1 
ATOM   288  O  OE2 . GLU A 1 51  ? -4.484  -15.859 12.240  1.00 30.34  ? 51  GLU A OE2 1 
ATOM   289  N  N   . SER A 1 52  ? -2.041  -13.896 7.116   1.00 17.12  ? 52  SER A N   1 
ATOM   290  C  CA  . SER A 1 52  ? -2.315  -14.269 5.738   1.00 17.53  ? 52  SER A CA  1 
ATOM   291  C  C   . SER A 1 52  ? -2.595  -12.994 4.844   1.00 17.38  ? 52  SER A C   1 
ATOM   292  O  O   . SER A 1 52  ? -2.202  -11.902 5.231   1.00 18.06  ? 52  SER A O   1 
ATOM   293  C  CB  . SER A 1 52  ? -3.475  -15.311 5.624   1.00 20.09  ? 52  SER A CB  1 
ATOM   294  O  OG  . SER A 1 52  ? -3.421  -15.864 4.244   1.00 24.97  ? 52  SER A OG  1 
ATOM   295  N  N   . ARG A 1 53  ? -3.371  -13.170 3.780   1.00 15.89  ? 53  ARG A N   1 
ATOM   296  C  CA  . ARG A 1 53  ? -3.544  -12.108 2.807   1.00 14.81  ? 53  ARG A CA  1 
ATOM   297  C  C   . ARG A 1 53  ? -4.860  -11.363 3.107   1.00 14.08  ? 53  ARG A C   1 
ATOM   298  O  O   . ARG A 1 53  ? -5.923  -11.921 3.436   1.00 15.71  ? 53  ARG A O   1 
ATOM   299  C  CB  . ARG A 1 53  ? -3.541  -12.701 1.356   1.00 17.99  ? 53  ARG A CB  1 
ATOM   300  C  CG  . ARG A 1 53  ? -2.170  -13.129 0.847   1.00 22.29  ? 53  ARG A CG  1 
ATOM   301  C  CD  . ARG A 1 53  ? -2.248  -13.858 -0.477  1.00 28.27  ? 53  ARG A CD  1 
ATOM   302  N  NE  . ARG A 1 53  ? -3.152  -15.028 -0.441  1.00 38.66  ? 53  ARG A NE  1 
ATOM   303  C  CZ  . ARG A 1 53  ? -2.878  -16.221 0.104   1.00 57.82  ? 53  ARG A CZ  1 
ATOM   304  N  NH1 . ARG A 1 53  ? -3.811  -17.181 0.051   1.00 62.09  ? 53  ARG A NH1 1 
ATOM   305  N  NH2 . ARG A 1 53  ? -1.712  -16.473 0.716   1.00 60.96  ? 53  ARG A NH2 1 
ATOM   306  N  N   . TYR A 1 54  ? -4.794  -10.061 2.730   1.00 14.01  ? 54  TYR A N   1 
ATOM   307  C  CA  . TYR A 1 54  ? -5.958  -9.176  2.759   1.00 13.40  ? 54  TYR A CA  1 
ATOM   308  C  C   . TYR A 1 54  ? -6.108  -8.452  1.427   1.00 12.37  ? 54  TYR A C   1 
ATOM   309  O  O   . TYR A 1 54  ? -5.150  -8.147  0.724   1.00 14.92  ? 54  TYR A O   1 
ATOM   310  C  CB  . TYR A 1 54  ? -5.730  -8.065  3.854   1.00 12.85  ? 54  TYR A CB  1 
ATOM   311  C  CG  . TYR A 1 54  ? -5.641  -8.657  5.235   1.00 12.24  ? 54  TYR A CG  1 
ATOM   312  C  CD1 . TYR A 1 54  ? -6.720  -8.573  6.156   1.00 13.26  ? 54  TYR A CD1 1 
ATOM   313  C  CD2 . TYR A 1 54  ? -4.410  -9.113  5.715   1.00 12.62  ? 54  TYR A CD2 1 
ATOM   314  C  CE1 . TYR A 1 54  ? -6.634  -9.181  7.422   1.00 13.39  ? 54  TYR A CE1 1 
ATOM   315  C  CE2 . TYR A 1 54  ? -4.338  -9.753  6.972   1.00 12.94  ? 54  TYR A CE2 1 
ATOM   316  C  CZ  . TYR A 1 54  ? -5.416  -9.648  7.827   1.00 13.61  ? 54  TYR A CZ  1 
ATOM   317  O  OH  . TYR A 1 54  ? -5.385  -10.315 9.062   1.00 14.29  ? 54  TYR A OH  1 
ATOM   318  N  N   . VAL A 1 55  ? -7.372  -8.170  1.088   1.00 13.26  ? 55  VAL A N   1 
ATOM   319  C  CA  . VAL A 1 55  ? -7.703  -7.475  -0.155  1.00 14.37  ? 55  VAL A CA  1 
ATOM   320  C  C   . VAL A 1 55  ? -7.140  -6.102  -0.123  1.00 13.57  ? 55  VAL A C   1 
ATOM   321  O  O   . VAL A 1 55  ? -7.331  -5.394  0.887   1.00 13.85  ? 55  VAL A O   1 
ATOM   322  C  CB  . VAL A 1 55  ? -9.250  -7.485  -0.415  1.00 15.67  ? 55  VAL A CB  1 
ATOM   323  C  CG1 . VAL A 1 55  ? -9.597  -6.591  -1.625  1.00 16.01  ? 55  VAL A CG1 1 
ATOM   324  C  CG2 . VAL A 1 55  ? -9.673  -8.910  -0.633  1.00 17.41  ? 55  VAL A CG2 1 
ATOM   325  N  N   . LEU A 1 56  ? -6.588  -5.612  -1.194  1.00 14.12  ? 56  LEU A N   1 
ATOM   326  C  CA  . LEU A 1 56  ? -6.345  -4.175  -1.334  1.00 16.62  ? 56  LEU A CA  1 
ATOM   327  C  C   . LEU A 1 56  ? -6.917  -3.628  -2.661  1.00 16.15  ? 56  LEU A C   1 
ATOM   328  O  O   . LEU A 1 56  ? -7.012  -4.347  -3.666  1.00 15.09  ? 56  LEU A O   1 
ATOM   329  C  CB  . LEU A 1 56  ? -4.928  -3.841  -1.270  1.00 17.87  ? 56  LEU A CB  1 
ATOM   330  C  CG  . LEU A 1 56  ? -4.024  -4.281  -2.390  1.00 16.31  ? 56  LEU A CG  1 
ATOM   331  C  CD1 . LEU A 1 56  ? -3.860  -3.186  -3.568  1.00 15.92  ? 56  LEU A CD1 1 
ATOM   332  C  CD2 . LEU A 1 56  ? -2.599  -4.675  -1.936  1.00 20.42  ? 56  LEU A CD2 1 
ATOM   333  N  N   . THR A 1 57  ? -7.238  -2.351  -2.621  1.00 14.16  ? 57  THR A N   1 
ATOM   334  C  CA  . THR A 1 57  ? -7.585  -1.619  -3.853  1.00 14.09  ? 57  THR A CA  1 
ATOM   335  C  C   . THR A 1 57  ? -7.003  -0.260  -3.775  1.00 12.54  ? 57  THR A C   1 
ATOM   336  O  O   . THR A 1 57  ? -6.884  0.339   -2.683  1.00 12.85  ? 57  THR A O   1 
ATOM   337  C  CB  . THR A 1 57  ? -9.124  -1.593  -4.022  1.00 14.78  ? 57  THR A CB  1 
ATOM   338  O  OG1 . THR A 1 57  ? -9.408  -1.036  -5.210  1.00 19.78  ? 57  THR A OG1 1 
ATOM   339  C  CG2 . THR A 1 57  ? -9.814  -0.781  -3.020  1.00 14.79  ? 57  THR A CG2 1 
ATOM   340  N  N   . GLY A 1 58  ? -6.744  0.384   -4.937  1.00 13.06  ? 58  GLY A N   1 
ATOM   341  C  CA  . GLY A 1 58  ? -6.275  1.729   -4.974  1.00 13.26  ? 58  GLY A CA  1 
ATOM   342  C  C   . GLY A 1 58  ? -6.210  2.322   -6.340  1.00 12.71  ? 58  GLY A C   1 
ATOM   343  O  O   . GLY A 1 58  ? -6.927  1.795   -7.244  1.00 13.23  ? 58  GLY A O   1 
ATOM   344  N  N   . ARG A 1 59  ? -5.477  3.390   -6.528  1.00 13.15  ? 59  ARG A N   1 
ATOM   345  C  CA  . ARG A 1 59  ? -5.457  4.149   -7.802  1.00 12.43  ? 59  ARG A CA  1 
ATOM   346  C  C   . ARG A 1 59  ? -4.064  4.604   -7.999  1.00 13.18  ? 59  ARG A C   1 
ATOM   347  O  O   . ARG A 1 59  ? -3.314  4.962   -7.055  1.00 13.20  ? 59  ARG A O   1 
ATOM   348  C  CB  . ARG A 1 59  ? -6.417  5.395   -7.750  1.00 13.70  ? 59  ARG A CB  1 
ATOM   349  C  CG  . ARG A 1 59  ? -7.870  5.082   -7.561  1.00 13.91  ? 59  ARG A CG  1 
ATOM   350  C  CD  . ARG A 1 59  ? -8.598  4.361   -8.673  1.00 13.70  ? 59  ARG A CD  1 
ATOM   351  N  NE  . ARG A 1 59  ? -8.609  5.232   -9.850  1.00 14.11  ? 59  ARG A NE  1 
ATOM   352  C  CZ  . ARG A 1 59  ? -8.903  4.801   -11.063 1.00 15.94  ? 59  ARG A CZ  1 
ATOM   353  N  NH1 . ARG A 1 59  ? -9.255  3.568   -11.282 1.00 17.63  ? 59  ARG A NH1 1 
ATOM   354  N  NH2 . ARG A 1 59  ? -8.807  5.701   -12.066 1.00 16.29  ? 59  ARG A NH2 1 
ATOM   355  N  N   . TYR A 1 60  ? -3.673  4.856   -9.278  1.00 13.27  ? 60  TYR A N   1 
ATOM   356  C  CA  . TYR A 1 60  ? -2.380  5.462   -9.612  1.00 12.74  ? 60  TYR A CA  1 
ATOM   357  C  C   . TYR A 1 60  ? -2.555  6.426   -10.809 1.00 12.96  ? 60  TYR A C   1 
ATOM   358  O  O   . TYR A 1 60  ? -3.560  6.255   -11.519 1.00 14.33  ? 60  TYR A O   1 
ATOM   359  C  CB  . TYR A 1 60  ? -1.273  4.395   -9.909  1.00 13.26  ? 60  TYR A CB  1 
ATOM   360  C  CG  . TYR A 1 60  ? -1.332  3.659   -11.288 1.00 15.62  ? 60  TYR A CG  1 
ATOM   361  C  CD1 . TYR A 1 60  ? -2.339  2.805   -11.528 1.00 14.97  ? 60  TYR A CD1 1 
ATOM   362  C  CD2 . TYR A 1 60  ? -0.502  4.058   -12.324 1.00 15.74  ? 60  TYR A CD2 1 
ATOM   363  C  CE1 . TYR A 1 60  ? -2.426  2.104   -12.759 1.00 16.60  ? 60  TYR A CE1 1 
ATOM   364  C  CE2 . TYR A 1 60  ? -0.600  3.358   -13.551 1.00 15.43  ? 60  TYR A CE2 1 
ATOM   365  C  CZ  . TYR A 1 60  ? -1.608  2.521   -13.744 1.00 17.76  ? 60  TYR A CZ  1 
ATOM   366  O  OH  . TYR A 1 60  ? -1.670  1.861   -15.036 1.00 20.02  ? 60  TYR A OH  1 
ATOM   367  N  N   . ASP A 1 61  ? -1.673  7.313   -10.954 1.00 13.26  ? 61  ASP A N   1 
ATOM   368  C  CA  . ASP A 1 61  ? -1.631  8.252   -12.140 1.00 13.24  ? 61  ASP A CA  1 
ATOM   369  C  C   . ASP A 1 61  ? -1.121  7.456   -13.344 1.00 14.22  ? 61  ASP A C   1 
ATOM   370  O  O   . ASP A 1 61  ? 0.076   7.170   -13.416 1.00 15.81  ? 61  ASP A O   1 
ATOM   371  C  CB  . ASP A 1 61  ? -0.728  9.428   -11.833 1.00 14.02  ? 61  ASP A CB  1 
ATOM   372  C  CG  . ASP A 1 61  ? -0.520  10.476  -13.001 1.00 13.94  ? 61  ASP A CG  1 
ATOM   373  O  OD1 . ASP A 1 61  ? -1.262  10.213  -14.038 1.00 16.34  ? 61  ASP A OD1 1 
ATOM   374  O  OD2 . ASP A 1 61  ? 0.229   11.375  -12.780 1.00 16.18  ? 61  ASP A OD2 1 
ATOM   375  N  N   . SER A 1 62  ? -2.025  7.195   -14.275 1.00 15.87  ? 62  SER A N   1 
ATOM   376  C  CA  . SER A 1 62  ? -1.681  6.366   -15.491 1.00 16.29  ? 62  SER A CA  1 
ATOM   377  C  C   . SER A 1 62  ? -1.053  7.256   -16.590 1.00 18.14  ? 62  SER A C   1 
ATOM   378  O  O   . SER A 1 62  ? -0.674  6.650   -17.632 1.00 22.15  ? 62  SER A O   1 
ATOM   379  C  CB  . SER A 1 62  ? -2.923  5.676   -15.983 1.00 19.17  ? 62  SER A CB  1 
ATOM   380  O  OG  . SER A 1 62  ? -3.969  6.584   -16.288 1.00 24.61  ? 62  SER A OG  1 
ATOM   381  N  N   . ALA A 1 63  ? -0.887  8.520   -16.412 1.00 16.99  ? 63  ALA A N   1 
ATOM   382  C  CA  . ALA A 1 63  ? -0.164  9.401   -17.413 1.00 19.42  ? 63  ALA A CA  1 
ATOM   383  C  C   . ALA A 1 63  ? 0.715   10.398  -16.679 1.00 19.44  ? 63  ALA A C   1 
ATOM   384  O  O   . ALA A 1 63  ? 0.431   11.607  -16.610 1.00 20.79  ? 63  ALA A O   1 
ATOM   385  C  CB  . ALA A 1 63  ? -1.195  10.027  -18.351 1.00 22.18  ? 63  ALA A CB  1 
ATOM   386  N  N   . PRO A 1 64  ? 1.770   9.885   -15.994 1.00 20.20  ? 64  PRO A N   1 
ATOM   387  C  CA  . PRO A 1 64  ? 2.657   10.771  -15.216 1.00 19.50  ? 64  PRO A CA  1 
ATOM   388  C  C   . PRO A 1 64  ? 3.436   11.818  -15.983 1.00 23.22  ? 64  PRO A C   1 
ATOM   389  O  O   . PRO A 1 64  ? 3.497   11.716  -17.233 1.00 25.34  ? 64  PRO A O   1 
ATOM   390  C  CB  . PRO A 1 64  ? 3.562   9.822   -14.464 1.00 23.76  ? 64  PRO A CB  1 
ATOM   391  C  CG  . PRO A 1 64  ? 3.599   8.654   -15.343 1.00 22.43  ? 64  PRO A CG  1 
ATOM   392  C  CD  . PRO A 1 64  ? 2.239   8.477   -15.973 1.00 20.88  ? 64  PRO A CD  1 
ATOM   393  N  N   . ALA A 1 65  ? 4.033   12.725  -15.281 1.00 20.51  ? 65  ALA A N   1 
ATOM   394  C  CA  . ALA A 1 65  ? 4.864   13.768  -15.936 1.00 24.63  ? 65  ALA A CA  1 
ATOM   395  C  C   . ALA A 1 65  ? 6.095   13.045  -16.514 1.00 27.05  ? 65  ALA A C   1 
ATOM   396  O  O   . ALA A 1 65  ? 6.432   11.927  -16.155 1.00 30.14  ? 65  ALA A O   1 
ATOM   397  C  CB  . ALA A 1 65  ? 5.184   14.900  -14.962 1.00 25.51  ? 65  ALA A CB  1 
ATOM   398  N  N   . THR A 1 66  ? 6.659   13.642  -17.590 1.00 33.18  ? 66  THR A N   1 
ATOM   399  C  CA  . THR A 1 66  ? 7.831   13.019  -18.245 1.00 36.87  ? 66  THR A CA  1 
ATOM   400  C  C   . THR A 1 66  ? 9.116   13.781  -17.905 1.00 41.34  ? 66  THR A C   1 
ATOM   401  O  O   . THR A 1 66  ? 10.110  13.654  -18.632 1.00 47.39  ? 66  THR A O   1 
ATOM   402  C  CB  . THR A 1 66  ? 7.659   13.003  -19.792 1.00 41.86  ? 66  THR A CB  1 
ATOM   403  O  OG1 . THR A 1 66  ? 7.495   14.353  -20.207 1.00 39.91  ? 66  THR A OG1 1 
ATOM   404  C  CG2 . THR A 1 66  ? 6.437   12.243  -20.182 1.00 40.09  ? 66  THR A CG2 1 
ATOM   405  N  N   . ASP A 1 67  ? 9.107   14.601  -16.852 1.00 28.58  ? 67  ASP A N   1 
ATOM   406  C  CA  . ASP A 1 67  ? 10.228  15.395  -16.450 1.00 29.13  ? 67  ASP A CA  1 
ATOM   407  C  C   . ASP A 1 67  ? 11.184  14.713  -15.399 1.00 28.41  ? 67  ASP A C   1 
ATOM   408  O  O   . ASP A 1 67  ? 11.949  15.428  -14.696 1.00 34.68  ? 67  ASP A O   1 
ATOM   409  C  CB  . ASP A 1 67  ? 9.700   16.725  -15.931 1.00 30.18  ? 67  ASP A CB  1 
ATOM   410  C  CG  . ASP A 1 67  ? 8.830   16.548  -14.687 1.00 37.99  ? 67  ASP A CG  1 
ATOM   411  O  OD1 . ASP A 1 67  ? 8.699   15.358  -14.228 1.00 29.42  ? 67  ASP A OD1 1 
ATOM   412  O  OD2 . ASP A 1 67  ? 8.355   17.560  -14.221 1.00 39.21  ? 67  ASP A OD2 1 
ATOM   413  N  N   . GLY A 1 68  ? 11.055  13.397  -15.179 1.00 27.72  ? 68  GLY A N   1 
ATOM   414  C  CA  . GLY A 1 68  ? 11.838  12.721  -14.178 1.00 29.55  ? 68  GLY A CA  1 
ATOM   415  C  C   . GLY A 1 68  ? 11.078  12.495  -12.829 1.00 25.71  ? 68  GLY A C   1 
ATOM   416  O  O   . GLY A 1 68  ? 11.658  11.887  -11.876 1.00 27.04  ? 68  GLY A O   1 
ATOM   417  N  N   . SER A 1 69  ? 9.893   13.063  -12.754 1.00 22.66  ? 69  SER A N   1 
ATOM   418  C  CA  . SER A 1 69  ? 9.097   12.872  -11.516 1.00 20.90  ? 69  SER A CA  1 
ATOM   419  C  C   . SER A 1 69  ? 8.625   11.479  -11.376 1.00 17.36  ? 69  SER A C   1 
ATOM   420  O  O   . SER A 1 69  ? 8.435   10.702  -12.338 1.00 20.30  ? 69  SER A O   1 
ATOM   421  C  CB  . SER A 1 69  ? 7.922   13.820  -11.525 1.00 23.33  ? 69  SER A CB  1 
ATOM   422  O  OG  . SER A 1 69  ? 8.306   15.207  -11.499 1.00 28.74  ? 69  SER A OG  1 
ATOM   423  N  N   . GLY A 1 70  ? 8.366   11.048  -10.149 1.00 16.57  ? 70  GLY A N   1 
ATOM   424  C  CA  . GLY A 1 70  ? 7.718   9.820   -9.844  1.00 16.43  ? 70  GLY A CA  1 
ATOM   425  C  C   . GLY A 1 70  ? 6.189   9.804   -10.201 1.00 15.74  ? 70  GLY A C   1 
ATOM   426  O  O   . GLY A 1 70  ? 5.661   10.811  -10.629 1.00 16.04  ? 70  GLY A O   1 
ATOM   427  N  N   . THR A 1 71  ? 5.585   8.654   -9.983  1.00 14.48  ? 71  THR A N   1 
ATOM   428  C  CA  . THR A 1 71  ? 4.174   8.374   -10.340 1.00 14.64  ? 71  THR A CA  1 
ATOM   429  C  C   . THR A 1 71  ? 3.394   8.267   -9.043  1.00 12.95  ? 71  THR A C   1 
ATOM   430  O  O   . THR A 1 71  ? 3.550   7.314   -8.260  1.00 13.97  ? 71  THR A O   1 
ATOM   431  C  CB  . THR A 1 71  ? 4.057   7.100   -11.105 1.00 16.46  ? 71  THR A CB  1 
ATOM   432  O  OG1 . THR A 1 71  ? 4.876   7.242   -12.329 1.00 17.92  ? 71  THR A OG1 1 
ATOM   433  C  CG2 . THR A 1 71  ? 2.649   6.762   -11.494 1.00 16.56  ? 71  THR A CG2 1 
ATOM   434  N  N   . ALA A 1 72  ? 2.466   9.221   -8.802  1.00 13.89  ? 72  ALA A N   1 
ATOM   435  C  CA  . ALA A 1 72  ? 1.636   9.201   -7.604  1.00 13.07  ? 72  ALA A CA  1 
ATOM   436  C  C   . ALA A 1 72  ? 0.688   8.081   -7.586  1.00 12.28  ? 72  ALA A C   1 
ATOM   437  O  O   . ALA A 1 72  ? 0.094   7.608   -8.612  1.00 13.59  ? 72  ALA A O   1 
ATOM   438  C  CB  . ALA A 1 72  ? 0.869   10.498  -7.476  1.00 13.85  ? 72  ALA A CB  1 
ATOM   439  N  N   . LEU A 1 73  ? 0.496   7.455   -6.379  1.00 12.57  ? 73  LEU A N   1 
ATOM   440  C  CA  . LEU A 1 73  ? -0.428  6.323   -6.190  1.00 13.54  ? 73  LEU A CA  1 
ATOM   441  C  C   . LEU A 1 73  ? -0.885  6.193   -4.711  1.00 13.33  ? 73  LEU A C   1 
ATOM   442  O  O   . LEU A 1 73  ? -0.228  6.800   -3.845  1.00 13.70  ? 73  LEU A O   1 
ATOM   443  C  CB  . LEU A 1 73  ? 0.193   5.004   -6.701  1.00 13.86  ? 73  LEU A CB  1 
ATOM   444  C  CG  . LEU A 1 73  ? 1.164   4.251   -5.808  1.00 17.83  ? 73  LEU A CG  1 
ATOM   445  C  CD1 . LEU A 1 73  ? 1.582   2.971   -6.543  1.00 21.28  ? 73  LEU A CD1 1 
ATOM   446  C  CD2 . LEU A 1 73  ? 2.320   5.023   -5.613  1.00 21.02  ? 73  LEU A CD2 1 
ATOM   447  N  N   . GLY A 1 74  ? -1.934  5.457   -4.482  1.00 12.60  ? 74  GLY A N   1 
ATOM   448  C  CA  . GLY A 1 74  ? -2.288  5.074   -3.143  1.00 11.68  ? 74  GLY A CA  1 
ATOM   449  C  C   . GLY A 1 74  ? -3.117  3.885   -3.128  1.00 11.17  ? 74  GLY A C   1 
ATOM   450  O  O   . GLY A 1 74  ? -3.717  3.458   -4.147  1.00 11.71  ? 74  GLY A O   1 
ATOM   451  N  N   . TRP A 1 75  ? -3.224  3.198   -1.977  1.00 10.87  ? 75  TRP A N   1 
ATOM   452  C  CA  . TRP A 1 75  ? -4.082  2.086   -1.745  1.00 11.63  ? 75  TRP A CA  1 
ATOM   453  C  C   . TRP A 1 75  ? -4.521  1.881   -0.312  1.00 12.21  ? 75  TRP A C   1 
ATOM   454  O  O   . TRP A 1 75  ? -3.947  2.479   0.593   1.00 11.81  ? 75  TRP A O   1 
ATOM   455  C  CB  . TRP A 1 75  ? -3.506  0.771   -2.332  1.00 11.54  ? 75  TRP A CB  1 
ATOM   456  C  CG  . TRP A 1 75  ? -2.265  0.308   -1.567  1.00 11.13  ? 75  TRP A CG  1 
ATOM   457  C  CD1 . TRP A 1 75  ? -2.328  -0.638  -0.529  1.00 11.64  ? 75  TRP A CD1 1 
ATOM   458  C  CD2 . TRP A 1 75  ? -0.883  0.611   -1.761  1.00 11.38  ? 75  TRP A CD2 1 
ATOM   459  N  NE1 . TRP A 1 75  ? -1.018  -0.876  -0.098  1.00 13.29  ? 75  TRP A NE1 1 
ATOM   460  C  CE2 . TRP A 1 75  ? -0.191  -0.096  -0.809  1.00 12.37  ? 75  TRP A CE2 1 
ATOM   461  C  CE3 . TRP A 1 75  ? -0.209  1.447   -2.618  1.00 11.57  ? 75  TRP A CE3 1 
ATOM   462  C  CZ2 . TRP A 1 75  ? 1.231   0.037   -0.653  1.00 12.76  ? 75  TRP A CZ2 1 
ATOM   463  C  CZ3 . TRP A 1 75  ? 1.176   1.534   -2.489  1.00 13.31  ? 75  TRP A CZ3 1 
ATOM   464  C  CH2 . TRP A 1 75  ? 1.832   0.813   -1.516  1.00 13.92  ? 75  TRP A CH2 1 
ATOM   465  N  N   . THR A 1 76  ? -5.581  1.091   -0.147  1.00 11.62  ? 76  THR A N   1 
ATOM   466  C  CA  . THR A 1 76  ? -6.168  0.800   1.146   1.00 12.07  ? 76  THR A CA  1 
ATOM   467  C  C   . THR A 1 76  ? -6.199  -0.675  1.396   1.00 11.59  ? 76  THR A C   1 
ATOM   468  O  O   . THR A 1 76  ? -6.608  -1.451  0.489   1.00 12.11  ? 76  THR A O   1 
ATOM   469  C  CB  . THR A 1 76  ? -7.652  1.311   1.255   1.00 11.51  ? 76  THR A CB  1 
ATOM   470  O  OG1 . THR A 1 76  ? -7.652  2.724   0.931   1.00 12.89  ? 76  THR A OG1 1 
ATOM   471  C  CG2 . THR A 1 76  ? -8.220  1.135   2.595   1.00 13.10  ? 76  THR A CG2 1 
ATOM   472  N  N   . VAL A 1 77  ? -6.005  -1.102  2.632   1.00 11.30  ? 77  VAL A N   1 
ATOM   473  C  CA  . VAL A 1 77  ? -6.324  -2.423  3.182   1.00 11.87  ? 77  VAL A CA  1 
ATOM   474  C  C   . VAL A 1 77  ? -7.180  -2.275  4.413   1.00 12.89  ? 77  VAL A C   1 
ATOM   475  O  O   . VAL A 1 77  ? -6.819  -1.494  5.350   1.00 12.62  ? 77  VAL A O   1 
ATOM   476  C  CB  . VAL A 1 77  ? -5.048  -3.178  3.604   1.00 11.67  ? 77  VAL A CB  1 
ATOM   477  C  CG1 . VAL A 1 77  ? -5.369  -4.447  4.419   1.00 13.01  ? 77  VAL A CG1 1 
ATOM   478  C  CG2 . VAL A 1 77  ? -4.198  -3.545  2.429   1.00 14.42  ? 77  VAL A CG2 1 
ATOM   479  N  N   . ALA A 1 78  ? -8.377  -2.834  4.435   1.00 12.01  ? 78  ALA A N   1 
ATOM   480  C  CA  . ALA A 1 78  ? -9.119  -3.066  5.676   1.00 12.37  ? 78  ALA A CA  1 
ATOM   481  C  C   . ALA A 1 78  ? -8.744  -4.386  6.333   1.00 12.52  ? 78  ALA A C   1 
ATOM   482  O  O   . ALA A 1 78  ? -8.713  -5.415  5.604   1.00 12.55  ? 78  ALA A O   1 
ATOM   483  C  CB  . ALA A 1 78  ? -10.609 -3.072  5.459   1.00 13.54  ? 78  ALA A CB  1 
ATOM   484  N  N   . TRP A 1 79  ? -8.350  -4.405  7.564   1.00 13.47  ? 79  TRP A N   1 
ATOM   485  C  CA  . TRP A 1 79  ? -7.729  -5.572  8.208   1.00 12.82  ? 79  TRP A CA  1 
ATOM   486  C  C   . TRP A 1 79  ? -8.716  -6.625  8.698   1.00 13.15  ? 79  TRP A C   1 
ATOM   487  O  O   . TRP A 1 79  ? -8.619  -7.130  9.847   1.00 13.17  ? 79  TRP A O   1 
ATOM   488  C  CB  . TRP A 1 79  ? -6.752  -5.103  9.299   1.00 12.44  ? 79  TRP A CB  1 
ATOM   489  C  CG  . TRP A 1 79  ? -5.698  -4.238  8.746   1.00 13.26  ? 79  TRP A CG  1 
ATOM   490  C  CD1 . TRP A 1 79  ? -5.528  -2.894  8.888   1.00 14.26  ? 79  TRP A CD1 1 
ATOM   491  C  CD2 . TRP A 1 79  ? -4.506  -4.717  8.062   1.00 12.50  ? 79  TRP A CD2 1 
ATOM   492  N  NE1 . TRP A 1 79  ? -4.407  -2.458  8.237   1.00 12.42  ? 79  TRP A NE1 1 
ATOM   493  C  CE2 . TRP A 1 79  ? -3.798  -3.546  7.611   1.00 12.96  ? 79  TRP A CE2 1 
ATOM   494  C  CE3 . TRP A 1 79  ? -4.082  -5.983  7.539   1.00 13.00  ? 79  TRP A CE3 1 
ATOM   495  C  CZ2 . TRP A 1 79  ? -2.584  -3.638  6.950   1.00 12.32  ? 79  TRP A CZ2 1 
ATOM   496  C  CZ3 . TRP A 1 79  ? -2.898  -6.049  6.880   1.00 13.51  ? 79  TRP A CZ3 1 
ATOM   497  C  CH2 . TRP A 1 79  ? -2.196  -4.866  6.496   1.00 13.44  ? 79  TRP A CH2 1 
ATOM   498  N  N   . LYS A 1 80  ? -9.599  -7.023  7.777   1.00 13.09  ? 80  LYS A N   1 
ATOM   499  C  CA  . LYS A 1 80  ? -10.557 -8.147  7.946   1.00 12.82  ? 80  LYS A CA  1 
ATOM   500  C  C   . LYS A 1 80  ? -10.316 -9.119  6.837   1.00 13.12  ? 80  LYS A C   1 
ATOM   501  O  O   . LYS A 1 80  ? -10.354 -8.741  5.672   1.00 13.82  ? 80  LYS A O   1 
ATOM   502  C  CB  . LYS A 1 80  ? -11.954 -7.648  7.933   1.00 15.16  ? 80  LYS A CB  1 
ATOM   503  C  CG  . LYS A 1 80  ? -13.056 -8.757  8.025   1.00 17.26  ? 80  LYS A CG  1 
ATOM   504  C  CD  . LYS A 1 80  ? -14.435 -8.189  7.958   1.00 20.18  ? 80  LYS A CD  1 
ATOM   505  C  CE  . LYS A 1 80  ? -15.491 -9.265  8.145   1.00 24.80  ? 80  LYS A CE  1 
ATOM   506  N  NZ  . LYS A 1 80  ? -15.444 -10.228 7.033   1.00 28.67  ? 80  LYS A NZ  1 
ATOM   507  N  N   . ASN A 1 81  ? -10.165 -10.385 7.225   1.00 13.74  ? 81  ASN A N   1 
ATOM   508  C  CA  . ASN A 1 81  ? -10.158 -11.459 6.226   1.00 14.51  ? 81  ASN A CA  1 
ATOM   509  C  C   . ASN A 1 81  ? -10.839 -12.684 6.962   1.00 15.02  ? 81  ASN A C   1 
ATOM   510  O  O   . ASN A 1 81  ? -11.514 -12.539 7.919   1.00 16.82  ? 81  ASN A O   1 
ATOM   511  C  CB  . ASN A 1 81  ? -8.752  -11.767 5.677   1.00 14.59  ? 81  ASN A CB  1 
ATOM   512  C  CG  . ASN A 1 81  ? -7.757  -12.283 6.662   1.00 13.66  ? 81  ASN A CG  1 
ATOM   513  O  OD1 . ASN A 1 81  ? -8.160  -12.656 7.819   1.00 14.57  ? 81  ASN A OD1 1 
ATOM   514  N  ND2 . ASN A 1 81  ? -6.521  -12.420 6.258   1.00 13.72  ? 81  ASN A ND2 1 
ATOM   515  N  N   . ASN A 1 82  ? -10.648 -13.854 6.352   1.00 16.27  ? 82  ASN A N   1 
ATOM   516  C  CA  . ASN A 1 82  ? -11.358 -15.045 6.975   1.00 19.96  ? 82  ASN A CA  1 
ATOM   517  C  C   . ASN A 1 82  ? -10.774 -15.476 8.231   1.00 19.03  ? 82  ASN A C   1 
ATOM   518  O  O   . ASN A 1 82  ? -11.358 -16.357 8.904   1.00 21.50  ? 82  ASN A O   1 
ATOM   519  C  CB  . ASN A 1 82  ? -11.421 -16.223 5.963   1.00 21.33  ? 82  ASN A CB  1 
ATOM   520  C  CG  . ASN A 1 82  ? -12.319 -15.949 4.796   1.00 31.85  ? 82  ASN A CG  1 
ATOM   521  O  OD1 . ASN A 1 82  ? -13.269 -15.165 4.918   1.00 36.09  ? 82  ASN A OD1 1 
ATOM   522  N  ND2 . ASN A 1 82  ? -12.091 -16.653 3.702   1.00 41.15  ? 82  ASN A ND2 1 
ATOM   523  N  N   . TYR A 1 83  ? -9.584  -15.017 8.587   1.00 16.98  ? 83  TYR A N   1 
ATOM   524  C  CA  . TYR A 1 83  ? -8.811  -15.406 9.784   1.00 15.58  ? 83  TYR A CA  1 
ATOM   525  C  C   . TYR A 1 83  ? -8.959  -14.483 10.969  1.00 18.13  ? 83  TYR A C   1 
ATOM   526  O  O   . TYR A 1 83  ? -8.966  -14.918 12.142  1.00 17.38  ? 83  TYR A O   1 
ATOM   527  C  CB  . TYR A 1 83  ? -7.359  -15.587 9.525   1.00 18.40  ? 83  TYR A CB  1 
ATOM   528  C  CG  . TYR A 1 83  ? -7.051  -16.594 8.413   1.00 19.83  ? 83  TYR A CG  1 
ATOM   529  C  CD1 . TYR A 1 83  ? -7.005  -17.959 8.754   1.00 28.68  ? 83  TYR A CD1 1 
ATOM   530  C  CD2 . TYR A 1 83  ? -6.893  -16.241 7.116   1.00 21.16  ? 83  TYR A CD2 1 
ATOM   531  C  CE1 . TYR A 1 83  ? -6.774  -18.924 7.775   1.00 33.82  ? 83  TYR A CE1 1 
ATOM   532  C  CE2 . TYR A 1 83  ? -6.677  -17.163 6.116   1.00 26.59  ? 83  TYR A CE2 1 
ATOM   533  C  CZ  . TYR A 1 83  ? -6.576  -18.490 6.463   1.00 33.73  ? 83  TYR A CZ  1 
ATOM   534  O  OH  . TYR A 1 83  ? -6.315  -19.407 5.465   1.00 38.03  ? 83  TYR A OH  1 
ATOM   535  N  N   . ARG A 1 84  ? -8.968  -13.165 10.715  1.00 16.81  ? 84  ARG A N   1 
ATOM   536  C  CA  . ARG A 1 84  ? -8.881  -12.181 11.795  1.00 18.23  ? 84  ARG A CA  1 
ATOM   537  C  C   . ARG A 1 84  ? -9.638  -10.905 11.351  1.00 15.18  ? 84  ARG A C   1 
ATOM   538  O  O   . ARG A 1 84  ? -9.775  -10.653 10.152  1.00 15.63  ? 84  ARG A O   1 
ATOM   539  C  CB  . ARG A 1 84  ? -7.475  -11.802 12.075  1.00 19.49  ? 84  ARG A CB  1 
ATOM   540  C  CG  . ARG A 1 84  ? -6.640  -12.907 12.635  1.00 25.56  ? 84  ARG A CG  1 
ATOM   541  C  CD  . ARG A 1 84  ? -5.409  -12.287 13.221  1.00 32.02  ? 84  ARG A CD  1 
ATOM   542  N  NE  . ARG A 1 84  ? -4.431  -13.334 13.502  1.00 29.61  ? 84  ARG A NE  1 
ATOM   543  C  CZ  . ARG A 1 84  ? -3.330  -13.089 14.098  1.00 23.58  ? 84  ARG A CZ  1 
ATOM   544  N  NH1 . ARG A 1 84  ? -2.417  -14.044 14.219  1.00 29.66  ? 84  ARG A NH1 1 
ATOM   545  N  NH2 . ARG A 1 84  ? -3.145  -11.840 14.651  1.00 26.20  ? 84  ARG A NH2 1 
ATOM   546  N  N   . ASN A 1 85  ? -9.995  -10.146 12.349  1.00 15.19  ? 85  ASN A N   1 
ATOM   547  C  CA  . ASN A 1 85  ? -10.521 -8.760  12.160  1.00 16.47  ? 85  ASN A CA  1 
ATOM   548  C  C   . ASN A 1 85  ? -9.916  -7.837  13.199  1.00 16.10  ? 85  ASN A C   1 
ATOM   549  O  O   . ASN A 1 85  ? -10.260 -7.893  14.394  1.00 16.53  ? 85  ASN A O   1 
ATOM   550  C  CB  . ASN A 1 85  ? -12.031 -8.754  12.136  1.00 14.85  ? 85  ASN A CB  1 
ATOM   551  C  CG  . ASN A 1 85  ? -12.598 -7.411  11.702  1.00 15.63  ? 85  ASN A CG  1 
ATOM   552  O  OD1 . ASN A 1 85  ? -11.799 -6.468  11.520  1.00 16.75  ? 85  ASN A OD1 1 
ATOM   553  N  ND2 . ASN A 1 85  ? -13.868 -7.370  11.454  1.00 16.18  ? 85  ASN A ND2 1 
ATOM   554  N  N   . ALA A 1 86  ? -9.030  -6.954  12.722  1.00 13.99  ? 86  ALA A N   1 
ATOM   555  C  CA  . ALA A 1 86  ? -8.352  -6.001  13.559  1.00 14.26  ? 86  ALA A CA  1 
ATOM   556  C  C   . ALA A 1 86  ? -9.087  -4.627  13.621  1.00 14.25  ? 86  ALA A C   1 
ATOM   557  O  O   . ALA A 1 86  ? -8.514  -3.660  14.158  1.00 15.79  ? 86  ALA A O   1 
ATOM   558  C  CB  . ALA A 1 86  ? -6.930  -5.851  13.185  1.00 16.33  ? 86  ALA A CB  1 
ATOM   559  N  N   . HIS A 1 87  ? -10.262 -4.572  13.115  1.00 13.87  ? 87  HIS A N   1 
ATOM   560  C  CA  . HIS A 1 87  ? -11.125 -3.372  13.181  1.00 15.32  ? 87  HIS A CA  1 
ATOM   561  C  C   . HIS A 1 87  ? -10.332 -2.090  12.863  1.00 13.90  ? 87  HIS A C   1 
ATOM   562  O  O   . HIS A 1 87  ? -10.314 -1.143  13.659  1.00 13.99  ? 87  HIS A O   1 
ATOM   563  C  CB  . HIS A 1 87  ? -11.824 -3.250  14.514  1.00 15.83  ? 87  HIS A CB  1 
ATOM   564  C  CG  . HIS A 1 87  ? -12.671 -4.441  14.851  1.00 16.48  ? 87  HIS A CG  1 
ATOM   565  N  ND1 . HIS A 1 87  ? -13.628 -4.927  13.995  1.00 16.39  ? 87  HIS A ND1 1 
ATOM   566  C  CD2 . HIS A 1 87  ? -12.687 -5.242  15.965  1.00 17.02  ? 87  HIS A CD2 1 
ATOM   567  C  CE1 . HIS A 1 87  ? -14.228 -5.991  14.557  1.00 17.14  ? 87  HIS A CE1 1 
ATOM   568  N  NE2 . HIS A 1 87  ? -13.658 -6.193  15.705  1.00 17.03  ? 87  HIS A NE2 1 
ATOM   569  N  N   . SER A 1 88  ? -9.713  -2.110  11.720  1.00 13.57  ? 88  SER A N   1 
ATOM   570  C  CA  . SER A 1 88  ? -8.769  -1.018  11.342  1.00 13.65  ? 88  SER A CA  1 
ATOM   571  C  C   . SER A 1 88  ? -8.530  -1.067  9.870   1.00 12.73  ? 88  SER A C   1 
ATOM   572  O  O   . SER A 1 88  ? -8.820  -2.054  9.167   1.00 13.47  ? 88  SER A O   1 
ATOM   573  C  CB  . SER A 1 88  ? -7.482  -1.042  12.143  1.00 14.41  ? 88  SER A CB  1 
ATOM   574  O  OG  . SER A 1 88  ? -6.841  -2.381  12.062  1.00 14.73  ? 88  SER A OG  1 
ATOM   575  N  N   . ALA A 1 89  ? -8.048  0.062   9.324   1.00 12.37  ? 89  ALA A N   1 
ATOM   576  C  CA  . ALA A 1 89  ? -7.721  0.205   7.939   1.00 11.71  ? 89  ALA A CA  1 
ATOM   577  C  C   . ALA A 1 89  ? -6.420  1.021   7.762   1.00 11.38  ? 89  ALA A C   1 
ATOM   578  O  O   . ALA A 1 89  ? -6.319  2.048   8.452   1.00 13.38  ? 89  ALA A O   1 
ATOM   579  C  CB  . ALA A 1 89  ? -8.867  0.762   7.154   1.00 12.51  ? 89  ALA A CB  1 
ATOM   580  N  N   . THR A 1 90  ? -5.553  0.601   6.869   1.00 11.30  ? 90  THR A N   1 
ATOM   581  C  CA  . THR A 1 90  ? -4.401  1.411   6.528   1.00 10.46  ? 90  THR A CA  1 
ATOM   582  C  C   . THR A 1 90  ? -4.511  1.946   5.142   1.00 10.56  ? 90  THR A C   1 
ATOM   583  O  O   . THR A 1 90  ? -4.912  1.179   4.196   1.00 11.59  ? 90  THR A O   1 
ATOM   584  C  CB  . THR A 1 90  ? -3.108  0.609   6.608   1.00 11.29  ? 90  THR A CB  1 
ATOM   585  O  OG1 . THR A 1 90  ? -3.009  0.048   7.936   1.00 11.05  ? 90  THR A OG1 1 
ATOM   586  C  CG2 . THR A 1 90  ? -1.850  1.387   6.301   1.00 12.25  ? 90  THR A CG2 1 
ATOM   587  N  N   . THR A 1 91  ? -4.174  3.185   4.869   1.00 10.02  ? 91  THR A N   1 
ATOM   588  C  CA  . THR A 1 91  ? -3.971  3.778   3.590   1.00 10.20  ? 91  THR A CA  1 
ATOM   589  C  C   . THR A 1 91  ? -2.522  4.164   3.405   1.00 11.19  ? 91  THR A C   1 
ATOM   590  O  O   . THR A 1 91  ? -1.966  4.825   4.224   1.00 12.04  ? 91  THR A O   1 
ATOM   591  C  CB  . THR A 1 91  ? -4.916  4.977   3.282   1.00 11.52  ? 91  THR A CB  1 
ATOM   592  O  OG1 . THR A 1 91  ? -4.592  6.052   4.166   1.00 12.16  ? 91  THR A OG1 1 
ATOM   593  C  CG2 . THR A 1 91  ? -6.374  4.633   3.419   1.00 12.71  ? 91  THR A CG2 1 
ATOM   594  N  N   . TRP A 1 92  ? -1.966  3.744   2.244   1.00 11.18  ? 92  TRP A N   1 
ATOM   595  C  CA  . TRP A 1 92  ? -0.604  4.176   1.860   1.00 10.15  ? 92  TRP A CA  1 
ATOM   596  C  C   . TRP A 1 92  ? -0.718  5.175   0.736   1.00 11.33  ? 92  TRP A C   1 
ATOM   597  O  O   . TRP A 1 92  ? -1.458  4.922   -0.249  1.00 11.55  ? 92  TRP A O   1 
ATOM   598  C  CB  . TRP A 1 92  ? 0.211   2.941   1.282   1.00 10.77  ? 92  TRP A CB  1 
ATOM   599  C  CG  . TRP A 1 92  ? 0.599   1.944   2.316   1.00 10.48  ? 92  TRP A CG  1 
ATOM   600  C  CD1 . TRP A 1 92  ? 1.883   1.771   2.823   1.00 10.83  ? 92  TRP A CD1 1 
ATOM   601  C  CD2 . TRP A 1 92  ? -0.168  0.876   2.887   1.00 10.95  ? 92  TRP A CD2 1 
ATOM   602  N  NE1 . TRP A 1 92  ? 1.901   0.699   3.686   1.00 11.82  ? 92  TRP A NE1 1 
ATOM   603  C  CE2 . TRP A 1 92  ? 0.658   0.091   3.660   1.00 12.21  ? 92  TRP A CE2 1 
ATOM   604  C  CE3 . TRP A 1 92  ? -1.499  0.447   2.659   1.00 11.31  ? 92  TRP A CE3 1 
ATOM   605  C  CZ2 . TRP A 1 92  ? 0.177   -1.079  4.349   1.00 11.09  ? 92  TRP A CZ2 1 
ATOM   606  C  CZ3 . TRP A 1 92  ? -1.928  -0.687  3.336   1.00 12.73  ? 92  TRP A CZ3 1 
ATOM   607  C  CH2 . TRP A 1 92  ? -1.111  -1.428  4.122   1.00 13.48  ? 92  TRP A CH2 1 
ATOM   608  N  N   . SER A 1 93  ? -0.014  6.296   0.840   1.00 10.55  ? 93  SER A N   1 
ATOM   609  C  CA  . SER A 1 93  ? 0.012   7.355   -0.186  1.00 10.41  ? 93  SER A CA  1 
ATOM   610  C  C   . SER A 1 93  ? 1.467   7.606   -0.536  1.00 12.25  ? 93  SER A C   1 
ATOM   611  O  O   . SER A 1 93  ? 2.337   7.763   0.355   1.00 11.98  ? 93  SER A O   1 
ATOM   612  C  CB  . SER A 1 93  ? -0.609  8.602   0.449   1.00 9.92   ? 93  SER A CB  1 
ATOM   613  O  OG  . SER A 1 93  ? -0.643  9.667   -0.530  1.00 12.15  ? 93  SER A OG  1 
ATOM   614  N  N   . GLY A 1 94  ? 1.794   7.592   -1.857  1.00 11.92  ? 94  GLY A N   1 
ATOM   615  C  CA  . GLY A 1 94  ? 3.228   7.639   -2.188  1.00 12.82  ? 94  GLY A CA  1 
ATOM   616  C  C   . GLY A 1 94  ? 3.464   7.835   -3.674  1.00 13.08  ? 94  GLY A C   1 
ATOM   617  O  O   . GLY A 1 94  ? 2.576   8.292   -4.411  1.00 13.33  ? 94  GLY A O   1 
ATOM   618  N  N   . GLN A 1 95  ? 4.705   7.495   -4.043  1.00 13.02  ? 95  GLN A N   1 
ATOM   619  C  CA  . GLN A 1 95  ? 5.082   7.548   -5.448  1.00 15.47  ? 95  GLN A CA  1 
ATOM   620  C  C   . GLN A 1 95  ? 5.965   6.407   -5.786  1.00 14.12  ? 95  GLN A C   1 
ATOM   621  O  O   . GLN A 1 95  ? 6.800   5.938   -5.025  1.00 14.59  ? 95  GLN A O   1 
ATOM   622  C  CB  . GLN A 1 95  ? 5.617   8.854   -5.893  1.00 16.56  ? 95  GLN A CB  1 
ATOM   623  C  CG  . GLN A 1 95  ? 6.857   9.280   -5.209  1.00 15.69  ? 95  GLN A CG  1 
ATOM   624  C  CD  . GLN A 1 95  ? 7.314   10.693  -5.666  1.00 17.79  ? 95  GLN A CD  1 
ATOM   625  O  OE1 . GLN A 1 95  ? 7.284   11.054  -6.853  1.00 16.85  ? 95  GLN A OE1 1 
ATOM   626  N  NE2 . GLN A 1 95  ? 7.659   11.599  -4.700  1.00 18.50  ? 95  GLN A NE2 1 
ATOM   627  N  N   . TYR A 1 96  ? 5.706   5.895   -7.041  1.00 13.95  ? 96  TYR A N   1 
ATOM   628  C  CA  . TYR A 1 96  ? 6.591   4.916   -7.753  1.00 14.07  ? 96  TYR A CA  1 
ATOM   629  C  C   . TYR A 1 96  ? 7.662   5.630   -8.476  1.00 13.55  ? 96  TYR A C   1 
ATOM   630  O  O   . TYR A 1 96  ? 7.420   6.564   -9.220  1.00 15.72  ? 96  TYR A O   1 
ATOM   631  C  CB  . TYR A 1 96  ? 5.709   4.038   -8.681  1.00 14.86  ? 96  TYR A CB  1 
ATOM   632  C  CG  . TYR A 1 96  ? 6.476   3.275   -9.752  1.00 16.15  ? 96  TYR A CG  1 
ATOM   633  C  CD1 . TYR A 1 96  ? 6.951   2.045   -9.489  1.00 16.27  ? 96  TYR A CD1 1 
ATOM   634  C  CD2 . TYR A 1 96  ? 6.658   3.868   -10.955 1.00 18.22  ? 96  TYR A CD2 1 
ATOM   635  C  CE1 . TYR A 1 96  ? 7.639   1.309   -10.494 1.00 18.43  ? 96  TYR A CE1 1 
ATOM   636  C  CE2 . TYR A 1 96  ? 7.356   3.180   -11.963 1.00 20.90  ? 96  TYR A CE2 1 
ATOM   637  C  CZ  . TYR A 1 96  ? 7.799   1.982   -11.690 1.00 18.67  ? 96  TYR A CZ  1 
ATOM   638  O  OH  . TYR A 1 96  ? 8.497   1.247   -12.669 1.00 23.32  ? 96  TYR A OH  1 
ATOM   639  N  N   . VAL A 1 97  ? 8.909   5.157   -8.238  1.00 16.09  ? 97  VAL A N   1 
ATOM   640  C  CA  . VAL A 1 97  ? 10.139  5.634   -8.888  1.00 18.57  ? 97  VAL A CA  1 
ATOM   641  C  C   . VAL A 1 97  ? 10.737  4.427   -9.637  1.00 18.70  ? 97  VAL A C   1 
ATOM   642  O  O   . VAL A 1 97  ? 11.091  3.419   -9.042  1.00 21.22  ? 97  VAL A O   1 
ATOM   643  C  CB  . VAL A 1 97  ? 11.049  6.171   -7.807  1.00 21.07  ? 97  VAL A CB  1 
ATOM   644  C  CG1 . VAL A 1 97  ? 12.313  6.727   -8.482  1.00 27.21  ? 97  VAL A CG1 1 
ATOM   645  C  CG2 . VAL A 1 97  ? 10.392  7.241   -6.951  1.00 25.23  ? 97  VAL A CG2 1 
ATOM   646  N  N   . GLY A 1 98  ? 10.832  4.551   -10.941 1.00 23.94  ? 98  GLY A N   1 
ATOM   647  C  CA  . GLY A 1 98  ? 11.232  3.357   -11.769 1.00 25.65  ? 98  GLY A CA  1 
ATOM   648  C  C   . GLY A 1 98  ? 12.755  3.290   -11.855 1.00 32.15  ? 98  GLY A C   1 
ATOM   649  O  O   . GLY A 1 98  ? 13.456  4.115   -11.292 1.00 31.67  ? 98  GLY A O   1 
ATOM   650  N  N   . GLY A 1 99  ? 13.268  2.279   -12.574 1.00 37.86  ? 99  GLY A N   1 
ATOM   651  C  CA  . GLY A 1 99  ? 14.736  2.240   -12.903 1.00 41.74  ? 99  GLY A CA  1 
ATOM   652  C  C   . GLY A 1 99  ? 15.350  1.036   -12.210 1.00 41.01  ? 99  GLY A C   1 
ATOM   653  O  O   . GLY A 1 99  ? 14.615  0.189   -11.697 1.00 39.43  ? 99  GLY A O   1 
ATOM   654  N  N   . ALA A 1 100 ? 16.686  0.929   -12.172 1.00 45.39  ? 100 ALA A N   1 
ATOM   655  C  CA  . ALA A 1 100 ? 17.334  -0.356  -11.807 1.00 40.95  ? 100 ALA A CA  1 
ATOM   656  C  C   . ALA A 1 100 ? 16.974  -0.853  -10.452 1.00 47.02  ? 100 ALA A C   1 
ATOM   657  O  O   . ALA A 1 100 ? 16.867  -2.080  -10.213 1.00 53.86  ? 100 ALA A O   1 
ATOM   658  C  CB  . ALA A 1 100 ? 18.861  -0.186  -11.877 1.00 52.07  ? 100 ALA A CB  1 
ATOM   659  N  N   . GLU A 1 101 ? 16.823  0.129   -9.570  1.00 40.02  ? 101 GLU A N   1 
ATOM   660  C  CA  . GLU A 1 101 ? 16.455  -0.069  -8.207  1.00 38.41  ? 101 GLU A CA  1 
ATOM   661  C  C   . GLU A 1 101 ? 15.042  0.644   -8.050  1.00 29.05  ? 101 GLU A C   1 
ATOM   662  O  O   . GLU A 1 101 ? 14.918  1.620   -7.273  1.00 29.93  ? 101 GLU A O   1 
ATOM   663  C  CB  . GLU A 1 101 ? 17.523  0.555   -7.319  1.00 46.28  ? 101 GLU A CB  1 
ATOM   664  C  CG  . GLU A 1 101 ? 18.978  0.210   -7.732  0.50 44.45  ? 101 GLU A CG  1 
ATOM   665  C  CD  . GLU A 1 101 ? 19.944  0.210   -6.568  0.50 46.32  ? 101 GLU A CD  1 
ATOM   666  O  OE1 . GLU A 1 101 ? 20.877  -0.613  -6.568  0.50 47.85  ? 101 GLU A OE1 1 
ATOM   667  O  OE2 . GLU A 1 101 ? 19.742  0.992   -5.610  0.50 50.14  ? 101 GLU A OE2 1 
ATOM   668  N  N   . ALA A 1 102 ? 14.048  0.125   -8.728  1.00 27.22  ? 102 ALA A N   1 
ATOM   669  C  CA  . ALA A 1 102 ? 12.674  0.651   -8.565  1.00 21.96  ? 102 ALA A CA  1 
ATOM   670  C  C   . ALA A 1 102 ? 12.253  0.576   -7.127  1.00 20.47  ? 102 ALA A C   1 
ATOM   671  O  O   . ALA A 1 102 ? 12.509  -0.337  -6.374  1.00 21.14  ? 102 ALA A O   1 
ATOM   672  C  CB  . ALA A 1 102 ? 11.773  -0.163  -9.386  1.00 22.30  ? 102 ALA A CB  1 
ATOM   673  N  N   . ARG A 1 103 ? 11.438  1.586   -6.784  1.00 17.65  ? 103 ARG A N   1 
ATOM   674  C  CA  . ARG A 1 103 ? 10.862  1.685   -5.427  1.00 17.72  ? 103 ARG A CA  1 
ATOM   675  C  C   . ARG A 1 103 ? 9.478   2.297   -5.454  1.00 15.83  ? 103 ARG A C   1 
ATOM   676  O  O   . ARG A 1 103 ? 9.182   3.090   -6.322  1.00 16.52  ? 103 ARG A O   1 
ATOM   677  C  CB  . ARG A 1 103 ? 11.793  2.573   -4.569  1.00 23.98  ? 103 ARG A CB  1 
ATOM   678  C  CG  . ARG A 1 103 ? 13.208  2.022   -4.345  0.50 25.85  ? 103 ARG A CG  1 
ATOM   679  C  CD  . ARG A 1 103 ? 13.632  2.421   -2.963  0.50 29.66  ? 103 ARG A CD  1 
ATOM   680  N  NE  . ARG A 1 103 ? 14.856  1.828   -2.423  0.50 27.75  ? 103 ARG A NE  1 
ATOM   681  C  CZ  . ARG A 1 103 ? 15.597  0.863   -2.976  0.50 34.08  ? 103 ARG A CZ  1 
ATOM   682  N  NH1 . ARG A 1 103 ? 16.655  0.452   -2.301  0.50 38.37  ? 103 ARG A NH1 1 
ATOM   683  N  NH2 . ARG A 1 103 ? 15.336  0.316   -4.154  0.50 33.06  ? 103 ARG A NH2 1 
ATOM   684  N  N   . ILE A 1 104 ? 8.741   1.914   -4.434  1.00 14.57  ? 104 ILE A N   1 
ATOM   685  C  CA  . ILE A 1 104 ? 7.516   2.723   -4.030  1.00 13.88  ? 104 ILE A CA  1 
ATOM   686  C  C   . ILE A 1 104 ? 7.801   3.310   -2.665  1.00 13.83  ? 104 ILE A C   1 
ATOM   687  O  O   . ILE A 1 104 ? 7.862   2.544   -1.674  1.00 15.08  ? 104 ILE A O   1 
ATOM   688  C  CB  . ILE A 1 104 ? 6.267   1.845   -4.152  1.00 14.08  ? 104 ILE A CB  1 
ATOM   689  C  CG1 . ILE A 1 104 ? 6.059   1.236   -5.564  1.00 16.86  ? 104 ILE A CG1 1 
ATOM   690  C  CG2 . ILE A 1 104 ? 5.054   2.673   -3.754  1.00 16.22  ? 104 ILE A CG2 1 
ATOM   691  C  CD1 . ILE A 1 104 ? 4.964   0.180   -5.695  1.00 18.37  ? 104 ILE A CD1 1 
ATOM   692  N  N   . ASN A 1 105 ? 7.802   4.594   -2.562  1.00 14.14  ? 105 ASN A N   1 
ATOM   693  C  CA  . ASN A 1 105 ? 8.056   5.350   -1.324  1.00 15.13  ? 105 ASN A CA  1 
ATOM   694  C  C   . ASN A 1 105 ? 6.721   5.868   -0.797  1.00 13.84  ? 105 ASN A C   1 
ATOM   695  O  O   . ASN A 1 105 ? 6.063   6.569   -1.526  1.00 14.69  ? 105 ASN A O   1 
ATOM   696  C  CB  . ASN A 1 105 ? 9.036   6.492   -1.579  1.00 15.39  ? 105 ASN A CB  1 
ATOM   697  C  CG  . ASN A 1 105 ? 10.463  6.020   -1.942  1.00 18.73  ? 105 ASN A CG  1 
ATOM   698  O  OD1 . ASN A 1 105 ? 10.871  4.977   -1.439  1.00 23.20  ? 105 ASN A OD1 1 
ATOM   699  N  ND2 . ASN A 1 105 ? 10.962  6.642   -2.964  1.00 21.19  ? 105 ASN A ND2 1 
ATOM   700  N  N   . THR A 1 106 ? 6.354   5.432   0.392   1.00 11.80  ? 106 THR A N   1 
ATOM   701  C  CA  . THR A 1 106 ? 5.037   5.757   0.959   1.00 12.24  ? 106 THR A CA  1 
ATOM   702  C  C   . THR A 1 106 ? 5.091   6.308   2.361   1.00 12.19  ? 106 THR A C   1 
ATOM   703  O  O   . THR A 1 106 ? 6.037   6.105   3.165   1.00 12.23  ? 106 THR A O   1 
ATOM   704  C  CB  . THR A 1 106 ? 4.160   4.531   0.984   1.00 12.32  ? 106 THR A CB  1 
ATOM   705  O  OG1 . THR A 1 106 ? 4.536   3.655   2.042   1.00 12.24  ? 106 THR A OG1 1 
ATOM   706  C  CG2 . THR A 1 106 ? 4.023   3.827   -0.360  1.00 13.17  ? 106 THR A CG2 1 
ATOM   707  N  N   . GLN A 1 107 ? 4.004   7.038   2.670   1.00 10.85  ? 107 GLN A N   1 
ATOM   708  C  CA  . GLN A 1 107 ? 3.585   7.374   4.071   1.00 11.67  ? 107 GLN A CA  1 
ATOM   709  C  C   . GLN A 1 107 ? 2.233   6.781   4.238   1.00 10.13  ? 107 GLN A C   1 
ATOM   710  O  O   . GLN A 1 107 ? 1.486   6.518   3.262   1.00 11.74  ? 107 GLN A O   1 
ATOM   711  C  CB  . GLN A 1 107 ? 3.671   8.835   4.416   1.00 12.10  ? 107 GLN A CB  1 
ATOM   712  C  CG  A GLN A 1 107 ? 5.112   9.352   4.144   0.50 10.74  ? 107 GLN A CG  1 
ATOM   713  C  CG  B GLN A 1 107 ? 5.148   9.186   4.718   0.50 16.34  ? 107 GLN A CG  1 
ATOM   714  C  CD  A GLN A 1 107 ? 5.256   10.767  4.601   0.50 8.28   ? 107 GLN A CD  1 
ATOM   715  C  CD  B GLN A 1 107 ? 5.613   9.866   6.069   0.50 21.86  ? 107 GLN A CD  1 
ATOM   716  O  OE1 A GLN A 1 107 ? 5.276   11.123  5.721   0.50 13.93  ? 107 GLN A OE1 1 
ATOM   717  O  OE1 B GLN A 1 107 ? 6.045   9.327   7.297   0.50 22.19  ? 107 GLN A OE1 1 
ATOM   718  N  NE2 A GLN A 1 107 ? 5.180   11.647  3.644   0.50 7.46   ? 107 GLN A NE2 1 
ATOM   719  N  NE2 B GLN A 1 107 ? 5.963   11.065  5.733   0.50 15.59  ? 107 GLN A NE2 1 
ATOM   720  N  N   . TRP A 1 108 ? 1.887   6.310   5.476   1.00 10.16  ? 108 TRP A N   1 
ATOM   721  C  CA  . TRP A 1 108 ? 0.566   5.639   5.703   1.00 10.52  ? 108 TRP A CA  1 
ATOM   722  C  C   . TRP A 1 108 ? -0.110  6.138   6.953   1.00 10.27  ? 108 TRP A C   1 
ATOM   723  O  O   . TRP A 1 108 ? 0.540   6.651   7.873   1.00 11.58  ? 108 TRP A O   1 
ATOM   724  C  CB  . TRP A 1 108 ? 0.793   4.098   5.694   1.00 10.90  ? 108 TRP A CB  1 
ATOM   725  C  CG  . TRP A 1 108 ? 1.837   3.577   6.669   1.00 11.10  ? 108 TRP A CG  1 
ATOM   726  C  CD1 . TRP A 1 108 ? 3.067   3.025   6.292   1.00 11.91  ? 108 TRP A CD1 1 
ATOM   727  C  CD2 . TRP A 1 108 ? 1.742   3.317   8.073   1.00 10.75  ? 108 TRP A CD2 1 
ATOM   728  N  NE1 . TRP A 1 108 ? 3.732   2.573   7.406   1.00 11.28  ? 108 TRP A NE1 1 
ATOM   729  C  CE2 . TRP A 1 108 ? 2.964   2.806   8.542   1.00 11.80  ? 108 TRP A CE2 1 
ATOM   730  C  CE3 . TRP A 1 108 ? 0.768   3.637   9.037   1.00 12.29  ? 108 TRP A CE3 1 
ATOM   731  C  CZ2 . TRP A 1 108 ? 3.155   2.425   9.848   1.00 12.61  ? 108 TRP A CZ2 1 
ATOM   732  C  CZ3 . TRP A 1 108 ? 0.969   3.280   10.363  1.00 12.08  ? 108 TRP A CZ3 1 
ATOM   733  C  CH2 . TRP A 1 108 ? 2.187   2.759   10.778  1.00 12.55  ? 108 TRP A CH2 1 
ATOM   734  N  N   . LEU A 1 109 ? -1.413  5.930   6.929   1.00 10.53  ? 109 LEU A N   1 
ATOM   735  C  CA  . LEU A 1 109 ? -2.283  6.258   8.075   1.00 11.49  ? 109 LEU A CA  1 
ATOM   736  C  C   . LEU A 1 109 ? -3.104  5.021   8.421   1.00 11.04  ? 109 LEU A C   1 
ATOM   737  O  O   . LEU A 1 109 ? -3.801  4.470   7.533   1.00 12.24  ? 109 LEU A O   1 
ATOM   738  C  CB  . LEU A 1 109 ? -3.274  7.387   7.763   1.00 11.73  ? 109 LEU A CB  1 
ATOM   739  C  CG  . LEU A 1 109 ? -2.677  8.776   7.453   1.00 12.41  ? 109 LEU A CG  1 
ATOM   740  C  CD1 . LEU A 1 109 ? -3.776  9.646   6.903   1.00 13.33  ? 109 LEU A CD1 1 
ATOM   741  C  CD2 . LEU A 1 109 ? -2.071  9.336   8.681   1.00 13.77  ? 109 LEU A CD2 1 
ATOM   742  N  N   . LEU A 1 110 ? -3.037  4.542   9.647   1.00 10.49  ? 110 LEU A N   1 
ATOM   743  C  CA  . LEU A 1 110 ? -3.707  3.347   10.156  1.00 10.88  ? 110 LEU A CA  1 
ATOM   744  C  C   . LEU A 1 110 ? -4.735  3.787   11.220  1.00 10.93  ? 110 LEU A C   1 
ATOM   745  O  O   . LEU A 1 110 ? -4.344  4.100   12.328  1.00 12.29  ? 110 LEU A O   1 
ATOM   746  C  CB  . LEU A 1 110 ? -2.641  2.318   10.617  1.00 12.55  ? 110 LEU A CB  1 
ATOM   747  C  CG  . LEU A 1 110 ? -3.049  1.153   11.512  1.00 13.41  ? 110 LEU A CG  1 
ATOM   748  C  CD1 . LEU A 1 110 ? -4.195  0.445   10.943  1.00 17.75  ? 110 LEU A CD1 1 
ATOM   749  C  CD2 . LEU A 1 110 ? -1.892  0.234   11.682  1.00 15.38  ? 110 LEU A CD2 1 
ATOM   750  N  N   . THR A 1 111 ? -6.014  3.745   10.814  1.00 11.01  ? 111 THR A N   1 
ATOM   751  C  CA  . THR A 1 111 ? -7.101  4.159   11.721  1.00 12.08  ? 111 THR A CA  1 
ATOM   752  C  C   . THR A 1 111 ? -7.781  2.936   12.273  1.00 13.08  ? 111 THR A C   1 
ATOM   753  O  O   . THR A 1 111 ? -8.173  2.045   11.475  1.00 12.74  ? 111 THR A O   1 
ATOM   754  C  CB  . THR A 1 111 ? -8.100  5.067   11.049  1.00 12.44  ? 111 THR A CB  1 
ATOM   755  O  OG1 . THR A 1 111 ? -7.460  6.175   10.414  1.00 12.57  ? 111 THR A OG1 1 
ATOM   756  C  CG2 . THR A 1 111 ? -9.108  5.655   12.043  1.00 14.14  ? 111 THR A CG2 1 
ATOM   757  N  N   . SER A 1 112 ? -7.996  2.916   13.542  1.00 12.71  ? 112 SER A N   1 
ATOM   758  C  CA  . SER A 1 112 ? -8.748  1.857   14.268  1.00 13.29  ? 112 SER A CA  1 
ATOM   759  C  C   . SER A 1 112 ? -10.117 2.400   14.516  1.00 14.93  ? 112 SER A C   1 
ATOM   760  O  O   . SER A 1 112 ? -10.285 3.574   14.908  1.00 15.45  ? 112 SER A O   1 
ATOM   761  C  CB  . SER A 1 112 ? -8.137  1.412   15.516  1.00 14.98  ? 112 SER A CB  1 
ATOM   762  O  OG  . SER A 1 112 ? -6.869  0.772   15.281  1.00 17.14  ? 112 SER A OG  1 
ATOM   763  N  N   . GLY A 1 113 ? -11.167 1.540   14.507  1.00 16.42  ? 113 GLY A N   1 
ATOM   764  C  CA  . GLY A 1 113 ? -12.497 1.924   15.061  1.00 17.10  ? 113 GLY A CA  1 
ATOM   765  C  C   . GLY A 1 113 ? -12.384 2.128   16.548  1.00 16.69  ? 113 GLY A C   1 
ATOM   766  O  O   . GLY A 1 113 ? -11.851 1.322   17.290  1.00 19.87  ? 113 GLY A O   1 
ATOM   767  N  N   . THR A 1 114 ? -12.915 3.242   17.073  1.00 16.11  ? 114 THR A N   1 
ATOM   768  C  CA  . THR A 1 114 ? -12.826 3.619   18.504  1.00 17.51  ? 114 THR A CA  1 
ATOM   769  C  C   . THR A 1 114 ? -14.208 4.177   18.888  1.00 17.89  ? 114 THR A C   1 
ATOM   770  O  O   . THR A 1 114 ? -14.977 4.649   18.062  1.00 17.26  ? 114 THR A O   1 
ATOM   771  C  CB  . THR A 1 114 ? -11.786 4.672   18.875  1.00 16.36  ? 114 THR A CB  1 
ATOM   772  O  OG1 . THR A 1 114 ? -12.079 5.940   18.283  1.00 16.42  ? 114 THR A OG1 1 
ATOM   773  C  CG2 . THR A 1 114 ? -10.376 4.196   18.426  1.00 19.11  ? 114 THR A CG2 1 
ATOM   774  N  N   . THR A 1 115 ? -14.375 4.256   20.220  1.00 20.19  ? 115 THR A N   1 
ATOM   775  C  CA  . THR A 1 115 ? -15.460 5.132   20.707  1.00 21.59  ? 115 THR A CA  1 
ATOM   776  C  C   . THR A 1 115 ? -15.103 6.572   20.471  1.00 24.84  ? 115 THR A C   1 
ATOM   777  O  O   . THR A 1 115 ? -13.921 6.952   20.207  1.00 20.09  ? 115 THR A O   1 
ATOM   778  C  CB  . THR A 1 115 ? -15.697 4.927   22.226  1.00 22.49  ? 115 THR A CB  1 
ATOM   779  O  OG1 . THR A 1 115 ? -14.476 5.209   22.935  1.00 25.71  ? 115 THR A OG1 1 
ATOM   780  C  CG2 . THR A 1 115 ? -16.073 3.496   22.446  1.00 25.00  ? 115 THR A CG2 1 
ATOM   781  N  N   . GLU A 1 116 ? -16.069 7.501   20.595  1.00 25.17  ? 116 GLU A N   1 
ATOM   782  C  CA  . GLU A 1 116 ? -15.782 8.888   20.399  1.00 25.74  ? 116 GLU A CA  1 
ATOM   783  C  C   . GLU A 1 116 ? -14.805 9.396   21.506  1.00 22.67  ? 116 GLU A C   1 
ATOM   784  O  O   . GLU A 1 116 ? -13.940 10.214  21.136  1.00 23.34  ? 116 GLU A O   1 
ATOM   785  C  CB  . GLU A 1 116 ? -17.111 9.735   20.437  1.00 30.79  ? 116 GLU A CB  1 
ATOM   786  C  CG  . GLU A 1 116 ? -18.047 9.385   19.303  0.50 31.07  ? 116 GLU A CG  1 
ATOM   787  C  CD  . GLU A 1 116 ? -17.714 10.123  18.048  0.50 37.44  ? 116 GLU A CD  1 
ATOM   788  O  OE1 . GLU A 1 116 ? -16.530 10.134  17.639  0.50 46.62  ? 116 GLU A OE1 1 
ATOM   789  O  OE2 . GLU A 1 116 ? -18.655 10.731  17.485  0.50 46.60  ? 116 GLU A OE2 1 
ATOM   790  N  N   . ALA A 1 117 ? -14.871 8.852   22.723  1.00 24.04  ? 117 ALA A N   1 
ATOM   791  C  CA  . ALA A 1 117 ? -13.937 9.238   23.846  1.00 29.32  ? 117 ALA A CA  1 
ATOM   792  C  C   . ALA A 1 117 ? -12.494 8.900   23.505  1.00 25.88  ? 117 ALA A C   1 
ATOM   793  O  O   . ALA A 1 117 ? -11.573 9.628   23.930  1.00 26.75  ? 117 ALA A O   1 
ATOM   794  C  CB  . ALA A 1 117 ? -14.324 8.581   25.186  1.00 31.43  ? 117 ALA A CB  1 
ATOM   795  N  N   . ASN A 1 118 ? -12.323 7.862   22.698  1.00 22.27  ? 118 ASN A N   1 
ATOM   796  C  CA  . ASN A 1 118 ? -11.000 7.385   22.306  1.00 20.31  ? 118 ASN A CA  1 
ATOM   797  C  C   . ASN A 1 118 ? -10.520 7.867   20.907  1.00 17.84  ? 118 ASN A C   1 
ATOM   798  O  O   . ASN A 1 118 ? -9.450  7.378   20.477  1.00 16.84  ? 118 ASN A O   1 
ATOM   799  C  CB  . ASN A 1 118 ? -10.811 5.941   22.491  1.00 20.83  ? 118 ASN A CB  1 
ATOM   800  C  CG  . ASN A 1 118 ? -10.963 5.506   23.985  1.00 26.20  ? 118 ASN A CG  1 
ATOM   801  O  OD1 . ASN A 1 118 ? -10.588 6.234   24.874  1.00 26.34  ? 118 ASN A OD1 1 
ATOM   802  N  ND2 . ASN A 1 118 ? -11.536 4.379   24.189  1.00 29.12  ? 118 ASN A ND2 1 
ATOM   803  N  N   . ALA A 1 119 ? -11.252 8.620   20.197  1.00 16.03  ? 119 ALA A N   1 
ATOM   804  C  CA  . ALA A 1 119 ? -10.950 8.959   18.828  1.00 17.01  ? 119 ALA A CA  1 
ATOM   805  C  C   . ALA A 1 119 ? -9.631  9.665   18.683  1.00 16.55  ? 119 ALA A C   1 
ATOM   806  O  O   . ALA A 1 119 ? -8.890  9.556   17.716  1.00 16.24  ? 119 ALA A O   1 
ATOM   807  C  CB  . ALA A 1 119 ? -12.095 9.700   18.138  1.00 19.18  ? 119 ALA A CB  1 
ATOM   808  N  N   . TRP A 1 120 ? -9.209  10.446  19.698  1.00 16.15  ? 120 TRP A N   1 
ATOM   809  C  CA  . TRP A 1 120 ? -7.962  11.147  19.670  1.00 14.42  ? 120 TRP A CA  1 
ATOM   810  C  C   . TRP A 1 120 ? -6.749  10.200  19.440  1.00 15.82  ? 120 TRP A C   1 
ATOM   811  O  O   . TRP A 1 120 ? -5.710  10.649  18.948  1.00 16.97  ? 120 TRP A O   1 
ATOM   812  C  CB  . TRP A 1 120 ? -7.728  12.073  20.946  1.00 15.75  ? 120 TRP A CB  1 
ATOM   813  C  CG  . TRP A 1 120 ? -7.494  11.318  22.208  1.00 14.83  ? 120 TRP A CG  1 
ATOM   814  C  CD1 . TRP A 1 120 ? -8.415  10.798  23.059  1.00 15.77  ? 120 TRP A CD1 1 
ATOM   815  C  CD2 . TRP A 1 120 ? -6.249  10.862  22.715  1.00 14.20  ? 120 TRP A CD2 1 
ATOM   816  N  NE1 . TRP A 1 120 ? -7.874  10.139  24.018  1.00 16.27  ? 120 TRP A NE1 1 
ATOM   817  C  CE2 . TRP A 1 120 ? -6.502  10.112  23.909  1.00 15.09  ? 120 TRP A CE2 1 
ATOM   818  C  CE3 . TRP A 1 120 ? -4.894  11.041  22.350  1.00 14.45  ? 120 TRP A CE3 1 
ATOM   819  C  CZ2 . TRP A 1 120 ? -5.473  9.600   24.653  1.00 17.44  ? 120 TRP A CZ2 1 
ATOM   820  C  CZ3 . TRP A 1 120 ? -3.928  10.529  23.066  1.00 14.51  ? 120 TRP A CZ3 1 
ATOM   821  C  CH2 . TRP A 1 120 ? -4.181  9.785   24.241  1.00 15.64  ? 120 TRP A CH2 1 
ATOM   822  N  N   . LYS A 1 121 ? -6.877  8.949   19.954  1.00 14.35  ? 121 LYS A N   1 
ATOM   823  C  CA  . LYS A 1 121 ? -5.811  7.920   19.849  1.00 15.30  ? 121 LYS A CA  1 
ATOM   824  C  C   . LYS A 1 121 ? -6.138  6.857   18.786  1.00 15.10  ? 121 LYS A C   1 
ATOM   825  O  O   . LYS A 1 121 ? -5.613  5.726   18.866  1.00 16.05  ? 121 LYS A O   1 
ATOM   826  C  CB  . LYS A 1 121 ? -5.396  7.407   21.232  1.00 17.63  ? 121 LYS A CB  1 
ATOM   827  C  CG  . LYS A 1 121 ? -6.520  6.771   21.986  1.00 18.70  ? 121 LYS A CG  1 
ATOM   828  C  CD  . LYS A 1 121 ? -6.008  6.195   23.311  1.00 19.12  ? 121 LYS A CD  1 
ATOM   829  C  CE  . LYS A 1 121 ? -7.189  5.611   24.008  1.00 24.07  ? 121 LYS A CE  1 
ATOM   830  N  NZ  . LYS A 1 121 ? -6.742  4.968   25.274  1.00 26.29  ? 121 LYS A NZ  1 
ATOM   831  N  N   . SER A 1 122 ? -6.948  7.215   17.787  1.00 13.35  ? 122 SER A N   1 
ATOM   832  C  CA  . SER A 1 122 ? -7.336  6.244   16.786  1.00 13.63  ? 122 SER A CA  1 
ATOM   833  C  C   . SER A 1 122 ? -6.352  5.971   15.655  1.00 14.00  ? 122 SER A C   1 
ATOM   834  O  O   . SER A 1 122 ? -6.515  4.960   14.942  1.00 13.34  ? 122 SER A O   1 
ATOM   835  C  CB  . SER A 1 122 ? -8.689  6.673   16.157  1.00 14.34  ? 122 SER A CB  1 
ATOM   836  O  OG  . SER A 1 122 ? -8.477  7.823   15.365  1.00 15.32  ? 122 SER A OG  1 
ATOM   837  N  N   . THR A 1 123 ? -5.397  6.887   15.373  1.00 11.95  ? 123 THR A N   1 
ATOM   838  C  CA  . THR A 1 123 ? -4.724  6.842   14.116  1.00 11.45  ? 123 THR A CA  1 
ATOM   839  C  C   . THR A 1 123 ? -3.198  6.839   14.239  1.00 10.94  ? 123 THR A C   1 
ATOM   840  O  O   . THR A 1 123 ? -2.610  7.760   14.830  1.00 12.80  ? 123 THR A O   1 
ATOM   841  C  CB  . THR A 1 123 ? -5.087  8.059   13.230  1.00 11.02  ? 123 THR A CB  1 
ATOM   842  O  OG1 . THR A 1 123 ? -6.527  8.126   13.112  1.00 13.56  ? 123 THR A OG1 1 
ATOM   843  C  CG2 . THR A 1 123 ? -4.545  7.868   11.813  1.00 12.29  ? 123 THR A CG2 1 
ATOM   844  N  N   . LEU A 1 124 ? -2.545  5.775   13.764  1.00 11.27  ? 124 LEU A N   1 
ATOM   845  C  CA  . LEU A 1 124 ? -1.079  5.643   13.676  1.00 11.73  ? 124 LEU A CA  1 
ATOM   846  C  C   . LEU A 1 124 ? -0.631  6.235   12.318  1.00 11.01  ? 124 LEU A C   1 
ATOM   847  O  O   . LEU A 1 124 ? -1.354  6.097   11.316  1.00 12.34  ? 124 LEU A O   1 
ATOM   848  C  CB  . LEU A 1 124 ? -0.682  4.211   13.831  1.00 13.49  ? 124 LEU A CB  1 
ATOM   849  C  CG  . LEU A 1 124 ? -0.890  3.593   15.220  1.00 14.32  ? 124 LEU A CG  1 
ATOM   850  C  CD1 . LEU A 1 124 ? -0.730  2.073   15.148  1.00 17.23  ? 124 LEU A CD1 1 
ATOM   851  C  CD2 . LEU A 1 124 ? 0.119   4.151   16.206  1.00 16.80  ? 124 LEU A CD2 1 
ATOM   852  N  N   . VAL A 1 125 ? 0.622   6.732   12.320  1.00 12.18  ? 125 VAL A N   1 
ATOM   853  C  CA  . VAL A 1 125 ? 1.265   7.241   11.069  1.00 12.09  ? 125 VAL A CA  1 
ATOM   854  C  C   . VAL A 1 125 ? 2.657   6.644   11.007  1.00 11.39  ? 125 VAL A C   1 
ATOM   855  O  O   . VAL A 1 125 ? 3.382   6.501   11.979  1.00 12.51  ? 125 VAL A O   1 
ATOM   856  C  CB  . VAL A 1 125 ? 1.295   8.781   10.991  1.00 11.89  ? 125 VAL A CB  1 
ATOM   857  C  CG1 . VAL A 1 125 ? 2.088   9.409   12.173  1.00 13.82  ? 125 VAL A CG1 1 
ATOM   858  C  CG2 . VAL A 1 125 ? 1.790   9.284   9.676   1.00 12.24  ? 125 VAL A CG2 1 
ATOM   859  N  N   . GLY A 1 126 ? 3.045   6.303   9.737   1.00 10.29  ? 126 GLY A N   1 
ATOM   860  C  CA  . GLY A 1 126 ? 4.376   5.818   9.535   1.00 11.42  ? 126 GLY A CA  1 
ATOM   861  C  C   . GLY A 1 126 ? 4.722   5.910   8.054   1.00 12.05  ? 126 GLY A C   1 
ATOM   862  O  O   . GLY A 1 126 ? 4.099   6.569   7.243   1.00 12.15  ? 126 GLY A O   1 
ATOM   863  N  N   . HIS A 1 127 ? 5.865   5.249   7.713   1.00 12.52  ? 127 HIS A N   1 
ATOM   864  C  CA  . HIS A 1 127 ? 6.417   5.317   6.340   1.00 12.18  ? 127 HIS A CA  1 
ATOM   865  C  C   . HIS A 1 127 ? 6.971   3.967   5.955   1.00 12.35  ? 127 HIS A C   1 
ATOM   866  O  O   . HIS A 1 127 ? 7.728   3.388   6.773   1.00 13.61  ? 127 HIS A O   1 
ATOM   867  C  CB  . HIS A 1 127 ? 7.425   6.403   6.202   1.00 12.80  ? 127 HIS A CB  1 
ATOM   868  C  CG  . HIS A 1 127 ? 8.467   6.411   7.259   1.00 15.91  ? 127 HIS A CG  1 
ATOM   869  N  ND1 . HIS A 1 127 ? 9.709   5.854   7.160   1.00 18.48  ? 127 HIS A ND1 1 
ATOM   870  C  CD2 . HIS A 1 127 ? 8.429   6.988   8.462   1.00 16.50  ? 127 HIS A CD2 1 
ATOM   871  C  CE1 . HIS A 1 127 ? 10.377  6.039   8.277   1.00 17.74  ? 127 HIS A CE1 1 
ATOM   872  N  NE2 . HIS A 1 127 ? 9.648   6.728   9.088   1.00 19.54  ? 127 HIS A NE2 1 
ATOM   873  N  N   . ASP A 1 128 ? 6.642   3.455   4.768   1.00 11.90  ? 128 ASP A N   1 
ATOM   874  C  CA  . ASP A 1 128 ? 7.141   2.146   4.187   1.00 11.82  ? 128 ASP A CA  1 
ATOM   875  C  C   . ASP A 1 128 ? 7.740   2.442   2.877   1.00 12.44  ? 128 ASP A C   1 
ATOM   876  O  O   . ASP A 1 128 ? 7.309   3.166   2.011   1.00 12.96  ? 128 ASP A O   1 
ATOM   877  C  CB  . ASP A 1 128 ? 5.977   1.188   4.024   1.00 12.83  ? 128 ASP A CB  1 
ATOM   878  C  CG  . ASP A 1 128 ? 5.384   0.561   5.312   1.00 12.02  ? 128 ASP A CG  1 
ATOM   879  O  OD1 . ASP A 1 128 ? 5.947   0.813   6.395   1.00 14.45  ? 128 ASP A OD1 1 
ATOM   880  O  OD2 . ASP A 1 128 ? 4.329   -0.055  5.102   1.00 12.38  ? 128 ASP A OD2 1 
ATOM   881  N  N   . THR A 1 129 ? 8.910   1.767   2.659   1.00 13.26  ? 129 THR A N   1 
ATOM   882  C  CA  . THR A 1 129 ? 9.593   1.765   1.330   1.00 13.88  ? 129 THR A CA  1 
ATOM   883  C  C   . THR A 1 129 ? 9.582   0.326   0.764   1.00 13.56  ? 129 THR A C   1 
ATOM   884  O  O   . THR A 1 129 ? 9.916   -0.624  1.476   1.00 14.40  ? 129 THR A O   1 
ATOM   885  C  CB  . THR A 1 129 ? 11.029  2.202   1.400   1.00 17.21  ? 129 THR A CB  1 
ATOM   886  O  OG1 . THR A 1 129 ? 11.076  3.552   1.866   1.00 25.38  ? 129 THR A OG1 1 
ATOM   887  C  CG2 . THR A 1 129 ? 11.617  2.323   -0.007  1.00 18.61  ? 129 THR A CG2 1 
ATOM   888  N  N   . PHE A 1 130 ? 9.004   0.204   -0.400  1.00 13.68  ? 130 PHE A N   1 
ATOM   889  C  CA  . PHE A 1 130 ? 8.865   -1.082  -1.105  1.00 13.41  ? 130 PHE A CA  1 
ATOM   890  C  C   . PHE A 1 130 ? 9.857   -1.171  -2.234  1.00 14.85  ? 130 PHE A C   1 
ATOM   891  O  O   . PHE A 1 130 ? 10.071  -0.214  -3.004  1.00 14.93  ? 130 PHE A O   1 
ATOM   892  C  CB  . PHE A 1 130 ? 7.463   -1.171  -1.688  1.00 14.02  ? 130 PHE A CB  1 
ATOM   893  C  CG  . PHE A 1 130 ? 6.325   -1.210  -0.643  1.00 13.56  ? 130 PHE A CG  1 
ATOM   894  C  CD1 . PHE A 1 130 ? 5.794   -0.035  -0.124  1.00 13.92  ? 130 PHE A CD1 1 
ATOM   895  C  CD2 . PHE A 1 130 ? 5.832   -2.387  -0.100  1.00 13.46  ? 130 PHE A CD2 1 
ATOM   896  C  CE1 . PHE A 1 130 ? 4.801   -0.058  0.790   1.00 13.10  ? 130 PHE A CE1 1 
ATOM   897  C  CE2 . PHE A 1 130 ? 4.864   -2.438  0.861   1.00 13.74  ? 130 PHE A CE2 1 
ATOM   898  C  CZ  . PHE A 1 130 ? 4.371   -1.199  1.351   1.00 14.31  ? 130 PHE A CZ  1 
ATOM   899  N  N   . THR A 1 131 ? 10.443  -2.409  -2.333  1.00 15.22  ? 131 THR A N   1 
ATOM   900  C  CA  . THR A 1 131 ? 11.381  -2.748  -3.400  1.00 15.50  ? 131 THR A CA  1 
ATOM   901  C  C   . THR A 1 131 ? 10.910  -4.023  -4.037  1.00 17.11  ? 131 THR A C   1 
ATOM   902  O  O   . THR A 1 131 ? 10.195  -4.822  -3.489  1.00 16.49  ? 131 THR A O   1 
ATOM   903  C  CB  . THR A 1 131 ? 12.838  -2.839  -2.812  1.00 19.38  ? 131 THR A CB  1 
ATOM   904  O  OG1 . THR A 1 131 ? 12.856  -3.824  -1.778  1.00 25.26  ? 131 THR A OG1 1 
ATOM   905  C  CG2 . THR A 1 131 ? 13.249  -1.444  -2.276  1.00 24.78  ? 131 THR A CG2 1 
ATOM   906  N  N   . LYS A 1 132 ? 11.533  -4.332  -5.194  1.00 20.12  ? 132 LYS A N   1 
ATOM   907  C  CA  . LYS A 1 132 ? 11.168  -5.583  -5.885  1.00 19.94  ? 132 LYS A CA  1 
ATOM   908  C  C   . LYS A 1 132 ? 11.999  -6.733  -5.410  1.00 23.42  ? 132 LYS A C   1 
ATOM   909  O  O   . LYS A 1 132 ? 11.649  -7.837  -5.803  1.00 22.32  ? 132 LYS A O   1 
ATOM   910  C  CB  . LYS A 1 132 ? 11.487  -5.384  -7.374  1.00 22.67  ? 132 LYS A CB  1 
ATOM   911  C  CG  . LYS A 1 132 ? 10.752  -4.363  -8.067  1.00 26.73  ? 132 LYS A CG  1 
ATOM   912  C  CD  . LYS A 1 132 ? 9.355   -4.708  -8.190  1.00 28.64  ? 132 LYS A CD  1 
ATOM   913  C  CE  . LYS A 1 132 ? 9.062   -5.867  -9.143  1.00 38.20  ? 132 LYS A CE  1 
ATOM   914  N  NZ  . LYS A 1 132 ? 7.627   -6.385  -9.021  1.00 30.50  ? 132 LYS A NZ  1 
ATOM   915  N  N   . VAL A 1 133 ? 13.082  -6.530  -4.673  1.00 24.11  ? 133 VAL A N   1 
ATOM   916  C  CA  . VAL A 1 133 ? 13.838  -7.627  -4.086  1.00 34.42  ? 133 VAL A CA  1 
ATOM   917  C  C   . VAL A 1 133 ? 13.706  -7.572  -2.545  1.00 39.65  ? 133 VAL A C   1 
ATOM   918  O  O   . VAL A 1 133 ? 13.604  -6.470  -1.953  1.00 40.66  ? 133 VAL A O   1 
ATOM   919  C  CB  . VAL A 1 133 ? 15.324  -7.666  -4.617  1.00 40.97  ? 133 VAL A CB  1 
ATOM   920  C  CG1 . VAL A 1 133 ? 15.567  -6.732  -5.809  1.00 43.60  ? 133 VAL A CG1 1 
ATOM   921  C  CG2 . VAL A 1 133 ? 16.335  -7.285  -3.535  1.00 48.32  ? 133 VAL A CG2 1 
ATOM   922  N  N   . LYS A 1 134 ? 13.632  -8.756  -1.948  1.00 45.69  ? 134 LYS A N   1 
ATOM   923  C  CA  . LYS A 1 134 ? 14.178  -9.143  -0.619  1.00 63.57  ? 134 LYS A CA  1 
ATOM   924  C  C   . LYS A 1 134 ? 13.089  -9.991  0.058   1.00 69.10  ? 134 LYS A C   1 
ATOM   925  O  O   . LYS A 1 134 ? 12.623  -11.006 -0.531  1.00 66.47  ? 134 LYS A O   1 
ATOM   926  C  CB  . LYS A 1 134 ? 14.699  -7.950  0.204   1.00 64.45  ? 134 LYS A CB  1 
ATOM   927  C  CG  . LYS A 1 134 ? 15.587  -8.253  1.412   1.00 77.55  ? 134 LYS A CG  1 
ATOM   928  C  CD  . LYS A 1 134 ? 14.863  -8.742  2.670   1.00 81.84  ? 134 LYS A CD  1 
ATOM   929  C  CE  . LYS A 1 134 ? 13.450  -8.166  2.882   1.00 89.20  ? 134 LYS A CE  1 
ATOM   930  N  NZ  . LYS A 1 134 ? 13.261  -6.682  2.808   1.00 83.49  ? 134 LYS A NZ  1 
HETATM 931  O  O1  . S18 B 2 .   ? 3.562   -3.614  6.308   1.00 12.46  ? 201 S18 A O1  1 
HETATM 932  C  C1  . S18 B 2 .   ? 3.089   -2.855  7.273   1.00 11.48  ? 201 S18 A C1  1 
HETATM 933  N  N2  . S18 B 2 .   ? 2.600   -3.374  8.352   1.00 11.19  ? 201 S18 A N2  1 
HETATM 934  N  N1  . S18 B 2 .   ? 3.219   -1.571  7.156   1.00 12.73  ? 201 S18 A N1  1 
HETATM 935  C  C2  . S18 B 2 .   ? 2.687   -0.999  8.398   1.00 11.69  ? 201 S18 A C2  1 
HETATM 936  C  C4  . S18 B 2 .   ? 2.233   -2.270  9.273   1.00 10.95  ? 201 S18 A C4  1 
HETATM 937  C  C3  . S18 B 2 .   ? 1.342   -0.180  8.176   1.00 12.91  ? 201 S18 A C3  1 
HETATM 938  S  S1  . S18 B 2 .   ? 0.023   -1.369  8.066   1.00 12.82  ? 201 S18 A S1  1 
HETATM 939  C  C5  . S18 B 2 .   ? 0.686   -2.242  9.520   1.00 12.60  ? 201 S18 A C5  1 
HETATM 940  C  C6  . S18 B 2 .   ? 0.081   -3.606  9.898   1.00 12.14  ? 201 S18 A C6  1 
HETATM 941  C  C7  . S18 B 2 .   ? -1.304  -3.415  10.487  1.00 12.69  ? 201 S18 A C7  1 
HETATM 942  C  C8  . S18 B 2 .   ? -1.939  -4.821  10.782  1.00 13.72  ? 201 S18 A C8  1 
HETATM 943  C  C9  . S18 B 2 .   ? -3.304  -4.709  11.476  1.00 14.84  ? 201 S18 A C9  1 
HETATM 944  C  C10 . S18 B 2 .   ? -3.163  -4.009  12.816  1.00 15.14  ? 201 S18 A C10 1 
HETATM 945  O  O2  . S18 B 2 .   ? -2.279  -4.330  13.620  1.00 15.60  ? 201 S18 A O2  1 
HETATM 946  N  N3  . S18 B 2 .   ? -4.050  -3.031  13.044  1.00 16.75  ? 201 S18 A N3  1 
HETATM 947  C  C11 . S18 B 2 .   ? -3.651  -2.046  14.107  1.00 20.78  ? 201 S18 A C11 1 
HETATM 948  C  C12 . S18 B 2 .   ? -4.189  -2.688  15.398  1.00 22.54  ? 201 S18 A C12 1 
HETATM 949  C  C13 . S18 B 2 .   ? -3.810  -0.440  16.474  1.00 30.17  ? 201 S18 A C13 1 
HETATM 950  C  C14 . S18 B 2 .   ? -3.782  0.343   17.811  1.00 34.28  ? 201 S18 A C14 1 
HETATM 951  C  C15 . S18 B 2 .   ? -5.136  0.086   18.415  1.00 30.61  ? 201 S18 A C15 1 
HETATM 952  C  C19 . S18 B 2 .   ? -5.988  1.296   18.655  1.00 42.86  ? 201 S18 A C19 1 
HETATM 953  C  C18 . S18 B 2 .   ? -7.295  1.089   19.232  1.00 39.11  ? 201 S18 A C18 1 
HETATM 954  C  C17 . S18 B 2 .   ? -7.686  -0.274  19.527  1.00 43.14  ? 201 S18 A C17 1 
HETATM 955  C  C16 . S18 B 2 .   ? -6.767  -1.393  19.262  1.00 46.85  ? 201 S18 A C16 1 
HETATM 956  N  N5  . S18 B 2 .   ? -5.568  -1.192  18.681  1.00 40.25  ? 201 S18 A N5  1 
HETATM 957  CU CU1 . S18 B 2 .   ? -4.399  -2.924  18.419  1.00 32.42  ? 201 S18 A CU1 1 
HETATM 958  N  N7  . S18 B 2 .   ? -6.058  -3.817  17.878  1.00 37.09  ? 201 S18 A N7  1 
HETATM 959  N  N8  . S18 B 2 .   ? -6.389  -4.663  17.176  1.00 45.55  ? 201 S18 A N8  1 
HETATM 960  N  N9  . S18 B 2 .   ? -6.755  -5.458  16.462  1.00 53.47  ? 201 S18 A N9  1 
HETATM 961  N  N4  . S18 B 2 .   ? -3.703  -1.933  16.698  1.00 24.25  ? 201 S18 A N4  1 
HETATM 962  C  C20 . S18 B 2 .   ? -2.217  -1.965  16.900  1.00 28.78  ? 201 S18 A C20 1 
HETATM 963  C  C21 . S18 B 2 .   ? -1.483  -3.324  16.943  1.00 32.67  ? 201 S18 A C21 1 
HETATM 964  C  C22 . S18 B 2 .   ? -2.046  -4.493  17.736  1.00 31.68  ? 201 S18 A C22 1 
HETATM 965  N  N6  . S18 B 2 .   ? -3.267  -4.554  18.236  1.00 34.99  ? 201 S18 A N6  1 
HETATM 966  C  C26 . S18 B 2 .   ? -1.213  -5.714  17.710  1.00 39.41  ? 201 S18 A C26 1 
HETATM 967  C  C25 . S18 B 2 .   ? -1.720  -6.927  18.332  1.00 38.48  ? 201 S18 A C25 1 
HETATM 968  C  C24 . S18 B 2 .   ? -3.014  -6.906  18.992  1.00 37.82  ? 201 S18 A C24 1 
HETATM 969  C  C23 . S18 B 2 .   ? -3.758  -5.635  18.946  1.00 40.56  ? 201 S18 A C23 1 
HETATM 970  CU CU  . CU  C 3 .   ? -10.635 -21.232 8.869   0.20 27.78  ? 202 CU  A CU  1 
HETATM 971  C  C1  . GOL D 4 .   ? 4.690   -5.471  16.649  1.00 27.02  ? 203 GOL A C1  1 
HETATM 972  O  O1  . GOL D 4 .   ? 5.788   -5.541  15.805  1.00 33.38  ? 203 GOL A O1  1 
HETATM 973  C  C2  . GOL D 4 .   ? 3.730   -6.775  16.616  1.00 33.32  ? 203 GOL A C2  1 
HETATM 974  O  O2  . GOL D 4 .   ? 3.884   -7.707  15.487  1.00 34.76  ? 203 GOL A O2  1 
HETATM 975  C  C3  . GOL D 4 .   ? 2.382   -6.218  16.960  1.00 32.08  ? 203 GOL A C3  1 
HETATM 976  O  O3  . GOL D 4 .   ? 1.891   -7.461  17.386  1.00 41.18  ? 203 GOL A O3  1 
HETATM 977  O  O   . HOH E 5 .   ? 2.376   -15.438 3.334   1.00 26.87  ? 301 HOH A O   1 
HETATM 978  O  O   . HOH E 5 .   ? -5.943  -16.851 13.758  1.00 44.28  ? 302 HOH A O   1 
HETATM 979  O  O   . HOH E 5 .   ? 7.736   -6.804  14.967  1.00 40.92  ? 303 HOH A O   1 
HETATM 980  O  O   . HOH E 5 .   ? 5.127   -9.584  14.449  1.00 52.91  ? 304 HOH A O   1 
HETATM 981  O  O   . HOH E 5 .   ? 5.135   -6.181  -14.453 1.00 43.20  ? 305 HOH A O   1 
HETATM 982  O  O   . HOH E 5 .   ? 15.675  1.346   -0.121  1.00 82.16  ? 306 HOH A O   1 
HETATM 983  O  O   . HOH E 5 .   ? 6.885   -4.622  -10.979 1.00 35.95  ? 307 HOH A O   1 
HETATM 984  O  O   . HOH E 5 .   ? -0.281  -16.543 2.873   1.00 49.15  ? 308 HOH A O   1 
HETATM 985  O  O   . HOH E 5 .   ? 7.839   2.391   -15.322 1.00 32.39  ? 309 HOH A O   1 
HETATM 986  O  O   . HOH E 5 .   ? 13.545  -2.720  -6.522  1.00 22.17  ? 310 HOH A O   1 
HETATM 987  O  O   . HOH E 5 .   ? -8.644  -17.428 12.804  1.00 19.34  ? 311 HOH A O   1 
HETATM 988  O  O   . HOH E 5 .   ? 12.097  1.518   -14.800 1.00 47.71  ? 312 HOH A O   1 
HETATM 989  O  O   . HOH E 5 .   ? -6.520  -8.776  10.874  1.00 14.89  ? 313 HOH A O   1 
HETATM 990  O  O   . HOH E 5 .   ? -9.081  -5.498  -4.826  1.00 50.76  ? 314 HOH A O   1 
HETATM 991  O  O   . HOH E 5 .   ? 9.415   -8.607  -6.972  1.00 22.60  ? 315 HOH A O   1 
HETATM 992  O  O   . HOH E 5 .   ? -14.710 5.012   25.564  1.00 39.68  ? 316 HOH A O   1 
HETATM 993  O  O   . HOH E 5 .   ? -4.989  -17.449 2.422   1.00 42.96  ? 317 HOH A O   1 
HETATM 994  O  O   . HOH E 5 .   ? -7.750  2.764   -1.999  0.50 20.54  ? 318 HOH A O   1 
HETATM 995  O  O   . HOH E 5 .   ? 7.887   -13.887 -2.340  1.00 33.02  ? 319 HOH A O   1 
HETATM 996  O  O   . HOH E 5 .   ? -9.292  -5.097  2.712   1.00 13.62  ? 320 HOH A O   1 
HETATM 997  O  O   . HOH E 5 .   ? -0.932  -10.411 7.085   1.00 15.92  ? 321 HOH A O   1 
HETATM 998  O  O   . HOH E 5 .   ? 3.961   4.710   13.918  1.00 18.82  ? 322 HOH A O   1 
HETATM 999  O  O   . HOH E 5 .   ? 2.096   11.232  -10.828 1.00 16.40  ? 323 HOH A O   1 
HETATM 1000 O  O   . HOH E 5 .   ? 7.327   8.181   -12.992 1.00 27.35  ? 324 HOH A O   1 
HETATM 1001 O  O   . HOH E 5 .   ? 1.512   -12.597 0.123   1.00 25.68  ? 325 HOH A O   1 
HETATM 1002 O  O   . HOH E 5 .   ? -10.167 -7.638  17.104  1.00 37.22  ? 326 HOH A O   1 
HETATM 1003 O  O   . HOH E 5 .   ? -1.975  -12.905 -3.795  1.00 32.45  ? 327 HOH A O   1 
HETATM 1004 O  O   . HOH E 5 .   ? -5.096  7.522   -13.386 1.00 17.26  ? 328 HOH A O   1 
HETATM 1005 O  O   . HOH E 5 .   ? -4.760  2.512   14.937  1.00 18.20  ? 329 HOH A O   1 
HETATM 1006 O  O   . HOH E 5 .   ? 0.867   -14.047 7.418   1.00 33.93  ? 330 HOH A O   1 
HETATM 1007 O  O   . HOH E 5 .   ? -4.610  3.263   24.890  1.00 53.65  ? 331 HOH A O   1 
HETATM 1008 O  O   . HOH E 5 .   ? 18.778  -1.635  -5.097  1.00 76.09  ? 332 HOH A O   1 
HETATM 1009 O  O   . HOH E 5 .   ? -6.140  -3.456  -11.166 1.00 24.83  ? 333 HOH A O   1 
HETATM 1010 O  O   . HOH E 5 .   ? -7.756  9.119   10.818  1.00 15.29  ? 334 HOH A O   1 
HETATM 1011 O  O   . HOH E 5 .   ? -7.884  -1.827  16.161  1.00 27.82  ? 335 HOH A O   1 
HETATM 1012 O  O   . HOH E 5 .   ? -10.939 5.322   27.485  1.00 57.65  ? 336 HOH A O   1 
HETATM 1013 O  O   . HOH E 5 .   ? 8.933   11.227  -15.140 1.00 32.63  ? 337 HOH A O   1 
HETATM 1014 O  O   . HOH E 5 .   ? -9.587  -2.488  -7.589  1.00 32.65  ? 338 HOH A O   1 
HETATM 1015 O  O   . HOH E 5 .   ? 0.446   -13.710 11.876  1.00 45.61  ? 339 HOH A O   1 
HETATM 1016 O  O   . HOH E 5 .   ? -6.563  -14.654 3.399   1.00 25.40  ? 340 HOH A O   1 
HETATM 1017 O  O   . HOH E 5 .   ? -7.738  -8.942  -4.346  1.00 30.96  ? 341 HOH A O   1 
HETATM 1018 O  O   . HOH E 5 .   ? 6.119   -12.169 10.780  1.00 44.88  ? 342 HOH A O   1 
HETATM 1019 O  O   . HOH E 5 .   ? 7.352   7.033   -15.470 1.00 36.31  ? 343 HOH A O   1 
HETATM 1020 O  O   . HOH E 5 .   ? 0.454   -8.969  -9.081  1.00 41.85  ? 344 HOH A O   1 
HETATM 1021 O  O   . HOH E 5 .   ? 9.966   9.220   -3.503  1.00 36.05  ? 345 HOH A O   1 
HETATM 1022 O  O   . HOH E 5 .   ? 8.796   6.128   2.593   1.00 28.08  ? 346 HOH A O   1 
HETATM 1023 O  O   . HOH E 5 .   ? 2.226   -10.307 13.500  1.00 35.77  ? 347 HOH A O   1 
HETATM 1024 O  O   . HOH E 5 .   ? -9.413  -9.167  3.036   1.00 16.56  ? 348 HOH A O   1 
HETATM 1025 O  O   . HOH E 5 .   ? 5.249   -11.178 4.005   1.00 27.93  ? 349 HOH A O   1 
HETATM 1026 O  O   . HOH E 5 .   ? -10.925 -4.285  9.937   1.00 15.68  ? 350 HOH A O   1 
HETATM 1027 O  O   . HOH E 5 .   ? 18.575  -4.269  -10.803 1.00 41.52  ? 351 HOH A O   1 
HETATM 1028 O  O   . HOH E 5 .   ? -4.256  3.657   17.462  1.00 27.78  ? 352 HOH A O   1 
HETATM 1029 O  O   . HOH E 5 .   ? -11.336 3.396   12.268  1.00 159.90 ? 353 HOH A O   1 
HETATM 1030 O  O   . HOH E 5 .   ? -10.680 1.091   19.877  1.00 44.43  ? 354 HOH A O   1 
HETATM 1031 O  O   . HOH E 5 .   ? 6.297   1.138   9.204   1.00 24.51  ? 355 HOH A O   1 
HETATM 1032 O  O   . HOH E 5 .   ? 5.998   17.403  -12.624 1.00 43.60  ? 356 HOH A O   1 
HETATM 1033 O  O   . HOH E 5 .   ? -10.420 1.569   -9.607  1.00 25.32  ? 357 HOH A O   1 
HETATM 1034 O  O   . HOH E 5 .   ? -15.693 7.208   17.010  1.00 38.60  ? 358 HOH A O   1 
HETATM 1035 O  O   . HOH E 5 .   ? -10.874 8.870   14.208  1.00 23.98  ? 359 HOH A O   1 
HETATM 1036 O  O   . HOH E 5 .   ? 4.187   12.625  -12.282 1.00 18.96  ? 360 HOH A O   1 
HETATM 1037 O  O   . HOH E 5 .   ? 2.959   9.690   -19.191 1.00 44.17  ? 361 HOH A O   1 
HETATM 1038 O  O   . HOH E 5 .   ? -18.392 11.879  14.868  1.00 42.05  ? 362 HOH A O   1 
HETATM 1039 O  O   . HOH E 5 .   ? 12.261  -2.278  1.339   1.00 34.54  ? 363 HOH A O   1 
HETATM 1040 O  O   . HOH E 5 .   ? 10.375  4.745   4.589   1.00 27.93  ? 364 HOH A O   1 
HETATM 1041 O  O   . HOH E 5 .   ? -20.701 11.695  15.689  1.00 52.15  ? 365 HOH A O   1 
HETATM 1042 O  O   . HOH E 5 .   ? -12.434 2.754   21.759  1.00 24.82  ? 366 HOH A O   1 
HETATM 1043 O  O   . HOH E 5 .   ? -11.562 -6.526  4.226   1.00 18.06  ? 367 HOH A O   1 
HETATM 1044 O  O   . HOH E 5 .   ? 1.830   5.353   -14.882 1.00 24.58  ? 368 HOH A O   1 
HETATM 1045 O  O   . HOH E 5 .   ? -12.802 -12.077 10.497  1.00 36.70  ? 369 HOH A O   1 
HETATM 1046 O  O   . HOH E 5 .   ? 9.556   -1.752  -11.705 1.00 42.00  ? 370 HOH A O   1 
HETATM 1047 O  O   . HOH E 5 .   ? -11.984 12.493  24.354  1.00 34.94  ? 371 HOH A O   1 
HETATM 1048 O  O   . HOH E 5 .   ? 0.111   -10.317 -0.551  1.00 21.13  ? 372 HOH A O   1 
HETATM 1049 O  O   . HOH E 5 .   ? -14.209 -17.030 8.837   1.00 48.18  ? 373 HOH A O   1 
HETATM 1050 O  O   . HOH E 5 .   ? -9.177  -14.657 3.947   1.00 27.71  ? 374 HOH A O   1 
HETATM 1051 O  O   . HOH E 5 .   ? -18.773 6.492   21.111  1.00 38.46  ? 375 HOH A O   1 
HETATM 1052 O  O   . HOH E 5 .   ? 9.603   3.024   9.002   1.00 33.17  ? 376 HOH A O   1 
HETATM 1053 O  O   . HOH E 5 .   ? -5.923  -2.950  -17.927 1.00 38.28  ? 377 HOH A O   1 
HETATM 1054 O  O   . HOH E 5 .   ? 6.458   -13.310 0.246   1.00 41.81  ? 378 HOH A O   1 
HETATM 1055 O  O   . HOH E 5 .   ? 14.184  -3.017  -9.432  1.00 29.33  ? 379 HOH A O   1 
HETATM 1056 O  O   . HOH E 5 .   ? 9.695   6.810   -12.455 1.00 34.92  ? 380 HOH A O   1 
HETATM 1057 O  O   . HOH E 5 .   ? 9.657   -6.633  11.029  1.00 39.69  ? 381 HOH A O   1 
HETATM 1058 O  O   . HOH E 5 .   ? 6.981   3.763   10.020  1.00 18.63  ? 382 HOH A O   1 
HETATM 1059 O  O   . HOH E 5 .   ? 9.039   0.579   9.873   1.00 24.78  ? 383 HOH A O   1 
HETATM 1060 O  O   . HOH E 5 .   ? -17.489 7.826   23.704  1.00 31.17  ? 384 HOH A O   1 
HETATM 1061 O  O   . HOH E 5 .   ? -8.326  -9.685  16.840  1.00 27.69  ? 385 HOH A O   1 
HETATM 1062 O  O   . HOH E 5 .   ? 11.724  10.268  -9.356  1.00 39.94  ? 386 HOH A O   1 
HETATM 1063 O  O   . HOH E 5 .   ? -13.161 -1.383  17.121  1.00 23.32  ? 387 HOH A O   1 
HETATM 1064 O  O   . HOH E 5 .   ? -15.205 -10.068 11.683  1.00 33.02  ? 388 HOH A O   1 
HETATM 1065 O  O   . HOH E 5 .   ? -10.744 5.040   -14.675 1.00 40.35  ? 389 HOH A O   1 
HETATM 1066 O  O   . HOH E 5 .   ? -2.733  -8.880  -8.242  1.00 40.69  ? 390 HOH A O   1 
HETATM 1067 O  O   . HOH E 5 .   ? -12.665 -18.222 1.169   1.00 58.11  ? 391 HOH A O   1 
HETATM 1068 O  O   . HOH E 5 .   ? -3.659  -20.056 6.786   1.00 70.40  ? 392 HOH A O   1 
HETATM 1069 O  O   . HOH E 5 .   ? -7.497  11.447  15.769  1.00 30.33  ? 393 HOH A O   1 
HETATM 1070 O  O   . HOH E 5 .   ? -11.317 11.758  21.495  1.00 25.54  ? 394 HOH A O   1 
HETATM 1071 O  O   . HOH E 5 .   ? -1.962  -17.110 13.524  1.00 40.75  ? 395 HOH A O   1 
HETATM 1072 O  O   . HOH E 5 .   ? -10.064 -1.202  17.479  1.00 46.46  ? 396 HOH A O   1 
HETATM 1073 O  O   . HOH E 5 .   ? 10.612  2.725   5.721   1.00 41.59  ? 397 HOH A O   1 
HETATM 1074 O  O   . HOH E 5 .   ? -3.531  4.142   20.609  1.00 40.51  ? 398 HOH A O   1 
HETATM 1075 O  O   . HOH E 5 .   ? 13.963  5.093   -0.869  1.00 42.24  ? 399 HOH A O   1 
HETATM 1076 O  O   . HOH E 5 .   ? -2.114  -18.074 8.251   1.00 48.92  ? 400 HOH A O   1 
HETATM 1077 O  O   . HOH E 5 .   ? 5.402   16.544  -17.965 1.00 51.29  ? 401 HOH A O   1 
HETATM 1078 O  O   . HOH E 5 .   ? -9.080  3.275   26.625  1.00 54.03  ? 402 HOH A O   1 
HETATM 1079 O  O   . HOH E 5 .   ? -9.051  -17.620 3.310   1.00 58.23  ? 403 HOH A O   1 
HETATM 1080 O  O   . HOH E 5 .   ? -12.385 -9.989  15.664  1.00 35.40  ? 404 HOH A O   1 
HETATM 1081 O  O   . HOH E 5 .   ? -11.663 2.567   26.897  1.00 49.70  ? 405 HOH A O   1 
HETATM 1082 O  O   . HOH E 5 .   ? 0.185   -13.306 16.135  1.00 40.33  ? 406 HOH A O   1 
HETATM 1083 O  O   . HOH E 5 .   ? 12.168  5.534   11.182  1.00 40.73  ? 407 HOH A O   1 
HETATM 1084 O  O   . HOH E 5 .   ? -1.238  -9.724  17.056  1.00 42.83  ? 408 HOH A O   1 
HETATM 1085 O  O   . HOH E 5 .   ? 17.762  1.993   -15.451 1.00 58.00  ? 409 HOH A O   1 
HETATM 1086 O  O   . HOH E 5 .   ? 13.428  5.419   6.998   1.00 47.27  ? 410 HOH A O   1 
HETATM 1087 O  O   . HOH E 5 .   ? 15.458  -12.571 -2.453  1.00 53.95  ? 411 HOH A O   1 
HETATM 1088 O  O   . HOH E 5 .   ? -0.719  -19.007 -1.915  1.00 68.86  ? 412 HOH A O   1 
HETATM 1089 O  O   . HOH E 5 .   ? 4.590   -11.961 6.158   1.00 49.97  ? 413 HOH A O   1 
HETATM 1090 O  O   . HOH E 5 .   ? -8.945  3.068   21.634  1.00 43.21  ? 414 HOH A O   1 
HETATM 1091 O  O   . HOH E 5 .   ? 12.215  2.863   7.796   1.00 45.29  ? 415 HOH A O   1 
HETATM 1092 O  O   . HOH E 5 .   ? -6.843  -4.333  -13.412 1.00 47.21  ? 416 HOH A O   1 
HETATM 1093 O  O   . HOH E 5 .   ? -6.528  -9.891  -6.535  1.00 50.61  ? 417 HOH A O   1 
HETATM 1094 O  O   . HOH E 5 .   ? -12.014 13.574  19.643  1.00 36.26  ? 418 HOH A O   1 
HETATM 1095 O  O   . HOH E 5 .   ? 10.400  9.856   -0.353  1.00 49.55  ? 419 HOH A O   1 
HETATM 1096 O  O   . HOH E 5 .   ? -5.214  2.477   22.161  1.00 53.50  ? 420 HOH A O   1 
HETATM 1097 O  O   . HOH E 5 .   ? -2.271  2.959   19.175  0.50 23.62  ? 421 HOH A O   1 
HETATM 1098 O  O   . HOH E 5 .   ? -7.973  -11.417 -3.034  1.00 39.26  ? 422 HOH A O   1 
HETATM 1099 O  O   . HOH E 5 .   ? -11.422 -5.581  -5.208  1.00 51.45  ? 423 HOH A O   1 
# 
